data_7ZR6
#
_entry.id   7ZR6
#
_cell.length_a   1.00
_cell.length_b   1.00
_cell.length_c   1.00
_cell.angle_alpha   90.00
_cell.angle_beta   90.00
_cell.angle_gamma   90.00
#
_symmetry.space_group_name_H-M   'P 1'
#
loop_
_entity.id
_entity.type
_entity.pdbx_description
1 polymer 'Heat shock protein HSP 90-beta'
2 polymer 'Hsp90 co-chaperone Cdc37'
3 polymer 'Serine/threonine-protein kinase B-raf'
4 polymer 'Serine/threonine-protein phosphatase 5'
5 non-polymer "ADENOSINE-5'-TRIPHOSPHATE"
#
loop_
_entity_poly.entity_id
_entity_poly.type
_entity_poly.pdbx_seq_one_letter_code
_entity_poly.pdbx_strand_id
1 'polypeptide(L)'
;MRGSHHHHHHHHGMALEVLFQGPSAMPEEVHHGEEEVETFAFQAEIAQLMSLIINTFYSNKEIFLRELISNASDALDKIR
YESLTDPSKLDSGKELKIDIIPNPQERTLTLVDTGIGMTKADLINNLGTIAKSGTKAFMEALQAGADISMIGQFGVGFYS
AYLVAEKVVVITKHNDDEQYAWESSAGGSFTVRADHGEPIGRGTKVILHLKEDQTEYLEERRVKEVVKKHSQFIGYPITL
YLEKEREKEISDDEAEEEKGEKEEEDKDDEEKPKIEDVGSDEEDDSGKDKKKKTKKIKEKYIDQEELNKTKPIWTRNPDD
ITQEEYGEFYKSLTNDWEDHLAVKHFSVEGQLEFRALLFIPRRAPFDLFENKKKKNNIKLYVRRVFIMDSCDELIPEYLN
FIRGVVDSEDLPLNISREMLQQSKILKVIRKNIVKKCLELFSELAEDKENYKKFYEAFSKNLKLGIHEDSTNRRRLSELL
RYHTSQSGDEMTSLSEYVSRMKETQKSIYYITGESKEQVANSAFVERVRKRGFEVVYMTEPIDEYCVQQLKEFDGKSLVS
VTKEGLELPEDEEEKKKMEESKAKFENLCKLMKEILDKKVEKVTISNRLVSSPCCIVTSTYGWTANMERIMKAQALRDNS
TMGYMMAKKHLEINPDHPIVETLRQKAEADKNDKAVKDLVVLLFETALLSSGFSLEDPQTHSNRIYRMIKLGLGIDEDEV
AAEEPNAAVPDEIPPLEGDEDASRMEEVD
;
A,B
2 'polypeptide(L)'
;MVDYSVWDHIEV(SEP)DDEDETHPNIDTASLFRWRHQARVERMEQFQKEKEELDRGCRECKRKVAECQRKLKELEVAEG
GKAELERLQAEAQQLRKEERSWEQKLEEMRKKEKSMPWNVDTLSKDGFSKSMVNTKPEKTEEDSEEVREQKHKTFVEKYE
KQIKHFGMLRRWDDSQKYLSDNVHLVCEETANYLVIWCIDLEVEEKCALMEQVAHQTIVMQFILELAKSLKVDPRACFRQ
FFTKIKTADRQYMEGFNDELEAFKERVRGRAKLRIEKAMKEYEEEERKKRLGPGGLDPVEVYESLPEELQKCFDVKDVQM
LQDAISKMDPTDAKYHMQRCIDSGLWVPNSKASEAKEGEEAGPGDPLLEAVPKTGDEKDVSVLEVLFQGPLEHHHHHHHH
;
C
3 'polypeptide(L)'
;MGGSHHHHHHHHGGSWSHPQFEKGGGSGGGSGGGSWSHPQFEKGAETAVPNSLEVLFQGPSAMAALSGGGGGGAEPGQAL
FNGDMEPEAGAGAGAAASSAADPAIPEEVWNIKQMIKLTQEHIEALLDKFGGEHNPPSIYLEAYEEYTSKLDALQQREQQ
LLESLGNGTDFSVSSSASMDTVTSSSSSSLSVLPSSLSVFQNPTDVARSNPKSPQKPIVRVFLPNKQRTVVPARCGVTVR
DSLKKALMMRGLIPECCAVYRIQDGEKKPIGWDTDISWLTGEELHVEVLENVPLTTHNFVRKTFFTLAFCDFCRKLLFQG
FRCQTCGYKFHQRCSTEVPLMCVNYDQLDLLFVSKFFEHHPIPQEEASLAETALTSGSSPSAPASDSIGPQILTSPSPSK
SIPIPQPFRPADEDHRNQFGQRDRSSSAPNVHINTIEPVNIDDLIRDQGFRGDGGSTTGLSATPPASLPGSLTNVKALQK
SPGPQRERKSSSSSEDRNRMKTLGRRDSSDDWEIPDGQITVGQRIGSGSFGTVYKGKWHGDVAVKMLNVTAPTPQQLQAF
KNEVGVLRKTRHVNILLFMGYSTKPQLAIVTQWCEGSSLYHHLHIIETKFEMIKLIDIARQTAQGMDYLHAKSIIHRDLK
SNNIFLHEDLTVKIGDFGLATEKSRWSGSHQFEQLSGSILWMAPEVIRMQDKNPYSFQSDVYAFGIVLYELMTGQLPYSN
INNRDQIIFMVGRGYLSPDLSKVRSNCPKAMKRLMAECLKKKRDERPLFPQILASIELLARSLPKIHRSASEPSLNRAGF
QTEDFSLYACASPKTPIQAGGYGAFPVH
;
K
4 'polypeptide(L)'
;DEPPADGALKRAEELKTQANDYFKAKDYENAIKFYSQAIELNPSNAIYYGNRSLAYLRTECYGYALGDATRAIELDKKYI
KGYYRRAASNMALGKFRAALRDYETVVKVKPHDKDAKMKYQECNKIVKQKAFERAIAGDEHKRSVVDSLDIESMTIEDEY
SGPKLEDGKVTISFMKELMQWYKDQKKLHRKCAYQILVQVKEVLSKLSTLVETTLKETEKITVCGDTHGQFYDLLNIFEL
NGLPSETNPYIFNGDFVDRGSFSVEVILTLFGFKLLYPDHFHLLRGNHETDNMNQIYGFEGEVKAKYTAQMYELFSEVFE
WLPLAQCINGKVLIMHGGLFSEDGVTLDDIRKIERNRQPPDSGPMCDLLWSDPQPQNGRSISKRGVSCQFGPDVTKAFLE
ENNLDYIIRSHEVKAEGYEVAHGGRCVTVFSAPNYCDQMGNKASYIHLQGSDLRPQFHQFTAVPHPNVKPMAYANTLLQL
GMMHHHHHH
;
P
#
loop_
_chem_comp.id
_chem_comp.type
_chem_comp.name
_chem_comp.formula
ATP non-polymer ADENOSINE-5'-TRIPHOSPHATE 'C10 H16 N5 O13 P3'
#
# COMPACT_ATOMS: atom_id res chain seq x y z
N GLU A 35 37.42 -59.74 -29.86
CA GLU A 35 38.85 -59.53 -29.63
C GLU A 35 39.20 -59.73 -28.16
N GLU A 36 39.87 -58.75 -27.57
CA GLU A 36 40.27 -58.79 -26.17
C GLU A 36 39.67 -57.58 -25.45
N VAL A 37 39.12 -57.83 -24.27
CA VAL A 37 38.41 -56.82 -23.49
C VAL A 37 39.13 -56.66 -22.16
N GLU A 38 39.38 -55.42 -21.76
CA GLU A 38 40.10 -55.12 -20.53
C GLU A 38 39.24 -54.25 -19.64
N THR A 39 39.08 -54.67 -18.39
CA THR A 39 38.24 -53.98 -17.42
C THR A 39 39.09 -53.55 -16.23
N PHE A 40 38.75 -52.40 -15.65
CA PHE A 40 39.46 -51.83 -14.51
C PHE A 40 38.45 -51.08 -13.63
N ALA A 41 38.94 -50.47 -12.56
CA ALA A 41 38.08 -49.90 -11.53
C ALA A 41 38.32 -48.41 -11.38
N PHE A 42 37.36 -47.73 -10.75
CA PHE A 42 37.45 -46.29 -10.54
C PHE A 42 38.50 -45.95 -9.49
N GLN A 43 38.96 -44.71 -9.54
CA GLN A 43 39.78 -44.12 -8.49
C GLN A 43 39.27 -42.71 -8.23
N ALA A 44 39.60 -42.17 -7.06
CA ALA A 44 39.11 -40.85 -6.68
C ALA A 44 40.26 -40.01 -6.14
N GLU A 45 40.14 -38.71 -6.38
CA GLU A 45 41.09 -37.73 -5.88
C GLU A 45 40.83 -37.48 -4.39
N ILE A 46 41.84 -36.99 -3.68
CA ILE A 46 41.76 -36.81 -2.24
C ILE A 46 41.85 -35.33 -1.86
N ALA A 47 42.99 -34.69 -2.14
CA ALA A 47 43.20 -33.32 -1.68
C ALA A 47 42.30 -32.33 -2.41
N GLN A 48 42.29 -32.40 -3.75
CA GLN A 48 41.43 -31.50 -4.51
C GLN A 48 39.96 -31.80 -4.29
N LEU A 49 39.61 -33.08 -4.15
CA LEU A 49 38.22 -33.39 -3.83
C LEU A 49 37.85 -32.80 -2.47
N MET A 50 38.76 -32.86 -1.49
CA MET A 50 38.52 -32.22 -0.21
C MET A 50 38.32 -30.72 -0.38
N SER A 51 39.11 -30.08 -1.25
CA SER A 51 38.94 -28.65 -1.49
C SER A 51 37.55 -28.36 -2.06
N LEU A 52 37.15 -29.13 -3.07
CA LEU A 52 35.79 -29.02 -3.59
C LEU A 52 34.76 -29.14 -2.49
N ILE A 53 34.91 -30.12 -1.60
CA ILE A 53 33.93 -30.30 -0.52
C ILE A 53 33.91 -29.07 0.37
N ILE A 54 35.08 -28.58 0.77
CA ILE A 54 35.12 -27.56 1.82
C ILE A 54 34.60 -26.23 1.29
N ASN A 55 35.02 -25.80 0.10
CA ASN A 55 34.73 -24.43 -0.30
C ASN A 55 34.20 -24.32 -1.72
N THR A 56 33.25 -25.18 -2.09
CA THR A 56 32.65 -24.91 -3.40
C THR A 56 31.12 -24.83 -3.37
N PHE A 57 30.45 -25.69 -2.62
CA PHE A 57 28.99 -25.75 -2.67
C PHE A 57 28.36 -25.49 -1.30
N TYR A 58 28.85 -24.49 -0.58
CA TYR A 58 28.17 -23.99 0.60
C TYR A 58 28.09 -22.48 0.54
N SER A 59 26.98 -21.94 1.03
CA SER A 59 26.79 -20.51 1.20
C SER A 59 26.13 -20.28 2.54
N ASN A 60 26.26 -19.04 3.06
CA ASN A 60 25.76 -18.69 4.39
C ASN A 60 26.38 -19.61 5.44
N LYS A 61 27.70 -19.42 5.62
CA LYS A 61 28.57 -20.30 6.39
C LYS A 61 27.94 -20.84 7.66
N GLU A 62 27.17 -20.00 8.37
CA GLU A 62 26.58 -20.37 9.65
C GLU A 62 25.88 -21.73 9.64
N ILE A 63 25.42 -22.19 8.47
CA ILE A 63 24.71 -23.46 8.38
C ILE A 63 25.53 -24.60 8.98
N PHE A 64 26.86 -24.45 9.00
CA PHE A 64 27.71 -25.51 9.55
C PHE A 64 27.25 -25.89 10.94
N LEU A 65 26.90 -24.89 11.77
CA LEU A 65 26.48 -25.18 13.12
C LEU A 65 25.24 -26.07 13.12
N ARG A 66 24.25 -25.74 12.28
CA ARG A 66 23.10 -26.62 12.12
C ARG A 66 23.54 -28.03 11.80
N GLU A 67 24.47 -28.18 10.86
CA GLU A 67 24.96 -29.50 10.51
C GLU A 67 25.54 -30.21 11.71
N LEU A 68 26.30 -29.47 12.54
CA LEU A 68 26.82 -30.06 13.77
C LEU A 68 25.68 -30.52 14.67
N ILE A 69 24.65 -29.68 14.82
CA ILE A 69 23.45 -30.09 15.53
C ILE A 69 22.82 -31.28 14.81
N SER A 70 22.83 -31.26 13.48
CA SER A 70 22.30 -32.38 12.71
C SER A 70 23.03 -33.68 13.01
N ASN A 71 24.24 -33.61 13.55
CA ASN A 71 24.97 -34.82 13.91
C ASN A 71 25.06 -35.03 15.41
N ALA A 72 24.42 -34.17 16.21
CA ALA A 72 24.30 -34.47 17.63
C ALA A 72 23.07 -35.33 17.91
N SER A 73 21.88 -34.78 17.61
CA SER A 73 20.62 -35.42 17.99
C SER A 73 20.55 -36.85 17.48
N ASP A 74 21.03 -37.08 16.26
CA ASP A 74 21.04 -38.42 15.69
C ASP A 74 21.55 -39.47 16.68
N ALA A 75 22.73 -39.22 17.25
CA ALA A 75 23.32 -40.20 18.16
C ALA A 75 22.36 -40.52 19.31
N LEU A 76 21.74 -39.47 19.87
CA LEU A 76 20.82 -39.65 20.98
C LEU A 76 19.77 -40.69 20.66
N ASP A 77 19.23 -40.65 19.44
CA ASP A 77 18.15 -41.56 19.09
C ASP A 77 18.58 -43.01 19.24
N LYS A 78 19.83 -43.31 18.84
CA LYS A 78 20.34 -44.68 19.00
C LYS A 78 20.21 -45.13 20.45
N ILE A 79 20.64 -44.28 21.38
CA ILE A 79 20.54 -44.62 22.80
C ILE A 79 19.10 -44.87 23.20
N ARG A 80 18.16 -44.11 22.63
CA ARG A 80 16.75 -44.35 22.92
C ARG A 80 16.33 -45.75 22.51
N TYR A 81 16.82 -46.23 21.35
CA TYR A 81 16.38 -47.52 20.86
C TYR A 81 17.02 -48.67 21.65
N GLU A 82 18.35 -48.70 21.71
CA GLU A 82 19.06 -49.81 22.34
C GLU A 82 18.67 -49.98 23.80
N SER A 83 18.23 -48.89 24.45
CA SER A 83 17.83 -48.98 25.85
C SER A 83 16.63 -49.90 26.06
N LEU A 84 15.75 -50.05 25.07
CA LEU A 84 14.52 -50.79 25.29
C LEU A 84 14.78 -52.30 25.36
N THR A 85 15.62 -52.83 24.47
CA THR A 85 15.85 -54.27 24.46
C THR A 85 16.49 -54.74 25.77
N ASP A 86 17.37 -53.92 26.35
CA ASP A 86 17.90 -54.19 27.68
C ASP A 86 18.30 -52.89 28.37
N PRO A 87 17.57 -52.47 29.39
CA PRO A 87 17.97 -51.28 30.15
C PRO A 87 19.20 -51.54 31.00
N SER A 88 19.58 -50.55 31.82
CA SER A 88 20.76 -50.58 32.67
C SER A 88 22.06 -50.50 31.87
N LYS A 89 22.00 -50.02 30.63
CA LYS A 89 23.20 -49.70 29.87
C LYS A 89 23.52 -48.22 29.86
N LEU A 90 22.56 -47.37 30.24
CA LEU A 90 22.77 -45.94 30.40
C LEU A 90 23.12 -45.57 31.84
N ASP A 91 23.48 -46.55 32.67
CA ASP A 91 23.73 -46.27 34.08
C ASP A 91 24.87 -45.29 34.29
N SER A 92 25.73 -45.09 33.29
CA SER A 92 26.72 -44.02 33.37
C SER A 92 26.04 -42.66 33.50
N GLY A 93 24.98 -42.44 32.72
CA GLY A 93 24.21 -41.21 32.80
C GLY A 93 22.77 -41.42 32.39
N LYS A 94 21.83 -41.08 33.27
CA LYS A 94 20.44 -41.45 33.04
C LYS A 94 19.71 -40.41 32.19
N GLU A 95 20.03 -39.13 32.37
CA GLU A 95 19.38 -38.07 31.62
C GLU A 95 20.17 -37.74 30.36
N LEU A 96 19.56 -36.90 29.52
CA LEU A 96 20.12 -36.52 28.22
C LEU A 96 20.01 -35.01 28.07
N LYS A 97 21.03 -34.40 27.45
CA LYS A 97 21.09 -32.96 27.34
C LYS A 97 22.15 -32.56 26.32
N ILE A 98 22.14 -31.28 25.95
CA ILE A 98 23.04 -30.72 24.96
C ILE A 98 23.69 -29.47 25.53
N ASP A 99 25.01 -29.36 25.40
CA ASP A 99 25.77 -28.26 25.97
C ASP A 99 26.51 -27.52 24.86
N ILE A 100 26.51 -26.19 24.95
CA ILE A 100 27.31 -25.34 24.07
C ILE A 100 28.00 -24.29 24.92
N ILE A 101 29.32 -24.14 24.73
CA ILE A 101 30.11 -23.16 25.48
C ILE A 101 31.27 -22.67 24.61
N PRO A 102 31.39 -21.37 24.36
CA PRO A 102 32.61 -20.86 23.73
C PRO A 102 33.64 -20.39 24.76
N ASN A 103 34.89 -20.26 24.34
CA ASN A 103 35.95 -19.68 25.19
C ASN A 103 36.34 -18.34 24.60
N PRO A 104 35.92 -17.24 25.20
CA PRO A 104 36.24 -15.91 24.66
C PRO A 104 37.69 -15.49 24.85
N GLN A 105 38.56 -16.38 25.32
CA GLN A 105 39.97 -16.06 25.52
C GLN A 105 40.92 -16.88 24.66
N GLU A 106 40.51 -18.06 24.19
CA GLU A 106 41.38 -18.91 23.41
C GLU A 106 40.79 -19.30 22.06
N ARG A 107 39.65 -18.71 21.68
CA ARG A 107 39.02 -18.95 20.38
C ARG A 107 38.70 -20.44 20.19
N THR A 108 37.94 -20.99 21.13
CA THR A 108 37.53 -22.38 21.08
C THR A 108 36.01 -22.48 21.19
N LEU A 109 35.44 -23.44 20.48
CA LEU A 109 34.02 -23.74 20.53
C LEU A 109 33.82 -25.15 21.07
N THR A 110 32.90 -25.30 22.02
CA THR A 110 32.67 -26.56 22.70
C THR A 110 31.21 -26.95 22.56
N LEU A 111 30.96 -28.18 22.13
CA LEU A 111 29.62 -28.70 21.87
C LEU A 111 29.44 -30.06 22.53
N VAL A 112 30.02 -30.22 23.72
CA VAL A 112 30.02 -31.50 24.41
C VAL A 112 28.61 -32.04 24.53
N ASP A 113 28.46 -33.35 24.31
CA ASP A 113 27.16 -34.00 24.22
C ASP A 113 27.18 -35.31 24.98
N THR A 114 26.03 -35.70 25.51
CA THR A 114 25.84 -37.01 26.14
C THR A 114 25.44 -38.02 25.08
N GLY A 115 26.38 -38.31 24.18
CA GLY A 115 26.13 -39.13 23.03
C GLY A 115 26.42 -40.60 23.27
N ILE A 116 26.33 -41.38 22.19
CA ILE A 116 26.52 -42.83 22.30
C ILE A 116 27.98 -43.15 22.60
N GLY A 117 28.91 -42.43 22.00
CA GLY A 117 30.30 -42.81 22.04
C GLY A 117 30.78 -43.26 20.66
N MET A 118 31.98 -43.85 20.65
CA MET A 118 32.62 -44.21 19.40
C MET A 118 33.65 -45.30 19.67
N THR A 119 34.01 -46.04 18.63
CA THR A 119 34.94 -47.15 18.75
C THR A 119 36.14 -46.95 17.83
N LYS A 120 37.27 -47.53 18.24
CA LYS A 120 38.54 -47.27 17.54
C LYS A 120 38.50 -47.74 16.10
N ALA A 121 38.11 -49.00 15.88
CA ALA A 121 38.15 -49.57 14.53
C ALA A 121 37.15 -48.93 13.58
N ASP A 122 36.36 -47.97 14.06
CA ASP A 122 35.35 -47.35 13.23
C ASP A 122 35.69 -45.93 12.82
N LEU A 123 36.62 -45.26 13.52
CA LEU A 123 37.11 -43.98 13.01
C LEU A 123 37.71 -44.12 11.63
N ILE A 124 38.52 -45.15 11.41
CA ILE A 124 39.02 -45.46 10.08
C ILE A 124 37.91 -45.82 9.11
N ASN A 125 36.68 -46.00 9.59
CA ASN A 125 35.53 -46.28 8.76
C ASN A 125 34.48 -45.18 8.82
N ASN A 126 34.69 -44.15 9.62
CA ASN A 126 33.69 -43.10 9.79
C ASN A 126 34.20 -41.72 9.40
N LEU A 127 35.32 -41.28 9.97
CA LEU A 127 35.82 -39.93 9.76
C LEU A 127 37.13 -39.90 8.97
N GLY A 128 37.38 -40.91 8.17
CA GLY A 128 38.60 -40.96 7.38
C GLY A 128 38.36 -41.39 5.95
N THR A 129 37.09 -41.63 5.62
CA THR A 129 36.72 -42.10 4.30
C THR A 129 35.54 -41.27 3.79
N ILE A 130 35.56 -40.95 2.50
CA ILE A 130 34.54 -40.12 1.89
C ILE A 130 33.44 -41.00 1.32
N ALA A 131 32.20 -40.54 1.42
CA ALA A 131 31.02 -41.22 0.88
C ALA A 131 30.79 -42.55 1.60
N LYS A 132 30.86 -42.50 2.93
CA LYS A 132 30.63 -43.70 3.74
C LYS A 132 30.18 -43.26 5.14
N SER A 133 28.88 -43.44 5.40
CA SER A 133 28.32 -43.20 6.73
C SER A 133 27.63 -44.48 7.22
N GLY A 134 27.97 -44.88 8.43
CA GLY A 134 27.47 -46.13 8.98
C GLY A 134 26.04 -46.06 9.47
N THR A 135 25.54 -44.84 9.72
CA THR A 135 24.16 -44.68 10.15
C THR A 135 23.19 -45.33 9.18
N LYS A 136 23.44 -45.17 7.87
CA LYS A 136 22.61 -45.83 6.87
C LYS A 136 22.63 -47.35 7.05
N ALA A 137 23.81 -47.92 7.28
CA ALA A 137 23.90 -49.37 7.46
C ALA A 137 23.16 -49.82 8.72
N PHE A 138 23.33 -49.08 9.82
CA PHE A 138 22.64 -49.45 11.06
C PHE A 138 21.13 -49.37 10.90
N MET A 139 20.64 -48.33 10.24
CA MET A 139 19.20 -48.27 9.95
C MET A 139 18.78 -49.41 9.03
N GLU A 140 19.68 -49.83 8.12
CA GLU A 140 19.40 -50.98 7.29
C GLU A 140 19.28 -52.26 8.11
N ALA A 141 19.98 -52.33 9.25
CA ALA A 141 19.99 -53.55 10.04
C ALA A 141 18.61 -53.88 10.60
N LEU A 142 17.78 -52.86 10.87
CA LEU A 142 16.50 -53.08 11.52
C LEU A 142 15.57 -53.93 10.65
N GLN A 143 14.67 -54.64 11.31
CA GLN A 143 13.70 -55.51 10.63
C GLN A 143 12.39 -54.78 10.34
N ALA A 144 12.52 -53.60 9.70
CA ALA A 144 11.37 -52.76 9.36
C ALA A 144 10.53 -52.42 10.58
N GLY A 145 11.19 -52.23 11.72
CA GLY A 145 10.48 -51.83 12.93
C GLY A 145 9.87 -50.45 12.87
N ALA A 146 10.47 -49.55 12.10
CA ALA A 146 9.96 -48.19 11.87
C ALA A 146 9.90 -47.47 13.21
N ASP A 147 8.83 -46.72 13.52
CA ASP A 147 8.68 -45.94 14.76
C ASP A 147 9.94 -45.16 15.12
N ILE A 148 10.68 -44.70 14.10
CA ILE A 148 11.92 -43.97 14.32
C ILE A 148 12.22 -43.14 13.08
N SER A 149 12.82 -41.97 13.29
CA SER A 149 13.05 -41.03 12.19
C SER A 149 14.48 -40.51 12.31
N MET A 150 15.27 -40.66 11.26
CA MET A 150 16.69 -40.40 11.26
C MET A 150 17.04 -39.28 10.29
N ILE A 151 18.25 -38.75 10.44
CA ILE A 151 18.72 -37.62 9.63
C ILE A 151 19.93 -38.04 8.81
N GLY A 152 19.86 -37.80 7.50
CA GLY A 152 21.03 -37.87 6.65
C GLY A 152 21.38 -39.24 6.10
N GLN A 153 21.63 -39.31 4.79
CA GLN A 153 22.06 -40.56 4.18
C GLN A 153 23.16 -40.38 3.14
N PHE A 154 23.48 -39.15 2.75
CA PHE A 154 24.53 -38.94 1.75
C PHE A 154 25.90 -39.33 2.30
N GLY A 155 26.27 -38.82 3.47
CA GLY A 155 27.46 -39.30 4.13
C GLY A 155 28.51 -38.28 4.48
N VAL A 156 28.71 -37.27 3.64
CA VAL A 156 29.78 -36.30 3.81
C VAL A 156 29.14 -34.93 3.94
N GLY A 157 28.91 -34.50 5.19
CA GLY A 157 28.48 -33.14 5.43
C GLY A 157 29.12 -32.55 6.68
N PHE A 158 29.92 -33.36 7.37
CA PHE A 158 30.52 -32.93 8.64
C PHE A 158 31.56 -31.85 8.45
N TYR A 159 32.24 -31.82 7.31
CA TYR A 159 33.40 -30.95 7.10
C TYR A 159 33.02 -29.48 7.00
N SER A 160 31.73 -29.16 6.94
CA SER A 160 31.32 -27.76 6.93
C SER A 160 31.85 -26.99 8.13
N ALA A 161 31.98 -27.67 9.27
CA ALA A 161 32.50 -27.02 10.48
C ALA A 161 33.93 -26.52 10.27
N TYR A 162 34.65 -27.04 9.28
CA TYR A 162 36.00 -26.58 9.00
C TYR A 162 36.03 -25.24 8.28
N LEU A 163 34.88 -24.72 7.85
CA LEU A 163 34.87 -23.40 7.22
C LEU A 163 35.30 -22.31 8.18
N VAL A 164 34.83 -22.36 9.42
CA VAL A 164 35.05 -21.25 10.35
C VAL A 164 36.26 -21.52 11.23
N ALA A 165 36.64 -22.79 11.35
CA ALA A 165 37.76 -23.18 12.19
C ALA A 165 38.84 -23.87 11.36
N GLU A 166 40.08 -23.75 11.80
CA GLU A 166 41.18 -24.46 11.16
C GLU A 166 41.66 -25.66 11.95
N LYS A 167 41.37 -25.72 13.25
CA LYS A 167 41.81 -26.87 14.04
C LYS A 167 40.60 -27.57 14.62
N VAL A 168 40.57 -28.90 14.48
CA VAL A 168 39.48 -29.70 15.01
C VAL A 168 40.07 -30.69 16.01
N VAL A 169 39.48 -30.74 17.20
CA VAL A 169 39.92 -31.68 18.23
C VAL A 169 38.68 -32.42 18.70
N VAL A 170 38.74 -33.75 18.76
CA VAL A 170 37.61 -34.54 19.23
C VAL A 170 38.11 -35.56 20.23
N ILE A 171 37.38 -35.72 21.33
CA ILE A 171 37.69 -36.73 22.33
C ILE A 171 36.43 -37.54 22.57
N THR A 172 36.52 -38.85 22.41
CA THR A 172 35.36 -39.73 22.49
C THR A 172 35.60 -40.87 23.47
N LYS A 173 34.51 -41.40 24.00
CA LYS A 173 34.56 -42.59 24.83
C LYS A 173 33.30 -43.43 24.62
N HIS A 174 33.49 -44.71 24.38
CA HIS A 174 32.41 -45.68 24.31
C HIS A 174 32.16 -46.26 25.70
N ASN A 175 31.01 -46.92 25.84
CA ASN A 175 30.71 -47.59 27.11
C ASN A 175 31.57 -48.81 27.35
N ASP A 176 32.25 -49.33 26.33
CA ASP A 176 33.05 -50.56 26.45
C ASP A 176 34.44 -50.35 25.88
N ASP A 177 35.02 -49.17 26.10
CA ASP A 177 36.36 -48.88 25.60
C ASP A 177 36.89 -47.65 26.33
N GLU A 178 38.07 -47.19 25.91
CA GLU A 178 38.78 -46.10 26.57
C GLU A 178 38.70 -44.83 25.72
N GLN A 179 38.89 -43.70 26.38
CA GLN A 179 38.85 -42.40 25.70
C GLN A 179 39.94 -42.31 24.63
N TYR A 180 39.56 -41.88 23.44
CA TYR A 180 40.48 -41.68 22.34
C TYR A 180 40.35 -40.26 21.82
N ALA A 181 41.46 -39.74 21.29
CA ALA A 181 41.52 -38.37 20.81
C ALA A 181 41.91 -38.37 19.34
N TRP A 182 41.18 -37.59 18.55
CA TRP A 182 41.46 -37.44 17.13
C TRP A 182 41.67 -35.96 16.84
N GLU A 183 42.70 -35.66 16.06
CA GLU A 183 43.22 -34.32 15.89
C GLU A 183 43.41 -34.06 14.41
N SER A 184 43.02 -32.86 13.95
CA SER A 184 43.32 -32.56 12.56
C SER A 184 43.25 -31.07 12.28
N SER A 185 43.81 -30.70 11.13
CA SER A 185 43.64 -29.37 10.53
C SER A 185 43.49 -29.48 9.02
N ALA A 186 43.02 -30.63 8.52
CA ALA A 186 42.72 -30.90 7.11
C ALA A 186 43.97 -31.06 6.26
N GLY A 187 43.96 -32.04 5.38
CA GLY A 187 45.01 -32.25 4.40
C GLY A 187 45.91 -33.42 4.70
N GLY A 188 45.61 -34.56 4.08
CA GLY A 188 46.43 -35.76 4.14
C GLY A 188 47.05 -36.11 5.47
N SER A 189 46.34 -35.83 6.57
CA SER A 189 46.91 -36.03 7.89
C SER A 189 45.82 -36.04 8.93
N PHE A 190 45.96 -36.91 9.92
CA PHE A 190 45.06 -37.01 11.07
C PHE A 190 45.67 -37.99 12.06
N THR A 191 45.49 -37.71 13.35
CA THR A 191 46.14 -38.48 14.40
C THR A 191 45.10 -39.24 15.20
N VAL A 192 45.37 -40.52 15.46
CA VAL A 192 44.40 -41.39 16.12
C VAL A 192 45.00 -41.85 17.46
N ARG A 193 45.86 -41.03 18.02
CA ARG A 193 46.52 -41.37 19.28
C ARG A 193 45.50 -41.41 20.43
N ALA A 194 45.70 -42.38 21.34
CA ALA A 194 44.83 -42.56 22.50
C ALA A 194 45.32 -41.66 23.63
N ASP A 195 44.38 -41.06 24.35
CA ASP A 195 44.70 -40.14 25.44
C ASP A 195 43.89 -40.49 26.68
N HIS A 196 44.43 -40.11 27.85
CA HIS A 196 43.80 -40.35 29.15
C HIS A 196 43.99 -39.11 30.01
N GLY A 197 43.06 -38.16 29.91
CA GLY A 197 43.21 -36.91 30.63
C GLY A 197 42.01 -36.41 31.41
N GLU A 198 40.82 -36.95 31.16
CA GLU A 198 39.61 -36.43 31.80
C GLU A 198 38.56 -37.51 31.96
N PRO A 199 37.88 -37.57 33.11
CA PRO A 199 36.78 -38.54 33.28
C PRO A 199 35.50 -38.04 32.60
N ILE A 200 35.16 -38.67 31.48
CA ILE A 200 33.89 -38.44 30.80
C ILE A 200 33.19 -39.78 30.66
N GLY A 201 31.95 -39.86 31.10
CA GLY A 201 31.21 -41.11 31.10
C GLY A 201 31.16 -41.79 29.74
N ARG A 202 30.48 -41.16 28.79
CA ARG A 202 30.39 -41.70 27.43
C ARG A 202 30.00 -40.57 26.49
N GLY A 203 30.21 -40.82 25.21
CA GLY A 203 29.87 -39.86 24.18
C GLY A 203 31.10 -39.16 23.64
N THR A 204 30.85 -38.02 22.98
CA THR A 204 31.90 -37.30 22.27
C THR A 204 31.92 -35.84 22.71
N LYS A 205 33.10 -35.24 22.61
CA LYS A 205 33.28 -33.81 22.76
C LYS A 205 34.08 -33.30 21.57
N VAL A 206 33.57 -32.26 20.93
CA VAL A 206 34.19 -31.68 19.74
C VAL A 206 34.50 -30.23 20.06
N ILE A 207 35.77 -29.85 19.90
CA ILE A 207 36.20 -28.49 20.19
C ILE A 207 36.84 -27.93 18.92
N LEU A 208 36.52 -26.68 18.62
CA LEU A 208 36.89 -26.03 17.37
C LEU A 208 37.82 -24.86 17.67
N HIS A 209 38.98 -24.83 17.00
CA HIS A 209 39.88 -23.67 17.02
C HIS A 209 39.69 -22.90 15.73
N LEU A 210 39.05 -21.73 15.86
CA LEU A 210 38.73 -20.81 14.77
C LEU A 210 39.95 -19.98 14.40
N LYS A 211 39.80 -19.16 13.36
CA LYS A 211 40.81 -18.19 12.97
C LYS A 211 40.34 -16.78 13.32
N GLU A 212 41.32 -15.87 13.39
CA GLU A 212 41.07 -14.52 13.88
C GLU A 212 40.06 -13.76 13.04
N ASP A 213 39.86 -14.15 11.78
CA ASP A 213 38.91 -13.44 10.93
C ASP A 213 37.48 -13.62 11.43
N GLN A 214 37.08 -14.86 11.73
CA GLN A 214 35.72 -15.15 12.15
C GLN A 214 35.63 -15.16 13.67
N THR A 215 35.74 -13.96 14.23
CA THR A 215 35.62 -13.74 15.67
C THR A 215 34.33 -13.03 16.04
N GLU A 216 33.25 -13.29 15.30
CA GLU A 216 31.94 -12.72 15.57
C GLU A 216 30.92 -13.75 16.05
N TYR A 217 31.26 -15.03 16.00
CA TYR A 217 30.35 -16.07 16.48
C TYR A 217 30.39 -16.25 17.99
N LEU A 218 31.31 -15.58 18.68
CA LEU A 218 31.54 -15.85 20.10
C LEU A 218 30.67 -15.00 21.02
N GLU A 219 29.88 -14.07 20.50
CA GLU A 219 28.99 -13.34 21.38
C GLU A 219 27.58 -13.93 21.33
N GLU A 220 26.76 -13.51 22.30
CA GLU A 220 25.45 -14.12 22.51
C GLU A 220 24.51 -13.89 21.33
N ARG A 221 24.60 -12.72 20.71
CA ARG A 221 23.61 -12.34 19.69
C ARG A 221 23.65 -13.32 18.52
N ARG A 222 24.85 -13.57 17.99
CA ARG A 222 24.99 -14.41 16.80
C ARG A 222 24.49 -15.82 17.05
N VAL A 223 24.92 -16.41 18.16
CA VAL A 223 24.52 -17.79 18.45
C VAL A 223 23.03 -17.87 18.72
N LYS A 224 22.45 -16.84 19.36
CA LYS A 224 21.01 -16.86 19.57
C LYS A 224 20.26 -16.86 18.24
N GLU A 225 20.69 -16.00 17.30
CA GLU A 225 20.02 -16.00 15.99
C GLU A 225 20.20 -17.33 15.28
N VAL A 226 21.41 -17.89 15.33
CA VAL A 226 21.67 -19.13 14.62
C VAL A 226 20.82 -20.27 15.17
N VAL A 227 20.74 -20.38 16.51
CA VAL A 227 19.94 -21.45 17.11
C VAL A 227 18.45 -21.23 16.93
N LYS A 228 17.97 -19.98 17.00
CA LYS A 228 16.53 -19.75 16.87
C LYS A 228 16.04 -19.94 15.45
N LYS A 229 16.85 -19.56 14.45
CA LYS A 229 16.37 -19.61 13.08
C LYS A 229 16.24 -21.04 12.58
N HIS A 230 17.26 -21.87 12.81
CA HIS A 230 17.28 -23.20 12.21
C HIS A 230 16.87 -24.30 13.18
N SER A 231 17.59 -24.45 14.29
CA SER A 231 17.45 -25.59 15.19
C SER A 231 16.69 -25.15 16.44
N GLN A 232 15.38 -25.26 16.40
CA GLN A 232 14.54 -24.83 17.52
C GLN A 232 13.55 -25.89 17.98
N PHE A 233 13.25 -26.90 17.18
CA PHE A 233 12.19 -27.87 17.50
C PHE A 233 12.74 -29.25 17.84
N ILE A 234 14.02 -29.37 18.17
CA ILE A 234 14.57 -30.65 18.60
C ILE A 234 14.15 -30.90 20.04
N GLY A 235 13.85 -32.15 20.37
CA GLY A 235 13.27 -32.50 21.65
C GLY A 235 14.22 -32.59 22.82
N TYR A 236 15.45 -32.13 22.67
CA TYR A 236 16.39 -32.25 23.76
C TYR A 236 16.79 -30.88 24.31
N PRO A 237 17.19 -30.78 25.57
CA PRO A 237 17.45 -29.46 26.17
C PRO A 237 18.82 -28.89 25.86
N ILE A 238 18.96 -28.20 24.73
CA ILE A 238 20.18 -27.45 24.43
C ILE A 238 20.32 -26.34 25.45
N THR A 239 21.55 -26.09 25.91
CA THR A 239 21.79 -25.03 26.88
C THR A 239 23.17 -24.42 26.64
N LEU A 240 23.33 -23.20 27.15
CA LEU A 240 24.56 -22.41 27.04
C LEU A 240 24.96 -21.93 28.43
N TYR A 241 26.26 -21.86 28.68
CA TYR A 241 26.83 -21.57 30.00
C TYR A 241 27.83 -20.43 29.94
N LEU A 242 27.44 -19.30 29.34
CA LEU A 242 28.34 -18.15 29.34
C LEU A 242 28.39 -17.53 30.73
N GLU A 243 29.35 -16.63 30.93
CA GLU A 243 29.63 -16.10 32.27
C GLU A 243 28.97 -14.73 32.46
N LYS A 244 28.24 -14.57 33.56
CA LYS A 244 27.72 -13.30 34.01
C LYS A 244 28.61 -12.70 35.09
N GLU A 245 28.15 -11.58 35.65
CA GLU A 245 28.83 -10.88 36.74
C GLU A 245 27.79 -10.33 37.70
N ARG A 246 28.22 -10.09 38.93
CA ARG A 246 27.32 -9.51 39.93
C ARG A 246 28.11 -8.53 40.79
N GLU A 247 28.01 -7.25 40.47
CA GLU A 247 28.65 -6.21 41.27
C GLU A 247 27.72 -5.72 42.36
N LYS A 298 29.77 -11.31 41.44
CA LYS A 298 30.93 -11.41 40.59
C LYS A 298 31.07 -12.82 40.02
N GLU A 299 31.06 -12.93 38.69
CA GLU A 299 31.22 -14.20 37.99
C GLU A 299 30.19 -15.22 38.44
N LYS A 300 28.93 -14.81 38.43
CA LYS A 300 27.86 -15.64 38.99
C LYS A 300 27.32 -16.68 38.02
N TYR A 301 27.79 -16.71 36.77
CA TYR A 301 27.42 -17.73 35.79
C TYR A 301 25.95 -17.64 35.37
N ILE A 302 25.61 -18.33 34.28
CA ILE A 302 24.23 -18.44 33.83
C ILE A 302 24.05 -19.77 33.10
N ASP A 303 22.90 -20.39 33.28
CA ASP A 303 22.50 -21.57 32.54
C ASP A 303 21.19 -21.23 31.84
N GLN A 304 21.18 -21.34 30.52
CA GLN A 304 20.06 -20.89 29.70
C GLN A 304 19.63 -22.10 28.86
N GLU A 305 18.52 -22.72 29.25
CA GLU A 305 17.95 -23.83 28.51
C GLU A 305 16.85 -23.38 27.55
N GLU A 306 16.35 -22.15 27.71
CA GLU A 306 15.19 -21.67 26.98
C GLU A 306 15.40 -21.63 25.48
N LEU A 307 16.59 -21.98 24.98
CA LEU A 307 16.81 -22.06 23.54
C LEU A 307 15.81 -22.98 22.85
N ASN A 308 15.36 -24.03 23.53
CA ASN A 308 14.28 -24.88 23.03
C ASN A 308 13.27 -25.03 24.16
N LYS A 309 12.09 -24.42 24.00
CA LYS A 309 11.05 -24.52 25.00
C LYS A 309 9.73 -24.93 24.37
N THR A 310 9.54 -24.59 23.10
CA THR A 310 8.31 -24.89 22.40
C THR A 310 8.38 -26.31 21.85
N LYS A 311 7.58 -27.20 22.43
CA LYS A 311 7.52 -28.59 22.00
C LYS A 311 6.85 -28.70 20.63
N PRO A 312 7.36 -29.55 19.75
CA PRO A 312 6.68 -29.77 18.47
C PRO A 312 5.25 -30.26 18.70
N ILE A 313 4.34 -29.78 17.86
CA ILE A 313 2.91 -29.94 18.14
C ILE A 313 2.17 -30.72 17.06
N TRP A 314 2.68 -30.81 15.83
CA TRP A 314 1.93 -31.44 14.75
C TRP A 314 2.03 -32.96 14.76
N THR A 315 2.53 -33.57 15.84
CA THR A 315 2.71 -35.01 15.88
C THR A 315 1.73 -35.74 16.78
N ARG A 316 1.02 -35.04 17.66
CA ARG A 316 0.19 -35.68 18.66
C ARG A 316 -1.16 -36.06 18.05
N ASN A 317 -1.91 -36.89 18.78
CA ASN A 317 -3.22 -37.32 18.34
C ASN A 317 -4.16 -36.12 18.25
N PRO A 318 -4.83 -35.91 17.10
CA PRO A 318 -5.73 -34.76 16.98
C PRO A 318 -6.85 -34.72 18.01
N ASP A 319 -7.36 -35.87 18.47
CA ASP A 319 -8.52 -35.88 19.34
C ASP A 319 -8.24 -35.30 20.72
N ASP A 320 -7.03 -35.50 21.25
CA ASP A 320 -6.71 -35.18 22.64
C ASP A 320 -6.19 -33.76 22.81
N ILE A 321 -6.61 -32.82 21.95
CA ILE A 321 -6.04 -31.48 21.91
C ILE A 321 -7.09 -30.46 22.31
N THR A 322 -6.72 -29.55 23.19
CA THR A 322 -7.58 -28.44 23.59
C THR A 322 -7.20 -27.19 22.81
N GLN A 323 -7.90 -26.08 23.09
CA GLN A 323 -7.68 -24.85 22.32
C GLN A 323 -6.57 -23.98 22.91
N GLU A 324 -6.41 -23.99 24.24
CA GLU A 324 -5.45 -23.09 24.86
C GLU A 324 -4.04 -23.38 24.36
N GLU A 325 -3.67 -24.66 24.28
CA GLU A 325 -2.32 -25.02 23.83
C GLU A 325 -2.05 -24.53 22.42
N TYR A 326 -3.03 -24.65 21.51
CA TYR A 326 -2.95 -23.91 20.26
C TYR A 326 -2.69 -22.43 20.52
N GLY A 327 -3.33 -21.87 21.55
CA GLY A 327 -3.11 -20.46 21.84
C GLY A 327 -1.66 -20.13 22.15
N GLU A 328 -1.06 -20.84 23.12
CA GLU A 328 0.32 -20.53 23.48
C GLU A 328 1.27 -20.85 22.33
N PHE A 329 1.01 -21.91 21.57
CA PHE A 329 1.89 -22.20 20.43
C PHE A 329 1.82 -21.08 19.40
N TYR A 330 0.60 -20.58 19.11
CA TYR A 330 0.46 -19.51 18.15
C TYR A 330 1.09 -18.21 18.65
N LYS A 331 1.10 -18.01 19.97
CA LYS A 331 1.76 -16.83 20.53
C LYS A 331 3.22 -16.78 20.12
N SER A 332 3.92 -17.91 20.22
CA SER A 332 5.35 -17.96 19.91
C SER A 332 5.60 -18.35 18.45
N LEU A 333 4.93 -17.66 17.54
CA LEU A 333 5.27 -17.74 16.12
C LEU A 333 5.35 -16.33 15.57
N THR A 334 4.51 -15.45 16.11
CA THR A 334 4.56 -14.01 15.84
C THR A 334 4.33 -13.31 17.17
N ASN A 335 5.32 -12.56 17.62
CA ASN A 335 5.19 -11.84 18.89
C ASN A 335 4.10 -10.79 18.75
N ASP A 336 3.08 -10.90 19.59
CA ASP A 336 1.89 -10.05 19.48
C ASP A 336 1.20 -10.01 20.84
N TRP A 337 -0.03 -9.51 20.86
CA TRP A 337 -0.83 -9.41 22.07
C TRP A 337 -2.22 -9.99 21.84
N GLU A 338 -2.33 -10.97 20.94
CA GLU A 338 -3.63 -11.48 20.55
C GLU A 338 -3.52 -12.95 20.23
N ASP A 339 -4.67 -13.61 20.18
CA ASP A 339 -4.79 -15.02 19.85
C ASP A 339 -5.27 -15.18 18.40
N HIS A 340 -5.48 -16.42 17.99
CA HIS A 340 -5.91 -16.71 16.63
C HIS A 340 -7.43 -16.66 16.56
N LEU A 341 -7.98 -17.09 15.44
CA LEU A 341 -9.43 -17.18 15.26
C LEU A 341 -9.89 -18.56 14.85
N ALA A 342 -9.10 -19.27 14.04
CA ALA A 342 -9.43 -20.62 13.64
C ALA A 342 -8.16 -21.37 13.30
N VAL A 343 -8.23 -22.69 13.37
CA VAL A 343 -7.10 -23.56 13.10
C VAL A 343 -7.55 -24.68 12.17
N LYS A 344 -6.60 -25.36 11.57
CA LYS A 344 -6.88 -26.54 10.74
C LYS A 344 -5.70 -27.49 10.80
N HIS A 345 -6.00 -28.75 11.11
CA HIS A 345 -5.01 -29.82 11.15
C HIS A 345 -5.53 -31.01 10.37
N PHE A 346 -4.66 -31.63 9.59
CA PHE A 346 -5.00 -32.87 8.90
C PHE A 346 -3.70 -33.48 8.39
N SER A 347 -3.84 -34.55 7.60
CA SER A 347 -2.68 -35.19 6.98
C SER A 347 -3.18 -36.10 5.87
N VAL A 348 -2.24 -36.55 5.04
CA VAL A 348 -2.54 -37.43 3.91
C VAL A 348 -1.50 -38.55 3.94
N GLU A 349 -1.88 -39.69 4.48
CA GLU A 349 -1.00 -40.86 4.52
C GLU A 349 -1.16 -41.71 3.27
N GLY A 350 -1.05 -41.10 2.12
CA GLY A 350 -1.14 -41.79 0.84
C GLY A 350 0.23 -42.28 0.38
N GLN A 351 0.38 -42.39 -0.94
CA GLN A 351 1.70 -42.65 -1.50
C GLN A 351 2.66 -41.52 -1.13
N LEU A 352 2.13 -40.33 -0.92
CA LEU A 352 2.86 -39.21 -0.33
C LEU A 352 2.60 -39.21 1.17
N GLU A 353 3.63 -38.89 1.95
CA GLU A 353 3.52 -38.77 3.39
C GLU A 353 3.92 -37.37 3.80
N PHE A 354 3.04 -36.71 4.57
CA PHE A 354 3.29 -35.38 5.09
C PHE A 354 2.14 -35.00 6.01
N ARG A 355 2.29 -33.88 6.70
CA ARG A 355 1.23 -33.32 7.51
C ARG A 355 1.31 -31.80 7.46
N ALA A 356 0.22 -31.14 7.81
CA ALA A 356 0.14 -29.69 7.69
C ALA A 356 -0.65 -29.12 8.85
N LEU A 357 -0.38 -27.84 9.14
CA LEU A 357 -1.11 -27.11 10.16
C LEU A 357 -1.27 -25.67 9.70
N LEU A 358 -2.49 -25.15 9.75
CA LEU A 358 -2.81 -23.82 9.26
C LEU A 358 -3.58 -23.03 10.29
N PHE A 359 -3.42 -21.71 10.28
CA PHE A 359 -4.08 -20.81 11.21
C PHE A 359 -4.80 -19.72 10.44
N ILE A 360 -5.71 -19.03 11.14
CA ILE A 360 -6.40 -17.88 10.56
C ILE A 360 -6.23 -16.69 11.49
N PRO A 361 -5.42 -15.69 11.12
CA PRO A 361 -5.24 -14.53 11.99
C PRO A 361 -6.52 -13.72 12.11
N ARG A 362 -6.61 -12.98 13.22
CA ARG A 362 -7.79 -12.16 13.49
C ARG A 362 -7.73 -10.83 12.73
N ARG A 363 -6.61 -10.13 12.83
CA ARG A 363 -6.44 -8.82 12.22
C ARG A 363 -5.52 -8.95 11.02
N ALA A 364 -5.88 -8.29 9.92
CA ALA A 364 -5.12 -8.44 8.69
C ALA A 364 -3.70 -7.89 8.87
N PRO A 365 -2.69 -8.56 8.35
CA PRO A 365 -1.33 -8.04 8.44
C PRO A 365 -1.23 -6.70 7.71
N PHE A 366 -0.51 -5.77 8.33
CA PHE A 366 -0.49 -4.40 7.83
C PHE A 366 0.41 -4.25 6.61
N ASP A 367 1.39 -5.13 6.46
CA ASP A 367 2.33 -5.10 5.34
C ASP A 367 2.15 -6.32 4.42
N LEU A 368 1.18 -6.20 3.51
CA LEU A 368 0.99 -7.18 2.45
C LEU A 368 0.98 -6.57 1.06
N PHE A 369 1.21 -5.26 0.95
CA PHE A 369 1.18 -4.55 -0.33
C PHE A 369 2.57 -4.37 -0.91
N GLU A 370 3.57 -5.08 -0.38
CA GLU A 370 4.90 -5.08 -0.92
C GLU A 370 4.92 -5.81 -2.26
N ASN A 371 6.10 -5.88 -2.88
CA ASN A 371 6.26 -6.53 -4.18
C ASN A 371 7.12 -7.78 -4.12
N LYS A 372 8.35 -7.66 -3.63
CA LYS A 372 9.31 -8.74 -3.72
C LYS A 372 10.14 -8.86 -2.44
N LYS A 373 9.55 -8.51 -1.30
CA LYS A 373 10.25 -8.78 -0.05
C LYS A 373 10.32 -10.29 0.18
N LYS A 374 11.06 -10.68 1.21
CA LYS A 374 11.14 -12.09 1.54
C LYS A 374 9.82 -12.53 2.17
N LYS A 375 9.05 -13.31 1.42
CA LYS A 375 7.74 -13.76 1.87
C LYS A 375 7.94 -14.80 2.97
N ASN A 376 7.39 -14.52 4.16
CA ASN A 376 7.39 -15.44 5.29
C ASN A 376 5.95 -15.78 5.68
N ASN A 377 5.38 -16.75 4.98
CA ASN A 377 3.97 -17.09 5.12
C ASN A 377 3.75 -18.53 5.57
N ILE A 378 4.32 -19.51 4.87
CA ILE A 378 4.14 -20.92 5.16
C ILE A 378 5.52 -21.55 5.22
N LYS A 379 5.81 -22.25 6.31
CA LYS A 379 7.16 -22.76 6.55
C LYS A 379 7.21 -24.25 6.24
N LEU A 380 8.18 -24.65 5.44
CA LEU A 380 8.35 -26.04 5.05
C LEU A 380 9.47 -26.68 5.84
N TYR A 381 9.15 -27.74 6.58
CA TYR A 381 10.15 -28.47 7.36
C TYR A 381 10.23 -29.90 6.86
N VAL A 382 11.45 -30.42 6.81
CA VAL A 382 11.69 -31.85 6.61
C VAL A 382 12.30 -32.37 7.91
N ARG A 383 11.54 -33.20 8.62
CA ARG A 383 11.99 -33.79 9.89
C ARG A 383 12.40 -32.72 10.89
N ARG A 384 11.53 -31.72 11.05
CA ARG A 384 11.74 -30.61 11.97
C ARG A 384 13.07 -29.89 11.71
N VAL A 385 13.35 -29.63 10.43
CA VAL A 385 14.52 -28.86 10.02
C VAL A 385 14.06 -27.80 9.03
N PHE A 386 14.43 -26.55 9.28
CA PHE A 386 14.03 -25.45 8.41
C PHE A 386 14.69 -25.58 7.05
N ILE A 387 13.99 -25.16 6.00
CA ILE A 387 14.54 -25.18 4.66
C ILE A 387 14.49 -23.79 4.05
N MET A 388 13.29 -23.26 3.85
CA MET A 388 13.09 -22.01 3.13
C MET A 388 11.60 -21.69 3.15
N ASP A 389 11.29 -20.39 3.02
CA ASP A 389 9.93 -19.92 3.29
C ASP A 389 9.24 -19.21 2.13
N SER A 390 9.99 -18.52 1.26
CA SER A 390 9.36 -17.68 0.24
C SER A 390 8.49 -18.50 -0.71
N CYS A 391 9.01 -19.66 -1.15
CA CYS A 391 8.29 -20.63 -1.98
C CYS A 391 8.07 -20.12 -3.40
N ASP A 392 8.20 -21.02 -4.38
CA ASP A 392 7.98 -20.66 -5.76
C ASP A 392 6.49 -20.76 -6.15
N GLU A 393 5.87 -21.90 -5.88
CA GLU A 393 4.43 -22.05 -6.06
C GLU A 393 3.91 -23.11 -5.11
N LEU A 394 3.21 -22.68 -4.08
CA LEU A 394 2.49 -23.57 -3.17
C LEU A 394 1.06 -23.10 -2.95
N ILE A 395 0.79 -21.81 -3.09
CA ILE A 395 -0.56 -21.28 -2.90
C ILE A 395 -0.76 -20.12 -3.86
N PRO A 396 -1.96 -19.92 -4.41
CA PRO A 396 -2.18 -18.75 -5.27
C PRO A 396 -2.03 -17.45 -4.49
N GLU A 397 -1.74 -16.37 -5.21
CA GLU A 397 -1.29 -15.14 -4.57
C GLU A 397 -2.30 -14.61 -3.56
N TYR A 398 -3.60 -14.68 -3.89
CA TYR A 398 -4.59 -14.03 -3.04
C TYR A 398 -4.58 -14.60 -1.64
N LEU A 399 -4.58 -15.92 -1.52
CA LEU A 399 -4.48 -16.56 -0.21
C LEU A 399 -3.05 -16.38 0.30
N ASN A 400 -2.86 -15.35 1.14
CA ASN A 400 -1.54 -15.04 1.68
C ASN A 400 -1.55 -14.80 3.18
N PHE A 401 -2.70 -14.66 3.81
CA PHE A 401 -2.76 -14.34 5.23
C PHE A 401 -2.66 -15.56 6.12
N ILE A 402 -2.73 -16.76 5.57
CA ILE A 402 -2.66 -17.96 6.40
C ILE A 402 -1.23 -18.14 6.91
N ARG A 403 -1.11 -18.49 8.18
CA ARG A 403 0.17 -18.73 8.82
C ARG A 403 0.20 -20.20 9.22
N GLY A 404 1.27 -20.91 8.87
CA GLY A 404 1.31 -22.31 9.21
C GLY A 404 2.54 -23.01 8.67
N VAL A 405 2.55 -24.32 8.90
CA VAL A 405 3.71 -25.16 8.67
C VAL A 405 3.30 -26.41 7.92
N VAL A 406 4.13 -26.79 6.95
CA VAL A 406 3.99 -28.06 6.25
C VAL A 406 5.21 -28.90 6.59
N ASP A 407 4.99 -30.04 7.22
CA ASP A 407 6.06 -30.95 7.62
C ASP A 407 6.01 -32.16 6.70
N SER A 408 7.02 -32.29 5.85
CA SER A 408 7.12 -33.43 4.96
C SER A 408 8.13 -34.42 5.50
N GLU A 409 8.31 -35.54 4.78
CA GLU A 409 9.27 -36.55 5.20
C GLU A 409 10.23 -37.00 4.11
N ASP A 410 9.82 -37.04 2.84
CA ASP A 410 10.64 -37.67 1.81
C ASP A 410 10.54 -36.84 0.54
N LEU A 411 11.63 -36.17 0.18
CA LEU A 411 11.71 -35.39 -1.05
C LEU A 411 13.10 -35.51 -1.64
N PRO A 412 13.24 -35.34 -2.95
CA PRO A 412 14.57 -35.19 -3.55
C PRO A 412 15.08 -33.78 -3.27
N LEU A 413 16.14 -33.69 -2.49
CA LEU A 413 16.63 -32.41 -1.99
C LEU A 413 18.06 -32.17 -2.46
N ASN A 414 18.38 -30.90 -2.68
CA ASN A 414 19.72 -30.51 -3.08
C ASN A 414 20.69 -30.66 -1.92
N ILE A 415 21.96 -30.88 -2.26
CA ILE A 415 22.98 -31.10 -1.24
C ILE A 415 23.09 -29.89 -0.32
N SER A 416 22.74 -28.70 -0.83
CA SER A 416 22.78 -27.48 -0.03
C SER A 416 21.79 -27.47 1.11
N ARG A 417 20.80 -28.37 1.12
CA ARG A 417 19.76 -28.39 2.14
C ARG A 417 19.01 -27.06 2.19
N GLU A 418 18.86 -26.42 1.03
CA GLU A 418 18.23 -25.11 1.01
C GLU A 418 17.22 -24.90 -0.13
N MET A 419 17.14 -25.80 -1.11
CA MET A 419 16.19 -25.61 -2.20
C MET A 419 15.73 -26.96 -2.72
N LEU A 420 14.45 -27.02 -3.10
CA LEU A 420 13.84 -28.26 -3.57
C LEU A 420 14.29 -28.57 -5.00
N GLN A 421 13.99 -29.78 -5.43
CA GLN A 421 14.48 -30.30 -6.70
C GLN A 421 13.32 -30.65 -7.62
N GLN A 422 13.34 -30.09 -8.84
CA GLN A 422 12.52 -30.45 -9.99
C GLN A 422 11.02 -30.34 -9.77
N SER A 423 10.61 -29.92 -8.57
CA SER A 423 9.25 -29.45 -8.28
C SER A 423 8.18 -30.36 -8.88
N LYS A 424 8.15 -31.60 -8.40
CA LYS A 424 7.16 -32.57 -8.85
C LYS A 424 5.92 -32.60 -7.96
N ILE A 425 6.10 -32.79 -6.66
CA ILE A 425 4.97 -32.97 -5.74
C ILE A 425 4.24 -31.66 -5.46
N LEU A 426 4.85 -30.52 -5.82
CA LEU A 426 4.31 -29.23 -5.43
C LEU A 426 2.91 -29.01 -5.98
N LYS A 427 2.61 -29.55 -7.16
CA LYS A 427 1.29 -29.36 -7.75
C LYS A 427 0.21 -30.03 -6.89
N VAL A 428 0.43 -31.29 -6.51
CA VAL A 428 -0.57 -31.97 -5.70
C VAL A 428 -0.63 -31.36 -4.30
N ILE A 429 0.50 -30.86 -3.79
CA ILE A 429 0.47 -30.16 -2.51
C ILE A 429 -0.43 -28.95 -2.60
N ARG A 430 -0.27 -28.16 -3.66
CA ARG A 430 -1.11 -26.98 -3.88
C ARG A 430 -2.58 -27.37 -3.95
N LYS A 431 -2.88 -28.43 -4.70
CA LYS A 431 -4.27 -28.87 -4.87
C LYS A 431 -4.88 -29.26 -3.53
N ASN A 432 -4.18 -30.08 -2.76
CA ASN A 432 -4.73 -30.52 -1.47
C ASN A 432 -4.91 -29.34 -0.52
N ILE A 433 -3.93 -28.44 -0.48
CA ILE A 433 -4.05 -27.29 0.43
C ILE A 433 -5.26 -26.44 0.07
N VAL A 434 -5.42 -26.13 -1.21
CA VAL A 434 -6.54 -25.26 -1.59
C VAL A 434 -7.86 -25.96 -1.30
N LYS A 435 -7.97 -27.25 -1.61
CA LYS A 435 -9.21 -27.97 -1.36
C LYS A 435 -9.57 -27.95 0.12
N LYS A 436 -8.63 -28.35 0.98
CA LYS A 436 -8.94 -28.45 2.40
C LYS A 436 -9.18 -27.08 3.04
N CYS A 437 -8.39 -26.07 2.65
CA CYS A 437 -8.62 -24.75 3.22
C CYS A 437 -9.97 -24.19 2.81
N LEU A 438 -10.36 -24.39 1.54
CA LEU A 438 -11.68 -23.92 1.12
C LEU A 438 -12.77 -24.65 1.89
N GLU A 439 -12.57 -25.95 2.15
CA GLU A 439 -13.49 -26.65 3.05
C GLU A 439 -13.55 -25.95 4.41
N LEU A 440 -12.41 -25.47 4.89
CA LEU A 440 -12.39 -24.75 6.17
C LEU A 440 -13.27 -23.51 6.13
N PHE A 441 -13.13 -22.68 5.08
CA PHE A 441 -14.04 -21.54 4.97
C PHE A 441 -15.50 -22.00 4.91
N SER A 442 -15.76 -23.05 4.11
CA SER A 442 -17.13 -23.52 3.96
C SER A 442 -17.75 -23.89 5.30
N GLU A 443 -17.00 -24.62 6.14
CA GLU A 443 -17.51 -24.97 7.45
C GLU A 443 -17.61 -23.75 8.36
N LEU A 444 -16.72 -22.77 8.17
CA LEU A 444 -16.73 -21.57 9.00
C LEU A 444 -18.00 -20.75 8.85
N ALA A 445 -18.79 -20.99 7.80
CA ALA A 445 -19.95 -20.17 7.48
C ALA A 445 -21.19 -20.54 8.30
N GLU A 446 -21.02 -21.28 9.38
CA GLU A 446 -22.15 -21.68 10.22
C GLU A 446 -22.40 -20.69 11.35
N ASP A 447 -21.38 -20.44 12.18
CA ASP A 447 -21.55 -19.51 13.28
C ASP A 447 -21.74 -18.09 12.75
N LYS A 448 -22.55 -17.31 13.46
CA LYS A 448 -22.90 -15.96 13.04
C LYS A 448 -22.29 -14.87 13.92
N GLU A 449 -21.48 -15.24 14.92
CA GLU A 449 -20.69 -14.26 15.66
C GLU A 449 -19.22 -14.22 15.26
N ASN A 450 -18.67 -15.31 14.73
CA ASN A 450 -17.34 -15.21 14.14
C ASN A 450 -17.39 -14.53 12.77
N TYR A 451 -18.45 -14.79 12.00
CA TYR A 451 -18.45 -14.43 10.60
C TYR A 451 -18.52 -12.93 10.39
N LYS A 452 -19.25 -12.20 11.24
CA LYS A 452 -19.35 -10.76 11.04
C LYS A 452 -17.99 -10.08 11.20
N LYS A 453 -17.21 -10.51 12.19
CA LYS A 453 -15.88 -9.96 12.34
C LYS A 453 -14.86 -10.61 11.41
N PHE A 454 -15.20 -11.73 10.78
CA PHE A 454 -14.32 -12.29 9.77
C PHE A 454 -14.45 -11.54 8.45
N TYR A 455 -15.65 -11.52 7.88
CA TYR A 455 -15.88 -10.86 6.60
C TYR A 455 -15.64 -9.36 6.66
N GLU A 456 -15.65 -8.77 7.86
CA GLU A 456 -15.38 -7.35 8.00
C GLU A 456 -13.96 -6.96 7.60
N ALA A 457 -13.00 -7.90 7.68
CA ALA A 457 -11.60 -7.55 7.51
C ALA A 457 -10.89 -8.37 6.43
N PHE A 458 -11.59 -9.24 5.71
CA PHE A 458 -10.90 -10.04 4.70
C PHE A 458 -11.71 -10.20 3.42
N SER A 459 -12.77 -9.43 3.24
CA SER A 459 -13.59 -9.54 2.05
C SER A 459 -12.81 -9.21 0.79
N LYS A 460 -11.91 -8.23 0.87
CA LYS A 460 -11.18 -7.77 -0.30
C LYS A 460 -10.35 -8.90 -0.92
N ASN A 461 -9.71 -9.71 -0.09
CA ASN A 461 -8.86 -10.78 -0.60
C ASN A 461 -9.67 -11.82 -1.38
N LEU A 462 -10.87 -12.14 -0.91
CA LEU A 462 -11.63 -13.24 -1.50
C LEU A 462 -11.94 -12.98 -2.97
N LYS A 463 -12.35 -11.75 -3.30
CA LYS A 463 -12.87 -11.46 -4.62
C LYS A 463 -11.81 -11.59 -5.72
N LEU A 464 -10.53 -11.52 -5.37
CA LEU A 464 -9.48 -11.70 -6.37
C LEU A 464 -9.48 -13.12 -6.93
N GLY A 465 -9.86 -14.10 -6.12
CA GLY A 465 -9.84 -15.48 -6.58
C GLY A 465 -10.73 -15.72 -7.78
N ILE A 466 -11.97 -15.26 -7.71
CA ILE A 466 -12.89 -15.45 -8.83
C ILE A 466 -12.38 -14.71 -10.06
N HIS A 467 -11.69 -13.60 -9.86
CA HIS A 467 -11.04 -12.92 -10.97
C HIS A 467 -9.97 -13.80 -11.60
N GLU A 468 -9.20 -14.53 -10.79
CA GLU A 468 -8.09 -15.30 -11.33
C GLU A 468 -8.45 -16.78 -11.53
N ASP A 469 -9.18 -17.35 -10.58
CA ASP A 469 -9.48 -18.78 -10.62
C ASP A 469 -10.68 -19.05 -11.53
N SER A 470 -10.70 -20.24 -12.13
CA SER A 470 -11.80 -20.69 -12.94
C SER A 470 -12.44 -21.99 -12.48
N THR A 471 -11.66 -22.98 -12.06
CA THR A 471 -12.20 -24.28 -11.73
C THR A 471 -12.95 -24.33 -10.41
N ASN A 472 -12.54 -23.55 -9.42
CA ASN A 472 -13.24 -23.49 -8.13
C ASN A 472 -14.17 -22.30 -8.05
N ARG A 473 -14.33 -21.55 -9.14
CA ARG A 473 -15.14 -20.33 -9.12
C ARG A 473 -16.57 -20.64 -8.70
N ARG A 474 -17.16 -21.69 -9.25
CA ARG A 474 -18.57 -22.00 -8.99
C ARG A 474 -18.81 -22.22 -7.50
N ARG A 475 -17.81 -22.75 -6.80
CA ARG A 475 -17.95 -22.99 -5.38
C ARG A 475 -17.57 -21.77 -4.55
N LEU A 476 -16.89 -20.79 -5.16
CA LEU A 476 -16.55 -19.55 -4.49
C LEU A 476 -17.70 -18.55 -4.42
N SER A 477 -18.64 -18.62 -5.36
CA SER A 477 -19.68 -17.60 -5.47
C SER A 477 -20.55 -17.54 -4.21
N GLU A 478 -20.87 -18.70 -3.63
CA GLU A 478 -21.80 -18.75 -2.52
C GLU A 478 -21.27 -18.00 -1.29
N LEU A 479 -19.96 -17.83 -1.18
CA LEU A 479 -19.40 -17.21 0.01
C LEU A 479 -19.55 -15.70 0.02
N LEU A 480 -19.92 -15.08 -1.10
CA LEU A 480 -20.02 -13.63 -1.13
C LEU A 480 -21.27 -13.15 -0.42
N ARG A 481 -21.19 -11.95 0.16
CA ARG A 481 -22.31 -11.31 0.83
C ARG A 481 -22.24 -9.81 0.60
N TYR A 482 -23.39 -9.14 0.71
CA TYR A 482 -23.49 -7.71 0.43
C TYR A 482 -24.61 -7.12 1.28
N HIS A 483 -24.90 -5.85 1.05
CA HIS A 483 -26.06 -5.19 1.63
C HIS A 483 -27.24 -5.35 0.68
N THR A 484 -28.42 -4.91 1.10
CA THR A 484 -29.59 -5.00 0.22
C THR A 484 -30.58 -3.89 0.58
N SER A 485 -31.61 -3.77 -0.26
CA SER A 485 -32.49 -2.62 -0.26
C SER A 485 -33.85 -2.88 0.39
N GLN A 486 -34.03 -4.01 1.06
CA GLN A 486 -35.31 -4.32 1.71
C GLN A 486 -35.41 -3.77 3.13
N SER A 487 -34.33 -3.82 3.91
CA SER A 487 -34.32 -3.29 5.26
C SER A 487 -33.10 -2.41 5.45
N GLY A 488 -33.04 -1.71 6.57
CA GLY A 488 -31.99 -0.73 6.80
C GLY A 488 -30.60 -1.29 7.03
N ASP A 489 -30.39 -1.98 8.16
CA ASP A 489 -29.07 -2.44 8.59
C ASP A 489 -29.03 -3.96 8.51
N GLU A 490 -28.47 -4.47 7.42
CA GLU A 490 -28.34 -5.92 7.23
C GLU A 490 -27.29 -6.16 6.16
N MET A 491 -26.49 -7.21 6.32
CA MET A 491 -25.47 -7.55 5.35
C MET A 491 -25.71 -9.00 4.95
N THR A 492 -26.60 -9.21 3.98
CA THR A 492 -27.15 -10.52 3.68
C THR A 492 -26.35 -11.20 2.58
N SER A 493 -26.86 -12.32 2.09
CA SER A 493 -26.18 -13.16 1.11
C SER A 493 -27.01 -13.19 -0.19
N LEU A 494 -26.57 -14.03 -1.12
CA LEU A 494 -27.16 -14.09 -2.45
C LEU A 494 -28.25 -15.15 -2.58
N SER A 495 -28.03 -16.35 -2.07
CA SER A 495 -29.07 -17.38 -2.11
C SER A 495 -30.31 -16.95 -1.34
N GLU A 496 -30.11 -16.19 -0.26
CA GLU A 496 -31.25 -15.61 0.45
C GLU A 496 -32.05 -14.69 -0.46
N TYR A 497 -31.36 -13.85 -1.24
CA TYR A 497 -32.04 -13.00 -2.20
C TYR A 497 -32.77 -13.83 -3.25
N VAL A 498 -32.16 -14.93 -3.69
CA VAL A 498 -32.80 -15.80 -4.68
C VAL A 498 -34.08 -16.39 -4.11
N SER A 499 -34.07 -16.81 -2.85
CA SER A 499 -35.21 -17.46 -2.23
C SER A 499 -36.37 -16.51 -1.96
N ARG A 500 -36.25 -15.23 -2.30
CA ARG A 500 -37.32 -14.27 -2.04
C ARG A 500 -37.72 -13.48 -3.29
N MET A 501 -37.53 -14.05 -4.47
CA MET A 501 -37.84 -13.37 -5.72
C MET A 501 -39.08 -13.96 -6.37
N LYS A 502 -39.83 -13.12 -7.08
CA LYS A 502 -41.06 -13.56 -7.73
C LYS A 502 -40.75 -14.37 -8.98
N GLU A 503 -41.77 -15.12 -9.43
CA GLU A 503 -41.64 -15.87 -10.67
C GLU A 503 -41.54 -14.95 -11.88
N THR A 504 -42.24 -13.82 -11.84
CA THR A 504 -42.25 -12.91 -13.00
C THR A 504 -40.84 -12.41 -13.32
N GLN A 505 -40.13 -11.92 -12.31
CA GLN A 505 -38.75 -11.50 -12.52
C GLN A 505 -37.87 -12.70 -12.85
N LYS A 506 -36.86 -12.49 -13.67
CA LYS A 506 -35.93 -13.55 -14.03
C LYS A 506 -34.46 -13.17 -13.90
N SER A 507 -34.14 -11.88 -13.82
CA SER A 507 -32.76 -11.44 -13.77
C SER A 507 -32.47 -10.80 -12.42
N ILE A 508 -31.21 -10.86 -12.02
CA ILE A 508 -30.76 -10.26 -10.77
C ILE A 508 -30.36 -8.81 -11.04
N TYR A 509 -30.90 -7.88 -10.26
CA TYR A 509 -30.74 -6.45 -10.49
C TYR A 509 -29.70 -5.91 -9.51
N TYR A 510 -28.74 -5.13 -10.02
CA TYR A 510 -27.70 -4.57 -9.19
C TYR A 510 -27.25 -3.22 -9.74
N ILE A 511 -26.65 -2.42 -8.85
CA ILE A 511 -26.18 -1.08 -9.17
C ILE A 511 -24.75 -0.94 -8.67
N THR A 512 -23.99 -0.03 -9.28
CA THR A 512 -22.64 0.27 -8.86
C THR A 512 -22.53 1.75 -8.49
N GLY A 513 -22.00 2.03 -7.30
CA GLY A 513 -21.81 3.39 -6.84
C GLY A 513 -20.48 3.57 -6.14
N GLU A 514 -20.40 4.49 -5.19
CA GLU A 514 -19.18 4.70 -4.41
C GLU A 514 -19.41 4.64 -2.91
N SER A 515 -20.61 4.98 -2.43
CA SER A 515 -20.94 4.84 -1.02
C SER A 515 -22.43 4.53 -0.90
N LYS A 516 -22.86 4.24 0.33
CA LYS A 516 -24.24 3.85 0.55
C LYS A 516 -25.22 4.97 0.22
N GLU A 517 -24.98 6.17 0.76
CA GLU A 517 -25.98 7.23 0.71
C GLU A 517 -26.28 7.65 -0.72
N GLN A 518 -25.24 7.83 -1.55
CA GLN A 518 -25.45 8.39 -2.89
C GLN A 518 -26.35 7.50 -3.74
N VAL A 519 -26.24 6.19 -3.59
CA VAL A 519 -27.16 5.27 -4.25
C VAL A 519 -28.49 5.15 -3.50
N ALA A 520 -28.48 5.33 -2.18
CA ALA A 520 -29.70 5.16 -1.39
C ALA A 520 -30.81 6.08 -1.86
N ASN A 521 -30.46 7.23 -2.42
CA ASN A 521 -31.44 8.11 -3.03
C ASN A 521 -31.03 8.44 -4.46
N SER A 522 -30.62 7.42 -5.20
CA SER A 522 -30.16 7.62 -6.57
C SER A 522 -31.33 7.93 -7.48
N ALA A 523 -31.04 8.06 -8.78
CA ALA A 523 -32.04 8.45 -9.76
C ALA A 523 -32.37 7.37 -10.78
N PHE A 524 -31.44 6.47 -11.07
CA PHE A 524 -31.69 5.43 -12.05
C PHE A 524 -32.83 4.52 -11.61
N VAL A 525 -32.83 4.13 -10.35
CA VAL A 525 -33.85 3.23 -9.81
C VAL A 525 -34.97 4.08 -9.22
N GLU A 526 -36.05 4.23 -9.98
CA GLU A 526 -37.26 4.87 -9.49
C GLU A 526 -38.53 4.10 -9.80
N ARG A 527 -38.54 3.24 -10.81
CA ARG A 527 -39.67 2.36 -11.07
C ARG A 527 -39.50 1.00 -10.41
N VAL A 528 -38.27 0.48 -10.39
CA VAL A 528 -38.02 -0.84 -9.83
C VAL A 528 -38.33 -0.85 -8.34
N ARG A 529 -37.92 0.19 -7.62
CA ARG A 529 -38.10 0.20 -6.17
C ARG A 529 -39.55 0.44 -5.77
N LYS A 530 -40.35 1.06 -6.65
CA LYS A 530 -41.75 1.31 -6.32
C LYS A 530 -42.65 0.14 -6.69
N ARG A 531 -42.30 -0.64 -7.71
CA ARG A 531 -43.09 -1.82 -8.04
C ARG A 531 -43.05 -2.84 -6.90
N GLY A 532 -41.89 -3.00 -6.27
CA GLY A 532 -41.77 -3.90 -5.14
C GLY A 532 -40.62 -4.89 -5.28
N PHE A 533 -39.71 -4.62 -6.20
CA PHE A 533 -38.59 -5.53 -6.46
C PHE A 533 -37.53 -5.32 -5.38
N GLU A 534 -36.38 -5.97 -5.56
CA GLU A 534 -35.24 -5.78 -4.67
C GLU A 534 -33.95 -5.76 -5.46
N VAL A 535 -33.05 -4.86 -5.09
CA VAL A 535 -31.79 -4.64 -5.80
C VAL A 535 -30.66 -4.58 -4.79
N VAL A 536 -29.51 -5.15 -5.15
CA VAL A 536 -28.35 -5.23 -4.27
C VAL A 536 -27.38 -4.11 -4.62
N TYR A 537 -26.73 -3.56 -3.60
CA TYR A 537 -25.79 -2.47 -3.78
C TYR A 537 -24.37 -3.03 -3.83
N MET A 538 -23.51 -2.37 -4.61
CA MET A 538 -22.10 -2.73 -4.71
C MET A 538 -21.29 -1.45 -4.89
N THR A 539 -20.89 -0.85 -3.77
CA THR A 539 -20.12 0.39 -3.78
C THR A 539 -18.71 0.07 -3.28
N GLU A 540 -17.85 -0.39 -4.19
CA GLU A 540 -16.50 -0.79 -3.84
C GLU A 540 -15.71 -1.13 -5.10
N PRO A 541 -14.43 -0.73 -5.18
CA PRO A 541 -13.65 -0.99 -6.39
C PRO A 541 -13.52 -2.47 -6.76
N ILE A 542 -13.00 -3.31 -5.86
CA ILE A 542 -12.75 -4.70 -6.24
C ILE A 542 -14.04 -5.42 -6.58
N ASP A 543 -15.18 -4.96 -6.06
CA ASP A 543 -16.46 -5.44 -6.57
C ASP A 543 -16.58 -5.19 -8.07
N GLU A 544 -16.15 -4.00 -8.51
CA GLU A 544 -16.15 -3.70 -9.93
C GLU A 544 -15.15 -4.58 -10.68
N TYR A 545 -14.00 -4.83 -10.06
CA TYR A 545 -13.02 -5.72 -10.69
C TYR A 545 -13.49 -7.17 -10.76
N CYS A 546 -14.49 -7.54 -9.97
CA CYS A 546 -14.97 -8.93 -9.98
C CYS A 546 -16.27 -9.14 -10.73
N VAL A 547 -17.12 -8.11 -10.85
CA VAL A 547 -18.45 -8.28 -11.41
C VAL A 547 -18.43 -8.79 -12.85
N GLN A 548 -17.33 -8.56 -13.59
CA GLN A 548 -17.29 -8.99 -14.97
C GLN A 548 -17.09 -10.48 -15.15
N GLN A 549 -16.87 -11.22 -14.06
CA GLN A 549 -16.72 -12.67 -14.12
C GLN A 549 -17.94 -13.44 -13.67
N LEU A 550 -18.73 -12.90 -12.75
CA LEU A 550 -19.93 -13.56 -12.26
C LEU A 550 -21.04 -13.36 -13.29
N LYS A 551 -21.06 -14.24 -14.30
CA LYS A 551 -22.00 -14.15 -15.40
C LYS A 551 -23.22 -15.04 -15.22
N GLU A 552 -23.26 -15.88 -14.19
CA GLU A 552 -24.37 -16.81 -14.03
C GLU A 552 -24.40 -17.29 -12.59
N PHE A 553 -25.51 -17.02 -11.89
CA PHE A 553 -25.76 -17.56 -10.57
C PHE A 553 -27.11 -18.26 -10.57
N ASP A 554 -27.14 -19.49 -10.04
CA ASP A 554 -28.36 -20.29 -9.95
C ASP A 554 -29.02 -20.44 -11.32
N GLY A 555 -28.19 -20.62 -12.35
CA GLY A 555 -28.69 -20.70 -13.70
C GLY A 555 -29.28 -19.42 -14.24
N LYS A 556 -29.10 -18.29 -13.55
CA LYS A 556 -29.69 -17.02 -13.94
C LYS A 556 -28.58 -16.01 -14.19
N SER A 557 -28.91 -15.00 -14.99
CA SER A 557 -27.95 -13.97 -15.38
C SER A 557 -28.04 -12.77 -14.45
N LEU A 558 -27.08 -11.86 -14.60
CA LEU A 558 -27.01 -10.64 -13.82
C LEU A 558 -27.12 -9.44 -14.73
N VAL A 559 -27.94 -8.46 -14.35
CA VAL A 559 -28.15 -7.26 -15.12
C VAL A 559 -27.93 -6.05 -14.23
N SER A 560 -27.33 -5.01 -14.79
CA SER A 560 -27.03 -3.78 -14.06
C SER A 560 -28.01 -2.70 -14.48
N VAL A 561 -28.53 -1.95 -13.50
CA VAL A 561 -29.43 -0.85 -13.78
C VAL A 561 -28.74 0.25 -14.58
N THR A 562 -27.40 0.26 -14.63
CA THR A 562 -26.68 1.38 -15.20
C THR A 562 -26.12 0.97 -16.57
N LYS A 563 -26.89 0.19 -17.32
CA LYS A 563 -26.52 -0.14 -18.70
C LYS A 563 -27.76 -0.06 -19.58
N GLU A 564 -27.52 -0.14 -20.89
CA GLU A 564 -28.57 0.02 -21.88
C GLU A 564 -29.35 -1.27 -22.08
N GLY A 565 -30.60 -1.13 -22.51
CA GLY A 565 -31.43 -2.27 -22.83
C GLY A 565 -32.01 -2.98 -21.61
N LEU A 566 -32.83 -2.27 -20.84
CA LEU A 566 -33.50 -2.85 -19.68
C LEU A 566 -34.99 -2.98 -19.96
N GLU A 567 -35.54 -4.14 -19.65
CA GLU A 567 -36.94 -4.45 -19.91
C GLU A 567 -37.61 -4.88 -18.63
N LEU A 568 -38.84 -4.40 -18.43
CA LEU A 568 -39.67 -4.77 -17.29
C LEU A 568 -40.97 -5.35 -17.80
N PRO A 569 -41.31 -6.59 -17.47
CA PRO A 569 -42.58 -7.15 -17.94
C PRO A 569 -43.76 -6.34 -17.43
N GLU A 570 -44.78 -6.21 -18.27
CA GLU A 570 -45.86 -5.27 -18.00
C GLU A 570 -47.02 -5.57 -18.95
N ASP A 571 -48.16 -4.94 -18.68
CA ASP A 571 -49.31 -5.06 -19.56
C ASP A 571 -49.06 -4.32 -20.87
N GLU A 572 -49.76 -4.74 -21.92
CA GLU A 572 -49.47 -4.23 -23.25
C GLU A 572 -50.14 -2.89 -23.53
N GLU A 573 -51.12 -2.48 -22.73
CA GLU A 573 -51.82 -1.22 -23.01
C GLU A 573 -50.92 -0.01 -22.77
N GLU A 574 -50.23 0.01 -21.63
CA GLU A 574 -49.32 1.11 -21.37
C GLU A 574 -48.18 1.13 -22.38
N LYS A 575 -47.66 -0.03 -22.75
CA LYS A 575 -46.60 -0.07 -23.75
C LYS A 575 -47.13 0.41 -25.11
N LYS A 576 -48.41 0.17 -25.39
CA LYS A 576 -48.99 0.66 -26.64
C LYS A 576 -49.11 2.18 -26.63
N LYS A 577 -49.54 2.76 -25.52
CA LYS A 577 -49.66 4.21 -25.50
C LYS A 577 -48.28 4.87 -25.47
N MET A 578 -47.28 4.20 -24.92
CA MET A 578 -45.91 4.69 -25.05
C MET A 578 -45.40 4.53 -26.49
N GLU A 579 -45.81 3.45 -27.16
CA GLU A 579 -45.49 3.25 -28.56
C GLU A 579 -46.03 4.38 -29.42
N GLU A 580 -47.29 4.74 -29.22
CA GLU A 580 -47.84 5.89 -29.94
C GLU A 580 -47.25 7.20 -29.46
N SER A 581 -46.77 7.24 -28.22
CA SER A 581 -46.16 8.46 -27.69
C SER A 581 -44.91 8.87 -28.45
N LYS A 582 -44.01 7.93 -28.78
CA LYS A 582 -42.74 8.32 -29.36
C LYS A 582 -42.89 8.85 -30.78
N ALA A 583 -43.95 8.43 -31.48
CA ALA A 583 -44.12 8.81 -32.88
C ALA A 583 -44.22 10.33 -33.03
N LYS A 584 -44.79 11.01 -32.04
CA LYS A 584 -44.88 12.47 -32.05
C LYS A 584 -43.65 13.14 -31.44
N PHE A 585 -42.56 12.39 -31.21
CA PHE A 585 -41.31 12.94 -30.70
C PHE A 585 -40.15 12.52 -31.58
N GLU A 586 -40.29 12.67 -32.90
CA GLU A 586 -39.23 12.23 -33.80
C GLU A 586 -38.28 13.37 -34.19
N ASN A 587 -38.79 14.61 -34.18
CA ASN A 587 -37.96 15.74 -34.57
C ASN A 587 -36.91 16.06 -33.50
N LEU A 588 -37.32 16.02 -32.23
CA LEU A 588 -36.43 16.45 -31.14
C LEU A 588 -35.13 15.67 -31.13
N CYS A 589 -35.15 14.41 -31.58
CA CYS A 589 -33.92 13.61 -31.62
C CYS A 589 -32.85 14.30 -32.46
N LYS A 590 -33.14 14.52 -33.74
CA LYS A 590 -32.18 15.20 -34.60
C LYS A 590 -31.95 16.64 -34.14
N LEU A 591 -32.98 17.29 -33.57
CA LEU A 591 -32.78 18.62 -33.01
C LEU A 591 -31.61 18.65 -32.03
N MET A 592 -31.69 17.83 -30.98
CA MET A 592 -30.60 17.80 -30.00
C MET A 592 -29.31 17.24 -30.59
N LYS A 593 -29.40 16.29 -31.53
CA LYS A 593 -28.19 15.75 -32.14
C LYS A 593 -27.40 16.85 -32.85
N GLU A 594 -28.09 17.74 -33.56
CA GLU A 594 -27.38 18.83 -34.21
C GLU A 594 -26.96 19.90 -33.21
N ILE A 595 -27.81 20.23 -32.23
CA ILE A 595 -27.52 21.38 -31.39
C ILE A 595 -26.37 21.08 -30.41
N LEU A 596 -26.22 19.82 -29.99
CA LEU A 596 -25.12 19.49 -29.10
C LEU A 596 -23.82 19.17 -29.83
N ASP A 597 -23.82 19.16 -31.17
CA ASP A 597 -22.61 19.09 -31.97
C ASP A 597 -21.77 17.85 -31.64
N LYS A 598 -22.37 16.69 -31.96
CA LYS A 598 -21.71 15.38 -31.98
C LYS A 598 -20.91 15.07 -30.71
N LYS A 599 -21.23 15.71 -29.59
CA LYS A 599 -20.65 15.30 -28.33
C LYS A 599 -21.19 13.96 -27.85
N VAL A 600 -22.37 13.55 -28.34
CA VAL A 600 -22.95 12.25 -28.04
C VAL A 600 -23.27 11.57 -29.37
N GLU A 601 -23.84 10.37 -29.28
CA GLU A 601 -24.12 9.57 -30.47
C GLU A 601 -25.61 9.41 -30.75
N LYS A 602 -26.39 8.96 -29.77
CA LYS A 602 -27.80 8.69 -30.00
C LYS A 602 -28.63 9.25 -28.86
N VAL A 603 -29.89 9.51 -29.17
CA VAL A 603 -30.87 10.02 -28.21
C VAL A 603 -32.16 9.23 -28.41
N THR A 604 -32.75 8.76 -27.30
CA THR A 604 -33.96 7.94 -27.37
C THR A 604 -34.77 8.12 -26.10
N ILE A 605 -35.81 7.31 -25.97
CA ILE A 605 -36.70 7.31 -24.81
C ILE A 605 -36.84 5.88 -24.32
N SER A 606 -36.80 5.69 -23.00
CA SER A 606 -36.91 4.37 -22.40
C SER A 606 -37.75 4.44 -21.13
N ASN A 607 -37.83 3.32 -20.43
CA ASN A 607 -38.60 3.22 -19.18
C ASN A 607 -37.61 3.02 -18.04
N ARG A 608 -37.06 4.12 -17.54
CA ARG A 608 -36.18 4.07 -16.39
C ARG A 608 -36.32 5.24 -15.43
N LEU A 609 -37.18 6.22 -15.73
CA LEU A 609 -37.19 7.49 -15.00
C LEU A 609 -38.60 7.83 -14.56
N VAL A 610 -38.72 8.49 -13.41
CA VAL A 610 -40.03 8.89 -12.90
C VAL A 610 -40.05 10.39 -12.62
N SER A 611 -38.89 10.96 -12.29
CA SER A 611 -38.86 12.37 -11.88
C SER A 611 -37.62 13.11 -12.37
N SER A 612 -36.81 12.50 -13.23
CA SER A 612 -35.61 13.14 -13.74
C SER A 612 -35.83 13.55 -15.19
N PRO A 613 -35.58 14.81 -15.56
CA PRO A 613 -35.73 15.17 -16.97
C PRO A 613 -34.93 14.30 -17.92
N CYS A 614 -33.69 13.96 -17.57
CA CYS A 614 -32.84 13.17 -18.44
C CYS A 614 -31.87 12.34 -17.61
N CYS A 615 -31.39 11.25 -18.20
CA CYS A 615 -30.33 10.45 -17.62
C CYS A 615 -29.44 9.93 -18.74
N ILE A 616 -28.29 9.38 -18.36
CA ILE A 616 -27.25 8.98 -19.30
C ILE A 616 -26.99 7.49 -19.16
N VAL A 617 -26.63 6.85 -20.28
CA VAL A 617 -26.42 5.42 -20.31
C VAL A 617 -25.15 5.13 -21.09
N THR A 618 -24.58 3.96 -20.84
CA THR A 618 -23.37 3.49 -21.51
C THR A 618 -23.73 2.45 -22.58
N SER A 619 -22.75 2.17 -23.43
CA SER A 619 -22.94 1.19 -24.48
C SER A 619 -22.90 -0.23 -23.93
N THR A 620 -23.35 -1.18 -24.76
CA THR A 620 -23.28 -2.58 -24.37
C THR A 620 -21.85 -3.07 -24.24
N TYR A 621 -20.92 -2.46 -24.99
CA TYR A 621 -19.50 -2.78 -24.89
C TYR A 621 -18.78 -1.48 -24.49
N GLY A 622 -18.72 -1.24 -23.19
CA GLY A 622 -18.11 -0.02 -22.69
C GLY A 622 -18.12 0.06 -21.18
N TRP A 623 -17.02 0.58 -20.62
CA TRP A 623 -16.90 0.69 -19.17
C TRP A 623 -17.91 1.69 -18.63
N THR A 624 -18.46 1.38 -17.46
CA THR A 624 -19.42 2.28 -16.83
C THR A 624 -18.71 3.50 -16.26
N ALA A 625 -19.52 4.39 -15.67
CA ALA A 625 -18.99 5.63 -15.11
C ALA A 625 -17.87 5.36 -14.10
N ASN A 626 -18.19 4.64 -13.03
CA ASN A 626 -17.22 4.41 -11.97
C ASN A 626 -16.02 3.63 -12.48
N MET A 627 -16.24 2.65 -13.35
CA MET A 627 -15.12 1.89 -13.91
C MET A 627 -14.16 2.78 -14.67
N GLU A 628 -14.68 3.62 -15.57
CA GLU A 628 -13.80 4.49 -16.34
C GLU A 628 -13.07 5.46 -15.42
N ARG A 629 -13.78 6.04 -14.45
CA ARG A 629 -13.15 6.99 -13.54
C ARG A 629 -12.01 6.34 -12.77
N ILE A 630 -12.28 5.18 -12.15
CA ILE A 630 -11.27 4.53 -11.33
C ILE A 630 -10.09 4.07 -12.18
N MET A 631 -10.37 3.61 -13.41
CA MET A 631 -9.27 3.16 -14.26
C MET A 631 -8.37 4.33 -14.66
N LYS A 632 -8.96 5.46 -15.05
CA LYS A 632 -8.11 6.55 -15.54
C LYS A 632 -7.46 7.32 -14.40
N ALA A 633 -8.05 7.34 -13.22
CA ALA A 633 -7.55 8.12 -12.10
C ALA A 633 -6.51 7.38 -11.26
N GLN A 634 -5.83 6.37 -11.79
CA GLN A 634 -4.82 5.64 -11.04
C GLN A 634 -3.47 5.77 -11.72
N ALA A 635 -2.41 5.79 -10.91
CA ALA A 635 -1.06 5.98 -11.43
C ALA A 635 -0.67 4.85 -12.36
N LEU A 636 0.37 5.09 -13.17
CA LEU A 636 0.80 4.16 -14.20
C LEU A 636 -0.35 3.88 -15.17
N ARG A 637 -1.13 4.93 -15.45
CA ARG A 637 -2.35 4.77 -16.23
C ARG A 637 -2.06 4.25 -17.64
N ASP A 638 -0.93 4.63 -18.22
CA ASP A 638 -0.55 4.24 -19.58
C ASP A 638 -1.62 4.69 -20.58
N ASN A 639 -2.10 5.92 -20.40
CA ASN A 639 -3.22 6.47 -21.15
C ASN A 639 -2.88 6.76 -22.61
N SER A 640 -1.69 6.37 -23.07
CA SER A 640 -1.24 6.74 -24.40
C SER A 640 -2.21 6.28 -25.48
N THR A 641 -2.65 5.02 -25.41
CA THR A 641 -3.55 4.47 -26.41
C THR A 641 -4.86 3.98 -25.80
N MET A 642 -4.80 3.20 -24.73
CA MET A 642 -6.01 2.65 -24.13
C MET A 642 -6.96 3.73 -23.64
N GLY A 643 -6.42 4.87 -23.18
CA GLY A 643 -7.29 5.94 -22.71
C GLY A 643 -8.23 6.45 -23.79
N TYR A 644 -7.73 6.60 -25.01
CA TYR A 644 -8.53 7.14 -26.11
C TYR A 644 -9.22 6.00 -26.88
N MET A 645 -9.93 5.15 -26.15
CA MET A 645 -10.65 4.04 -26.79
C MET A 645 -12.05 3.80 -26.26
N MET A 646 -12.36 4.10 -24.99
CA MET A 646 -13.55 3.60 -24.32
C MET A 646 -14.54 4.72 -24.01
N ALA A 647 -15.54 4.38 -23.21
CA ALA A 647 -16.55 5.30 -22.67
C ALA A 647 -17.44 5.94 -23.71
N LYS A 648 -18.11 5.13 -24.54
CA LYS A 648 -19.19 5.62 -25.38
C LYS A 648 -20.41 5.92 -24.51
N LYS A 649 -21.22 6.89 -24.94
CA LYS A 649 -22.36 7.33 -24.14
C LYS A 649 -23.57 7.60 -25.02
N HIS A 650 -24.74 7.61 -24.39
CA HIS A 650 -26.01 7.94 -25.03
C HIS A 650 -26.87 8.79 -24.08
N LEU A 651 -28.16 8.94 -24.37
CA LEU A 651 -28.98 9.84 -23.57
C LEU A 651 -30.43 9.37 -23.65
N GLU A 652 -31.22 9.78 -22.65
CA GLU A 652 -32.63 9.46 -22.60
C GLU A 652 -33.37 10.63 -21.94
N ILE A 653 -34.67 10.71 -22.21
CA ILE A 653 -35.52 11.78 -21.70
C ILE A 653 -36.81 11.19 -21.16
N ASN A 654 -37.27 11.73 -20.04
CA ASN A 654 -38.60 11.24 -19.70
C ASN A 654 -39.67 12.12 -20.33
N PRO A 655 -40.69 11.55 -20.99
CA PRO A 655 -41.81 12.34 -21.50
C PRO A 655 -42.92 12.55 -20.47
N ASP A 656 -42.53 12.87 -19.24
CA ASP A 656 -43.51 13.03 -18.16
C ASP A 656 -43.34 14.35 -17.41
N HIS A 657 -42.09 14.77 -17.22
CA HIS A 657 -41.85 16.01 -16.49
C HIS A 657 -42.25 17.20 -17.34
N PRO A 658 -43.19 18.03 -16.87
CA PRO A 658 -43.76 19.07 -17.75
C PRO A 658 -42.74 20.02 -18.35
N ILE A 659 -41.52 20.05 -17.81
CA ILE A 659 -40.47 20.88 -18.38
C ILE A 659 -40.16 20.43 -19.81
N VAL A 660 -40.10 19.12 -20.04
CA VAL A 660 -39.84 18.67 -21.40
C VAL A 660 -41.00 19.00 -22.33
N GLU A 661 -42.24 18.94 -21.83
CA GLU A 661 -43.38 19.28 -22.68
C GLU A 661 -43.38 20.76 -23.06
N THR A 662 -43.12 21.64 -22.09
CA THR A 662 -43.05 23.05 -22.43
C THR A 662 -41.86 23.34 -23.34
N LEU A 663 -40.75 22.63 -23.16
CA LEU A 663 -39.61 22.77 -24.06
C LEU A 663 -40.00 22.38 -25.49
N ARG A 664 -40.73 21.27 -25.64
CA ARG A 664 -41.12 20.82 -26.97
C ARG A 664 -42.09 21.80 -27.62
N GLN A 665 -43.07 22.29 -26.85
CA GLN A 665 -44.04 23.22 -27.44
C GLN A 665 -43.42 24.58 -27.69
N LYS A 666 -42.30 24.90 -27.04
CA LYS A 666 -41.57 26.11 -27.40
C LYS A 666 -40.73 25.89 -28.66
N ALA A 667 -40.04 24.75 -28.74
CA ALA A 667 -39.19 24.45 -29.88
C ALA A 667 -39.97 24.24 -31.16
N GLU A 668 -41.23 23.78 -31.07
CA GLU A 668 -42.04 23.62 -32.27
C GLU A 668 -42.34 24.96 -32.92
N ALA A 669 -42.27 26.05 -32.15
CA ALA A 669 -42.54 27.37 -32.70
C ALA A 669 -41.33 27.92 -33.43
N ASP A 670 -40.21 28.10 -32.73
CA ASP A 670 -38.98 28.64 -33.31
C ASP A 670 -37.97 27.53 -33.50
N LYS A 671 -37.36 27.48 -34.68
CA LYS A 671 -36.43 26.42 -35.03
C LYS A 671 -34.96 26.87 -34.99
N ASN A 672 -34.70 28.14 -34.66
CA ASN A 672 -33.34 28.65 -34.56
C ASN A 672 -33.18 29.58 -33.36
N ASP A 673 -33.89 29.28 -32.28
CA ASP A 673 -33.96 30.19 -31.13
C ASP A 673 -32.62 30.25 -30.40
N LYS A 674 -32.56 31.13 -29.40
CA LYS A 674 -31.33 31.38 -28.65
C LYS A 674 -31.29 30.63 -27.32
N ALA A 675 -32.32 30.81 -26.49
CA ALA A 675 -32.33 30.19 -25.16
C ALA A 675 -32.38 28.67 -25.23
N VAL A 676 -32.78 28.11 -26.38
CA VAL A 676 -32.85 26.66 -26.49
C VAL A 676 -31.47 26.02 -26.29
N LYS A 677 -30.43 26.61 -26.89
CA LYS A 677 -29.13 25.97 -26.86
C LYS A 677 -28.52 25.98 -25.46
N ASP A 678 -28.53 27.14 -24.78
CA ASP A 678 -27.92 27.17 -23.46
C ASP A 678 -28.76 26.40 -22.46
N LEU A 679 -30.10 26.43 -22.62
CA LEU A 679 -30.93 25.62 -21.74
C LEU A 679 -30.61 24.13 -21.90
N VAL A 680 -30.52 23.65 -23.14
CA VAL A 680 -30.31 22.22 -23.35
C VAL A 680 -28.92 21.81 -22.89
N VAL A 681 -27.91 22.66 -23.13
CA VAL A 681 -26.57 22.27 -22.68
C VAL A 681 -26.50 22.32 -21.16
N LEU A 682 -27.24 23.23 -20.52
CA LEU A 682 -27.27 23.25 -19.05
C LEU A 682 -27.88 21.97 -18.50
N LEU A 683 -29.01 21.54 -19.06
CA LEU A 683 -29.60 20.28 -18.60
C LEU A 683 -28.66 19.11 -18.87
N PHE A 684 -28.04 19.08 -20.05
CA PHE A 684 -27.10 18.01 -20.38
C PHE A 684 -25.97 17.95 -19.36
N GLU A 685 -25.35 19.09 -19.05
CA GLU A 685 -24.23 19.07 -18.12
C GLU A 685 -24.66 18.74 -16.71
N THR A 686 -25.85 19.19 -16.29
CA THR A 686 -26.28 18.89 -14.93
C THR A 686 -26.54 17.39 -14.76
N ALA A 687 -27.22 16.78 -15.75
CA ALA A 687 -27.34 15.33 -15.74
C ALA A 687 -25.98 14.65 -15.86
N LEU A 688 -25.03 15.27 -16.57
CA LEU A 688 -23.69 14.72 -16.67
C LEU A 688 -23.01 14.66 -15.31
N LEU A 689 -23.11 15.75 -14.55
CA LEU A 689 -22.49 15.80 -13.23
C LEU A 689 -23.16 14.82 -12.27
N SER A 690 -24.49 14.84 -12.23
CA SER A 690 -25.20 13.95 -11.32
C SER A 690 -25.42 12.58 -11.96
N SER A 691 -24.35 12.01 -12.50
CA SER A 691 -24.40 10.65 -13.03
C SER A 691 -23.09 9.90 -12.82
N GLY A 692 -22.10 10.49 -12.15
CA GLY A 692 -20.83 9.86 -11.87
C GLY A 692 -19.70 10.30 -12.78
N PHE A 693 -20.00 10.94 -13.91
CA PHE A 693 -18.97 11.46 -14.79
C PHE A 693 -18.35 12.72 -14.21
N SER A 694 -17.33 13.22 -14.90
CA SER A 694 -16.59 14.41 -14.49
C SER A 694 -16.59 15.42 -15.62
N LEU A 695 -16.92 16.67 -15.27
CA LEU A 695 -16.96 17.74 -16.25
C LEU A 695 -15.55 18.09 -16.73
N GLU A 696 -15.47 18.68 -17.93
CA GLU A 696 -14.18 19.02 -18.52
C GLU A 696 -13.67 20.38 -18.07
N ASP A 697 -14.56 21.31 -17.73
CA ASP A 697 -14.16 22.67 -17.40
C ASP A 697 -15.12 23.24 -16.36
N PRO A 698 -14.86 22.99 -15.07
CA PRO A 698 -15.76 23.50 -14.02
C PRO A 698 -15.87 25.02 -13.99
N GLN A 699 -14.83 25.74 -14.44
CA GLN A 699 -14.87 27.20 -14.37
C GLN A 699 -16.02 27.77 -15.21
N THR A 700 -16.21 27.27 -16.43
CA THR A 700 -17.31 27.74 -17.26
C THR A 700 -18.65 27.42 -16.60
N HIS A 701 -18.79 26.20 -16.10
CA HIS A 701 -19.96 25.81 -15.31
C HIS A 701 -20.28 26.83 -14.23
N SER A 702 -19.36 27.01 -13.29
CA SER A 702 -19.56 27.95 -12.20
C SER A 702 -19.91 29.34 -12.73
N ASN A 703 -19.30 29.72 -13.86
CA ASN A 703 -19.61 31.01 -14.45
C ASN A 703 -21.08 31.09 -14.85
N ARG A 704 -21.61 30.03 -15.47
CA ARG A 704 -23.00 30.05 -15.89
C ARG A 704 -23.93 30.14 -14.70
N ILE A 705 -23.66 29.38 -13.65
CA ILE A 705 -24.52 29.50 -12.46
C ILE A 705 -24.37 30.89 -11.83
N TYR A 706 -23.16 31.44 -11.82
CA TYR A 706 -22.96 32.76 -11.23
C TYR A 706 -23.73 33.82 -11.99
N ARG A 707 -23.67 33.81 -13.32
CA ARG A 707 -24.41 34.79 -14.08
C ARG A 707 -25.92 34.58 -13.92
N MET A 708 -26.35 33.31 -13.83
CA MET A 708 -27.77 33.05 -13.63
C MET A 708 -28.26 33.63 -12.31
N ILE A 709 -27.53 33.38 -11.22
CA ILE A 709 -27.98 33.89 -9.93
C ILE A 709 -27.88 35.41 -9.89
N LYS A 710 -26.87 35.97 -10.57
CA LYS A 710 -26.76 37.42 -10.63
C LYS A 710 -27.96 38.04 -11.34
N LEU A 711 -28.32 37.51 -12.51
CA LEU A 711 -29.45 38.06 -13.24
C LEU A 711 -30.76 37.81 -12.51
N GLY A 712 -30.88 36.69 -11.79
CA GLY A 712 -32.04 36.51 -10.94
C GLY A 712 -32.11 37.56 -9.85
N LEU A 713 -30.96 37.95 -9.30
CA LEU A 713 -30.91 39.05 -8.37
C LEU A 713 -31.16 40.39 -9.05
N GLY A 714 -31.18 40.41 -10.38
CA GLY A 714 -31.45 41.62 -11.13
C GLY A 714 -30.42 42.71 -10.95
N ILE A 715 -29.14 42.36 -11.06
CA ILE A 715 -28.07 43.34 -10.88
C ILE A 715 -27.78 44.09 -12.18
N ASP A 716 -27.55 43.36 -13.27
CA ASP A 716 -27.25 43.94 -14.56
C ASP A 716 -26.01 44.84 -14.50
N GLU A 717 -25.83 45.70 -15.50
CA GLU A 717 -24.68 46.59 -15.66
C GLU A 717 -23.37 45.99 -15.14
N GLU B 35 52.96 -41.46 22.84
CA GLU B 35 54.14 -42.25 22.52
C GLU B 35 53.84 -43.22 21.38
N GLU B 36 52.56 -43.44 21.11
CA GLU B 36 52.11 -44.34 20.06
C GLU B 36 51.09 -43.62 19.17
N VAL B 37 51.45 -42.42 18.73
CA VAL B 37 50.60 -41.70 17.79
C VAL B 37 50.53 -42.47 16.48
N GLU B 38 49.43 -42.27 15.74
CA GLU B 38 49.28 -42.93 14.46
C GLU B 38 48.56 -42.01 13.49
N THR B 39 49.12 -41.89 12.29
CA THR B 39 48.59 -41.02 11.25
C THR B 39 48.55 -41.75 9.92
N PHE B 40 47.63 -41.31 9.05
CA PHE B 40 47.50 -41.87 7.71
C PHE B 40 47.02 -40.79 6.78
N ALA B 41 46.57 -41.20 5.60
CA ALA B 41 45.96 -40.32 4.61
C ALA B 41 44.50 -40.68 4.44
N PHE B 42 43.75 -39.76 3.83
CA PHE B 42 42.32 -39.96 3.65
C PHE B 42 42.05 -40.94 2.51
N GLN B 43 40.85 -41.52 2.54
CA GLN B 43 40.35 -42.38 1.47
C GLN B 43 38.91 -42.02 1.15
N ALA B 44 38.28 -42.81 0.27
CA ALA B 44 36.93 -42.52 -0.17
C ALA B 44 36.25 -43.80 -0.62
N GLU B 45 34.92 -43.81 -0.52
CA GLU B 45 34.10 -44.88 -1.08
C GLU B 45 33.59 -44.43 -2.44
N ILE B 46 33.39 -45.37 -3.35
CA ILE B 46 33.15 -45.02 -4.75
C ILE B 46 31.66 -45.00 -5.09
N ALA B 47 30.89 -46.01 -4.68
CA ALA B 47 29.49 -46.11 -5.14
C ALA B 47 28.64 -44.98 -4.58
N GLN B 48 28.73 -44.73 -3.27
CA GLN B 48 28.02 -43.60 -2.71
C GLN B 48 28.48 -42.30 -3.36
N LEU B 49 29.79 -42.20 -3.63
CA LEU B 49 30.31 -41.01 -4.28
C LEU B 49 29.71 -40.82 -5.67
N MET B 50 29.61 -41.90 -6.45
CA MET B 50 29.07 -41.77 -7.81
C MET B 50 27.59 -41.41 -7.77
N SER B 51 26.83 -42.03 -6.87
CA SER B 51 25.42 -41.66 -6.75
C SER B 51 25.27 -40.20 -6.36
N LEU B 52 26.06 -39.75 -5.39
CA LEU B 52 26.01 -38.34 -4.97
C LEU B 52 26.37 -37.42 -6.12
N ILE B 53 27.46 -37.71 -6.83
CA ILE B 53 27.94 -36.81 -7.87
C ILE B 53 26.97 -36.78 -9.04
N ILE B 54 26.17 -37.83 -9.20
CA ILE B 54 25.26 -37.88 -10.35
C ILE B 54 23.94 -37.20 -10.02
N ASN B 55 23.32 -37.54 -8.89
CA ASN B 55 21.90 -37.25 -8.71
C ASN B 55 21.58 -36.29 -7.57
N THR B 56 22.49 -35.40 -7.19
CA THR B 56 22.25 -34.59 -6.00
C THR B 56 22.21 -33.09 -6.26
N PHE B 57 23.10 -32.58 -7.12
CA PHE B 57 23.32 -31.13 -7.16
C PHE B 57 22.34 -30.44 -8.10
N TYR B 58 22.31 -30.85 -9.36
CA TYR B 58 21.62 -30.11 -10.41
C TYR B 58 20.11 -30.07 -10.18
N SER B 59 19.51 -28.98 -10.66
CA SER B 59 18.08 -28.76 -10.48
C SER B 59 17.27 -29.38 -11.62
N ASN B 60 17.55 -28.96 -12.84
CA ASN B 60 16.83 -29.47 -14.01
C ASN B 60 17.51 -30.74 -14.52
N LYS B 61 17.05 -31.26 -15.66
CA LYS B 61 17.57 -32.50 -16.20
C LYS B 61 18.03 -32.37 -17.65
N GLU B 62 18.28 -31.16 -18.14
CA GLU B 62 18.66 -30.95 -19.53
C GLU B 62 20.00 -30.23 -19.67
N ILE B 63 20.71 -29.98 -18.57
CA ILE B 63 21.93 -29.18 -18.62
C ILE B 63 23.09 -29.99 -19.14
N PHE B 64 22.88 -31.29 -19.35
CA PHE B 64 23.97 -32.17 -19.76
C PHE B 64 24.53 -31.77 -21.13
N LEU B 65 23.65 -31.43 -22.08
CA LEU B 65 24.11 -31.06 -23.42
C LEU B 65 25.03 -29.86 -23.38
N ARG B 66 24.77 -28.92 -22.48
CA ARG B 66 25.64 -27.77 -22.31
C ARG B 66 27.04 -28.21 -21.90
N GLU B 67 27.14 -29.15 -20.96
CA GLU B 67 28.45 -29.64 -20.54
C GLU B 67 29.15 -30.37 -21.68
N LEU B 68 28.40 -31.17 -22.45
CA LEU B 68 29.01 -31.89 -23.57
C LEU B 68 29.58 -30.93 -24.60
N ILE B 69 28.81 -29.91 -24.99
CA ILE B 69 29.32 -28.97 -25.98
C ILE B 69 30.44 -28.13 -25.38
N SER B 70 30.43 -27.90 -24.07
CA SER B 70 31.55 -27.22 -23.43
C SER B 70 32.83 -28.01 -23.58
N ASN B 71 32.78 -29.32 -23.35
CA ASN B 71 33.98 -30.14 -23.53
C ASN B 71 34.40 -30.21 -24.99
N ALA B 72 33.42 -30.24 -25.90
CA ALA B 72 33.74 -30.21 -27.32
C ALA B 72 34.50 -28.93 -27.69
N SER B 73 33.99 -27.78 -27.25
CA SER B 73 34.70 -26.52 -27.47
C SER B 73 36.05 -26.52 -26.77
N ASP B 74 36.17 -27.21 -25.63
CA ASP B 74 37.45 -27.33 -24.96
C ASP B 74 38.48 -27.94 -25.89
N ALA B 75 38.15 -29.10 -26.46
CA ALA B 75 39.06 -29.76 -27.38
C ALA B 75 39.32 -28.91 -28.62
N LEU B 76 38.28 -28.25 -29.13
CA LEU B 76 38.43 -27.40 -30.30
C LEU B 76 39.44 -26.30 -30.07
N ASP B 77 39.28 -25.54 -28.98
CA ASP B 77 40.18 -24.43 -28.70
C ASP B 77 41.59 -24.93 -28.43
N LYS B 78 41.71 -26.07 -27.75
CA LYS B 78 43.04 -26.65 -27.52
C LYS B 78 43.76 -26.89 -28.84
N ILE B 79 43.11 -27.60 -29.76
CA ILE B 79 43.79 -27.92 -31.02
C ILE B 79 44.00 -26.65 -31.84
N ARG B 80 43.08 -25.69 -31.76
CA ARG B 80 43.25 -24.44 -32.50
C ARG B 80 44.51 -23.73 -32.06
N TYR B 81 44.69 -23.57 -30.75
CA TYR B 81 45.89 -22.88 -30.27
C TYR B 81 47.14 -23.68 -30.63
N GLU B 82 47.08 -25.01 -30.51
CA GLU B 82 48.25 -25.81 -30.85
C GLU B 82 48.63 -25.63 -32.32
N SER B 83 47.63 -25.44 -33.19
CA SER B 83 47.92 -25.32 -34.62
C SER B 83 48.78 -24.10 -34.94
N LEU B 84 48.66 -23.02 -34.16
CA LEU B 84 49.42 -21.82 -34.48
C LEU B 84 50.82 -21.93 -33.88
N THR B 85 51.46 -23.08 -34.12
CA THR B 85 52.90 -23.27 -33.92
C THR B 85 53.57 -23.98 -35.07
N ASP B 86 52.87 -24.80 -35.83
CA ASP B 86 53.38 -25.66 -36.89
C ASP B 86 52.23 -26.09 -37.80
N PRO B 87 51.78 -25.21 -38.69
CA PRO B 87 50.51 -25.46 -39.41
C PRO B 87 50.56 -26.65 -40.36
N SER B 88 51.73 -27.26 -40.54
CA SER B 88 51.86 -28.41 -41.44
C SER B 88 51.40 -29.71 -40.81
N LYS B 89 51.05 -29.72 -39.53
CA LYS B 89 50.66 -30.93 -38.83
C LYS B 89 49.18 -31.26 -38.97
N LEU B 90 48.41 -30.40 -39.64
CA LEU B 90 46.97 -30.57 -39.78
C LEU B 90 46.61 -31.16 -41.15
N ASP B 91 47.43 -32.09 -41.63
CA ASP B 91 47.20 -32.68 -42.95
C ASP B 91 46.13 -33.77 -42.94
N SER B 92 45.34 -33.88 -41.88
CA SER B 92 44.21 -34.82 -41.80
C SER B 92 42.99 -33.98 -41.45
N GLY B 93 42.30 -33.47 -42.48
CA GLY B 93 41.21 -32.53 -42.26
C GLY B 93 41.73 -31.11 -42.14
N LYS B 94 41.07 -30.17 -42.80
CA LYS B 94 41.53 -28.79 -42.84
C LYS B 94 40.50 -27.79 -42.33
N GLU B 95 39.46 -28.25 -41.63
CA GLU B 95 38.38 -27.38 -41.22
C GLU B 95 37.93 -27.72 -39.81
N LEU B 96 36.95 -26.98 -39.32
CA LEU B 96 36.42 -27.13 -37.97
C LEU B 96 34.90 -27.09 -38.02
N LYS B 97 34.26 -27.98 -37.27
CA LYS B 97 32.80 -28.07 -37.28
C LYS B 97 32.33 -28.94 -36.12
N ILE B 98 31.07 -28.75 -35.74
CA ILE B 98 30.40 -29.51 -34.69
C ILE B 98 29.08 -30.01 -35.27
N ASP B 99 28.69 -31.24 -34.95
CA ASP B 99 27.52 -31.83 -35.58
C ASP B 99 26.70 -32.62 -34.57
N ILE B 100 25.40 -32.71 -34.83
CA ILE B 100 24.46 -33.44 -33.98
C ILE B 100 23.77 -34.52 -34.84
N ILE B 101 23.63 -35.72 -34.27
CA ILE B 101 23.02 -36.85 -34.97
C ILE B 101 21.95 -37.47 -34.08
N PRO B 102 20.69 -37.05 -34.17
CA PRO B 102 19.61 -37.86 -33.57
C PRO B 102 19.33 -39.09 -34.41
N ASN B 103 18.81 -40.13 -33.76
CA ASN B 103 18.44 -41.35 -34.47
C ASN B 103 17.39 -42.10 -33.68
N PRO B 104 16.10 -41.91 -34.00
CA PRO B 104 15.01 -42.60 -33.29
C PRO B 104 14.70 -43.98 -33.87
N GLN B 105 15.74 -44.77 -34.13
CA GLN B 105 15.56 -46.14 -34.59
C GLN B 105 16.21 -47.13 -33.65
N GLU B 106 17.49 -46.95 -33.35
CA GLU B 106 18.14 -47.62 -32.23
C GLU B 106 18.24 -46.71 -31.01
N ARG B 107 17.58 -45.55 -31.04
CA ARG B 107 17.51 -44.62 -29.91
C ARG B 107 18.91 -44.12 -29.53
N THR B 108 19.52 -43.44 -30.49
CA THR B 108 20.90 -42.99 -30.34
C THR B 108 21.02 -41.48 -30.61
N LEU B 109 22.05 -40.88 -30.02
CA LEU B 109 22.25 -39.44 -29.97
C LEU B 109 23.72 -39.10 -30.29
N THR B 110 24.21 -39.59 -31.43
CA THR B 110 25.60 -39.38 -31.78
C THR B 110 25.93 -37.89 -31.82
N LEU B 111 27.09 -37.53 -31.28
CA LEU B 111 27.45 -36.12 -31.10
C LEU B 111 28.91 -35.89 -31.55
N VAL B 112 29.21 -36.30 -32.78
CA VAL B 112 30.56 -36.16 -33.31
C VAL B 112 31.00 -34.70 -33.28
N ASP B 113 32.24 -34.47 -32.87
CA ASP B 113 32.92 -33.19 -33.04
C ASP B 113 34.27 -33.47 -33.69
N THR B 114 35.10 -32.44 -33.77
CA THR B 114 36.41 -32.54 -34.41
C THR B 114 37.48 -31.90 -33.52
N GLY B 115 37.47 -32.26 -32.24
CA GLY B 115 38.42 -31.74 -31.28
C GLY B 115 39.83 -32.27 -31.49
N ILE B 116 40.60 -32.26 -30.41
CA ILE B 116 42.00 -32.64 -30.50
C ILE B 116 42.21 -34.16 -30.53
N GLY B 117 41.43 -34.92 -29.77
CA GLY B 117 41.63 -36.34 -29.63
C GLY B 117 42.08 -36.69 -28.21
N MET B 118 42.55 -37.93 -28.07
CA MET B 118 42.92 -38.43 -26.75
C MET B 118 43.71 -39.72 -26.93
N THR B 119 44.70 -39.94 -26.07
CA THR B 119 45.53 -41.15 -26.09
C THR B 119 45.08 -42.13 -25.02
N LYS B 120 45.51 -43.39 -25.19
CA LYS B 120 45.05 -44.45 -24.30
C LYS B 120 45.49 -44.22 -22.87
N ALA B 121 46.74 -43.80 -22.67
CA ALA B 121 47.27 -43.65 -21.32
C ALA B 121 46.58 -42.50 -20.58
N ASP B 122 46.47 -41.34 -21.23
CA ASP B 122 45.76 -40.22 -20.62
C ASP B 122 44.29 -40.60 -20.41
N LEU B 123 43.72 -41.36 -21.34
CA LEU B 123 42.33 -41.81 -21.17
C LEU B 123 42.19 -42.63 -19.89
N ILE B 124 43.03 -43.66 -19.72
CA ILE B 124 42.85 -44.56 -18.60
C ILE B 124 43.20 -43.89 -17.27
N ASN B 125 44.30 -43.12 -17.21
CA ASN B 125 44.70 -42.56 -15.92
C ASN B 125 44.07 -41.21 -15.63
N ASN B 126 43.30 -40.65 -16.57
CA ASN B 126 42.67 -39.35 -16.39
C ASN B 126 41.15 -39.44 -16.35
N LEU B 127 40.54 -40.02 -17.39
CA LEU B 127 39.08 -40.14 -17.42
C LEU B 127 38.59 -41.07 -16.31
N GLY B 128 39.31 -42.16 -16.07
CA GLY B 128 38.89 -43.11 -15.07
C GLY B 128 39.23 -42.68 -13.65
N THR B 129 38.89 -41.45 -13.29
CA THR B 129 39.13 -40.94 -11.95
C THR B 129 38.22 -39.76 -11.68
N ILE B 130 37.55 -39.77 -10.53
CA ILE B 130 36.61 -38.72 -10.19
C ILE B 130 37.35 -37.44 -9.85
N ALA B 131 36.79 -36.30 -10.28
CA ALA B 131 37.16 -34.97 -9.79
C ALA B 131 38.64 -34.64 -10.03
N LYS B 132 39.02 -34.53 -11.30
CA LYS B 132 40.31 -33.92 -11.66
C LYS B 132 40.22 -33.42 -13.11
N SER B 133 40.78 -32.25 -13.36
CA SER B 133 40.81 -31.65 -14.69
C SER B 133 42.21 -31.74 -15.27
N GLY B 134 42.31 -32.31 -16.46
CA GLY B 134 43.58 -32.30 -17.17
C GLY B 134 43.86 -30.96 -17.79
N THR B 135 42.81 -30.14 -17.92
CA THR B 135 42.96 -28.82 -18.51
C THR B 135 43.87 -27.93 -17.67
N LYS B 136 43.73 -28.00 -16.34
CA LYS B 136 44.59 -27.21 -15.47
C LYS B 136 46.05 -27.60 -15.62
N ALA B 137 46.33 -28.91 -15.66
CA ALA B 137 47.70 -29.35 -15.84
C ALA B 137 48.27 -28.91 -17.18
N PHE B 138 47.47 -29.04 -18.24
CA PHE B 138 47.92 -28.61 -19.55
C PHE B 138 48.19 -27.10 -19.59
N MET B 139 47.29 -26.31 -19.01
CA MET B 139 47.45 -24.86 -19.01
C MET B 139 48.68 -24.45 -18.20
N GLU B 140 48.91 -25.10 -17.05
CA GLU B 140 50.10 -24.80 -16.27
C GLU B 140 51.36 -25.22 -17.00
N ALA B 141 51.30 -26.29 -17.79
CA ALA B 141 52.45 -26.69 -18.60
C ALA B 141 52.78 -25.67 -19.67
N LEU B 142 51.85 -24.78 -20.00
CA LEU B 142 52.03 -23.80 -21.07
C LEU B 142 52.58 -22.51 -20.48
N GLN B 143 53.91 -22.42 -20.39
CA GLN B 143 54.61 -21.24 -19.89
C GLN B 143 54.02 -20.71 -18.58
N ALA B 144 54.05 -19.39 -18.42
CA ALA B 144 53.40 -18.71 -17.29
C ALA B 144 53.02 -17.31 -17.79
N GLY B 145 51.77 -17.19 -18.23
CA GLY B 145 51.31 -15.96 -18.86
C GLY B 145 51.29 -16.08 -20.37
N ALA B 146 50.09 -16.11 -20.94
CA ALA B 146 49.92 -16.26 -22.38
C ALA B 146 48.66 -15.52 -22.80
N ASP B 147 48.21 -15.79 -24.02
CA ASP B 147 47.07 -15.10 -24.61
C ASP B 147 45.97 -16.11 -25.01
N ILE B 148 45.20 -16.53 -24.02
CA ILE B 148 44.03 -17.38 -24.24
C ILE B 148 43.16 -17.33 -23.00
N SER B 149 41.85 -17.51 -23.20
CA SER B 149 40.87 -17.49 -22.12
C SER B 149 39.99 -18.72 -22.28
N MET B 150 40.30 -19.78 -21.53
CA MET B 150 39.67 -21.06 -21.71
C MET B 150 38.64 -21.26 -20.59
N ILE B 151 37.76 -22.26 -20.74
CA ILE B 151 36.68 -22.51 -19.80
C ILE B 151 36.78 -23.97 -19.32
N GLY B 152 36.51 -24.17 -18.03
CA GLY B 152 36.50 -25.50 -17.44
C GLY B 152 37.63 -25.72 -16.46
N GLN B 153 37.31 -25.80 -15.16
CA GLN B 153 38.33 -26.03 -14.15
C GLN B 153 37.94 -27.04 -13.08
N PHE B 154 36.72 -27.58 -13.10
CA PHE B 154 36.27 -28.47 -12.03
C PHE B 154 36.63 -29.92 -12.32
N GLY B 155 36.22 -30.44 -13.47
CA GLY B 155 36.62 -31.77 -13.88
C GLY B 155 35.48 -32.75 -14.00
N VAL B 156 34.53 -32.71 -13.08
CA VAL B 156 33.39 -33.64 -13.10
C VAL B 156 32.29 -32.96 -13.90
N GLY B 157 32.39 -33.07 -15.22
CA GLY B 157 31.33 -32.60 -16.10
C GLY B 157 30.77 -33.71 -16.95
N PHE B 158 31.62 -34.68 -17.30
CA PHE B 158 31.16 -35.82 -18.08
C PHE B 158 30.33 -36.78 -17.26
N TYR B 159 30.54 -36.79 -15.94
CA TYR B 159 29.79 -37.66 -15.04
C TYR B 159 28.42 -37.10 -14.70
N SER B 160 28.08 -35.93 -15.23
CA SER B 160 26.72 -35.43 -15.21
C SER B 160 25.91 -35.87 -16.42
N ALA B 161 26.55 -36.52 -17.40
CA ALA B 161 25.84 -37.02 -18.56
C ALA B 161 24.97 -38.23 -18.26
N TYR B 162 25.10 -38.81 -17.06
CA TYR B 162 24.31 -39.96 -16.67
C TYR B 162 23.01 -39.58 -15.97
N LEU B 163 22.71 -38.28 -15.86
CA LEU B 163 21.46 -37.86 -15.24
C LEU B 163 20.27 -38.41 -16.01
N VAL B 164 20.31 -38.33 -17.34
CA VAL B 164 19.32 -38.98 -18.20
C VAL B 164 20.11 -39.79 -19.23
N ALA B 165 20.40 -41.04 -18.90
CA ALA B 165 21.17 -41.95 -19.74
C ALA B 165 21.20 -43.31 -19.06
N GLU B 166 21.52 -44.33 -19.84
CA GLU B 166 21.63 -45.68 -19.28
C GLU B 166 22.94 -46.33 -19.71
N LYS B 167 23.49 -45.90 -20.84
CA LYS B 167 24.72 -46.48 -21.35
C LYS B 167 25.34 -45.52 -22.36
N VAL B 168 26.59 -45.14 -22.13
CA VAL B 168 27.32 -44.30 -23.07
C VAL B 168 28.54 -45.05 -23.54
N VAL B 169 28.95 -44.78 -24.77
CA VAL B 169 30.19 -45.30 -25.33
C VAL B 169 30.91 -44.15 -26.02
N VAL B 170 32.21 -44.03 -25.76
CA VAL B 170 33.00 -42.97 -26.37
C VAL B 170 33.97 -43.61 -27.37
N ILE B 171 34.02 -43.02 -28.56
CA ILE B 171 34.82 -43.53 -29.67
C ILE B 171 35.92 -42.51 -29.93
N THR B 172 37.17 -42.94 -29.78
CA THR B 172 38.28 -42.00 -29.79
C THR B 172 39.42 -42.52 -30.66
N LYS B 173 40.22 -41.57 -31.17
CA LYS B 173 41.40 -41.88 -31.95
C LYS B 173 42.29 -40.66 -32.01
N HIS B 174 43.59 -40.87 -31.84
CA HIS B 174 44.60 -39.84 -31.99
C HIS B 174 45.36 -40.06 -33.29
N ASN B 175 46.00 -39.00 -33.78
CA ASN B 175 46.73 -39.09 -35.04
C ASN B 175 47.88 -40.08 -34.96
N ASP B 176 48.57 -40.13 -33.82
CA ASP B 176 49.67 -41.05 -33.61
C ASP B 176 49.27 -42.25 -32.76
N ASP B 177 47.97 -42.54 -32.67
CA ASP B 177 47.47 -43.68 -31.92
C ASP B 177 46.53 -44.47 -32.82
N GLU B 178 45.85 -45.44 -32.23
CA GLU B 178 44.93 -46.31 -32.96
C GLU B 178 43.50 -46.05 -32.49
N GLN B 179 42.56 -46.64 -33.22
CA GLN B 179 41.15 -46.47 -32.89
C GLN B 179 40.82 -47.22 -31.61
N TYR B 180 40.01 -46.59 -30.75
CA TYR B 180 39.68 -47.15 -29.45
C TYR B 180 38.25 -46.81 -29.06
N ALA B 181 37.65 -47.66 -28.25
CA ALA B 181 36.28 -47.47 -27.76
C ALA B 181 36.22 -47.77 -26.28
N TRP B 182 35.56 -46.89 -25.52
CA TRP B 182 35.43 -47.03 -24.08
C TRP B 182 33.96 -47.15 -23.71
N GLU B 183 33.66 -48.06 -22.79
CA GLU B 183 32.29 -48.45 -22.45
C GLU B 183 32.11 -48.53 -20.94
N SER B 184 30.95 -48.10 -20.46
CA SER B 184 30.57 -48.21 -19.07
C SER B 184 29.06 -48.06 -18.95
N SER B 185 28.53 -48.50 -17.80
CA SER B 185 27.10 -48.42 -17.55
C SER B 185 26.79 -48.02 -16.11
N ALA B 186 27.50 -47.03 -15.57
CA ALA B 186 27.27 -46.51 -14.23
C ALA B 186 27.50 -47.55 -13.13
N GLY B 187 28.32 -48.56 -13.41
CA GLY B 187 28.58 -49.58 -12.41
C GLY B 187 29.76 -49.23 -11.54
N GLY B 188 30.76 -50.10 -11.50
CA GLY B 188 31.96 -49.84 -10.73
C GLY B 188 33.20 -50.10 -11.55
N SER B 189 33.02 -50.47 -12.81
CA SER B 189 34.13 -50.79 -13.69
C SER B 189 33.88 -50.19 -15.06
N PHE B 190 34.92 -50.19 -15.88
CA PHE B 190 34.87 -49.64 -17.23
C PHE B 190 35.71 -50.53 -18.12
N THR B 191 35.50 -50.41 -19.43
CA THR B 191 36.32 -51.16 -20.37
C THR B 191 36.79 -50.29 -21.53
N VAL B 192 37.96 -50.63 -22.04
CA VAL B 192 38.50 -50.04 -23.26
C VAL B 192 38.81 -51.18 -24.22
N ARG B 193 38.77 -50.88 -25.52
CA ARG B 193 39.01 -51.93 -26.50
C ARG B 193 39.41 -51.33 -27.84
N ALA B 194 40.39 -51.95 -28.48
CA ALA B 194 40.79 -51.57 -29.83
C ALA B 194 39.76 -52.07 -30.83
N ASP B 195 39.58 -51.33 -31.91
CA ASP B 195 38.53 -51.62 -32.86
C ASP B 195 38.93 -51.13 -34.24
N HIS B 196 38.24 -51.68 -35.24
CA HIS B 196 38.45 -51.33 -36.64
C HIS B 196 37.09 -51.05 -37.27
N GLY B 197 37.06 -50.11 -38.20
CA GLY B 197 35.83 -49.75 -38.87
C GLY B 197 35.93 -48.48 -39.69
N GLU B 198 34.97 -47.58 -39.51
CA GLU B 198 34.99 -46.31 -40.23
C GLU B 198 36.17 -45.47 -39.75
N PRO B 199 37.01 -44.96 -40.65
CA PRO B 199 38.18 -44.18 -40.20
C PRO B 199 37.83 -42.75 -39.83
N ILE B 200 38.24 -42.34 -38.64
CA ILE B 200 38.05 -40.97 -38.17
C ILE B 200 39.39 -40.25 -38.24
N GLY B 201 39.37 -39.00 -38.71
CA GLY B 201 40.59 -38.24 -38.84
C GLY B 201 41.18 -37.83 -37.50
N ARG B 202 40.52 -36.89 -36.81
CA ARG B 202 41.00 -36.45 -35.51
C ARG B 202 39.89 -36.22 -34.50
N GLY B 203 38.63 -36.46 -34.86
CA GLY B 203 37.51 -36.17 -33.97
C GLY B 203 37.25 -37.29 -32.97
N THR B 204 36.26 -37.05 -32.12
CA THR B 204 35.80 -38.04 -31.17
C THR B 204 34.28 -38.10 -31.18
N LYS B 205 33.74 -39.29 -30.92
CA LYS B 205 32.32 -39.55 -30.91
C LYS B 205 31.86 -39.88 -29.51
N VAL B 206 30.67 -39.39 -29.15
CA VAL B 206 29.99 -39.81 -27.93
C VAL B 206 28.62 -40.33 -28.35
N ILE B 207 28.34 -41.59 -28.01
CA ILE B 207 27.09 -42.24 -28.40
C ILE B 207 26.38 -42.70 -27.14
N LEU B 208 25.05 -42.60 -27.16
CA LEU B 208 24.26 -42.81 -25.96
C LEU B 208 23.11 -43.77 -26.25
N HIS B 209 22.60 -44.38 -25.19
CA HIS B 209 21.33 -45.10 -25.21
C HIS B 209 20.42 -44.38 -24.22
N LEU B 210 19.32 -43.82 -24.72
CA LEU B 210 18.46 -42.99 -23.90
C LEU B 210 17.53 -43.86 -23.06
N LYS B 211 17.09 -43.30 -21.92
CA LYS B 211 16.13 -43.97 -21.07
C LYS B 211 14.78 -44.03 -21.78
N GLU B 212 13.90 -44.93 -21.34
CA GLU B 212 12.59 -45.07 -21.95
C GLU B 212 11.63 -43.98 -21.52
N ASP B 213 11.68 -43.57 -20.25
CA ASP B 213 10.72 -42.60 -19.73
C ASP B 213 10.97 -41.19 -20.26
N GLN B 214 12.20 -40.88 -20.70
CA GLN B 214 12.57 -39.54 -21.13
C GLN B 214 12.80 -39.47 -22.64
N THR B 215 11.98 -40.16 -23.42
CA THR B 215 12.05 -40.09 -24.88
C THR B 215 11.33 -38.87 -25.42
N GLU B 216 11.65 -37.72 -24.85
CA GLU B 216 11.00 -36.46 -25.22
C GLU B 216 11.98 -35.43 -25.79
N TYR B 217 13.28 -35.57 -25.50
CA TYR B 217 14.28 -34.62 -25.93
C TYR B 217 14.76 -34.88 -27.35
N LEU B 218 14.26 -35.94 -27.99
CA LEU B 218 14.73 -36.33 -29.32
C LEU B 218 14.21 -35.46 -30.44
N GLU B 219 13.00 -34.92 -30.31
CA GLU B 219 12.42 -34.12 -31.39
C GLU B 219 13.13 -32.77 -31.50
N GLU B 220 12.92 -32.10 -32.64
CA GLU B 220 13.76 -30.97 -33.00
C GLU B 220 13.44 -29.73 -32.19
N ARG B 221 12.16 -29.52 -31.86
CA ARG B 221 11.77 -28.25 -31.24
C ARG B 221 12.40 -28.08 -29.86
N ARG B 222 12.42 -29.13 -29.04
CA ARG B 222 13.04 -29.04 -27.73
C ARG B 222 14.54 -28.76 -27.84
N VAL B 223 15.22 -29.43 -28.77
CA VAL B 223 16.65 -29.23 -28.95
C VAL B 223 16.94 -27.80 -29.37
N LYS B 224 16.16 -27.29 -30.34
CA LYS B 224 16.36 -25.91 -30.77
C LYS B 224 16.11 -24.94 -29.62
N GLU B 225 15.05 -25.17 -28.85
CA GLU B 225 14.75 -24.29 -27.73
C GLU B 225 15.91 -24.27 -26.73
N VAL B 226 16.41 -25.44 -26.35
CA VAL B 226 17.44 -25.51 -25.32
C VAL B 226 18.75 -24.92 -25.83
N VAL B 227 19.08 -25.16 -27.10
CA VAL B 227 20.34 -24.63 -27.63
C VAL B 227 20.26 -23.11 -27.76
N LYS B 228 19.09 -22.57 -28.12
CA LYS B 228 18.92 -21.12 -28.12
C LYS B 228 19.03 -20.56 -26.71
N LYS B 229 18.41 -21.22 -25.73
CA LYS B 229 18.35 -20.66 -24.39
C LYS B 229 19.73 -20.57 -23.75
N HIS B 230 20.51 -21.65 -23.82
CA HIS B 230 21.75 -21.76 -23.03
C HIS B 230 22.98 -21.28 -23.77
N SER B 231 23.32 -21.91 -24.89
CA SER B 231 24.59 -21.66 -25.57
C SER B 231 24.33 -21.52 -27.07
N GLN B 232 24.35 -20.28 -27.55
CA GLN B 232 24.24 -19.99 -28.98
C GLN B 232 25.31 -19.03 -29.45
N PHE B 233 26.22 -18.61 -28.56
CA PHE B 233 27.19 -17.56 -28.88
C PHE B 233 28.58 -18.11 -29.13
N ILE B 234 28.78 -19.43 -29.01
CA ILE B 234 30.04 -20.02 -29.42
C ILE B 234 30.23 -19.82 -30.91
N GLY B 235 31.33 -19.18 -31.29
CA GLY B 235 31.55 -18.80 -32.67
C GLY B 235 32.02 -19.94 -33.55
N TYR B 236 31.40 -21.11 -33.40
CA TYR B 236 31.79 -22.31 -34.13
C TYR B 236 30.54 -22.92 -34.74
N PRO B 237 30.69 -23.62 -35.87
CA PRO B 237 29.51 -24.07 -36.63
C PRO B 237 28.88 -25.36 -36.14
N ILE B 238 27.96 -25.28 -35.18
CA ILE B 238 27.18 -26.44 -34.77
C ILE B 238 26.06 -26.68 -35.78
N THR B 239 25.92 -27.92 -36.24
CA THR B 239 25.05 -28.27 -37.35
C THR B 239 24.14 -29.44 -36.99
N LEU B 240 23.06 -29.58 -37.75
CA LEU B 240 22.01 -30.55 -37.50
C LEU B 240 21.72 -31.34 -38.77
N TYR B 241 21.46 -32.65 -38.61
CA TYR B 241 21.27 -33.60 -39.71
C TYR B 241 20.01 -34.44 -39.51
N LEU B 242 18.88 -33.80 -39.22
CA LEU B 242 17.63 -34.54 -39.13
C LEU B 242 17.08 -34.86 -40.51
N GLU B 243 15.89 -35.45 -40.55
CA GLU B 243 15.33 -36.05 -41.76
C GLU B 243 13.81 -35.79 -41.78
N LYS B 244 13.39 -34.81 -42.58
CA LYS B 244 11.98 -34.49 -42.72
C LYS B 244 11.59 -34.57 -44.21
N GLU B 245 10.29 -34.66 -44.47
CA GLU B 245 9.77 -34.65 -45.83
C GLU B 245 10.03 -33.30 -46.49
N LYS B 298 14.10 -37.38 -52.49
CA LYS B 298 12.67 -37.17 -52.24
C LYS B 298 12.44 -36.72 -50.80
N GLU B 299 13.39 -37.04 -49.93
CA GLU B 299 13.26 -36.73 -48.51
C GLU B 299 14.38 -35.85 -47.97
N LYS B 300 15.44 -35.62 -48.75
CA LYS B 300 16.55 -34.73 -48.41
C LYS B 300 17.28 -35.13 -47.14
N TYR B 301 18.47 -34.56 -46.93
CA TYR B 301 19.23 -34.69 -45.68
C TYR B 301 19.39 -33.28 -45.15
N ILE B 302 18.54 -32.91 -44.18
CA ILE B 302 18.58 -31.55 -43.64
C ILE B 302 19.96 -31.27 -43.08
N ASP B 303 20.53 -30.13 -43.48
CA ASP B 303 21.87 -29.71 -43.08
C ASP B 303 21.81 -28.33 -42.47
N GLN B 304 20.83 -28.11 -41.59
CA GLN B 304 20.59 -26.82 -41.00
C GLN B 304 21.79 -26.38 -40.17
N GLU B 305 22.48 -25.34 -40.63
CA GLU B 305 23.71 -24.86 -40.02
C GLU B 305 23.49 -23.60 -39.18
N GLU B 306 22.34 -22.95 -39.32
CA GLU B 306 22.05 -21.66 -38.71
C GLU B 306 21.85 -21.71 -37.19
N LEU B 307 22.19 -22.81 -36.50
CA LEU B 307 22.01 -22.86 -35.05
C LEU B 307 22.70 -21.67 -34.37
N ASN B 308 23.89 -21.30 -34.83
CA ASN B 308 24.55 -20.09 -34.32
C ASN B 308 25.16 -19.36 -35.51
N LYS B 309 24.61 -18.19 -35.82
CA LYS B 309 25.13 -17.38 -36.91
C LYS B 309 25.15 -15.90 -36.57
N THR B 310 25.19 -15.55 -35.29
CA THR B 310 25.27 -14.17 -34.83
C THR B 310 26.44 -14.07 -33.85
N LYS B 311 27.63 -13.80 -34.40
CA LYS B 311 28.84 -13.77 -33.61
C LYS B 311 28.80 -12.61 -32.61
N PRO B 312 29.51 -12.74 -31.49
CA PRO B 312 29.51 -11.65 -30.50
C PRO B 312 30.21 -10.42 -31.04
N ILE B 313 29.83 -9.26 -30.49
CA ILE B 313 30.30 -7.98 -31.00
C ILE B 313 31.09 -7.18 -29.98
N TRP B 314 31.02 -7.51 -28.69
CA TRP B 314 31.79 -6.77 -27.70
C TRP B 314 33.22 -7.26 -27.58
N THR B 315 33.61 -8.27 -28.35
CA THR B 315 34.94 -8.86 -28.24
C THR B 315 36.01 -8.03 -28.94
N ARG B 316 35.85 -7.78 -30.24
CA ARG B 316 36.90 -7.15 -31.02
C ARG B 316 36.97 -5.65 -30.74
N ASN B 317 37.87 -4.98 -31.47
CA ASN B 317 38.11 -3.55 -31.25
C ASN B 317 36.82 -2.76 -31.48
N PRO B 318 36.44 -1.91 -30.54
CA PRO B 318 35.15 -1.19 -30.67
C PRO B 318 35.08 -0.26 -31.87
N ASP B 319 36.22 0.25 -32.34
CA ASP B 319 36.21 1.23 -33.42
C ASP B 319 35.84 0.63 -34.77
N ASP B 320 36.19 -0.64 -34.99
CA ASP B 320 36.04 -1.24 -36.31
C ASP B 320 34.60 -1.54 -36.69
N ILE B 321 33.67 -1.57 -35.73
CA ILE B 321 32.29 -1.89 -36.04
C ILE B 321 31.67 -0.76 -36.87
N THR B 322 30.88 -1.13 -37.86
CA THR B 322 30.24 -0.18 -38.77
C THR B 322 28.74 -0.18 -38.52
N GLN B 323 28.31 0.64 -37.56
CA GLN B 323 26.93 1.02 -37.29
C GLN B 323 25.88 -0.06 -37.52
N GLU B 324 25.75 -0.55 -38.76
CA GLU B 324 24.60 -1.34 -39.15
C GLU B 324 24.39 -2.57 -38.28
N GLU B 325 25.47 -3.23 -37.86
CA GLU B 325 25.32 -4.43 -37.05
C GLU B 325 24.85 -4.10 -35.63
N TYR B 326 25.17 -2.91 -35.13
CA TYR B 326 24.50 -2.43 -33.93
C TYR B 326 22.99 -2.41 -34.12
N GLY B 327 22.51 -2.08 -35.31
CA GLY B 327 21.11 -2.19 -35.62
C GLY B 327 20.70 -3.63 -35.87
N GLU B 328 21.65 -4.44 -36.37
CA GLU B 328 21.34 -5.83 -36.68
C GLU B 328 21.31 -6.69 -35.42
N PHE B 329 22.36 -6.61 -34.59
CA PHE B 329 22.46 -7.46 -33.41
C PHE B 329 21.26 -7.30 -32.49
N TYR B 330 20.77 -6.06 -32.33
CA TYR B 330 19.61 -5.83 -31.50
C TYR B 330 18.39 -6.58 -32.00
N LYS B 331 18.20 -6.67 -33.33
CA LYS B 331 17.06 -7.41 -33.86
C LYS B 331 17.18 -8.90 -33.55
N SER B 332 18.37 -9.46 -33.75
CA SER B 332 18.60 -10.87 -33.44
C SER B 332 18.61 -11.15 -31.95
N LEU B 333 18.64 -10.11 -31.11
CA LEU B 333 18.66 -10.29 -29.66
C LEU B 333 17.27 -10.63 -29.15
N THR B 334 16.27 -9.78 -29.46
CA THR B 334 14.88 -10.09 -29.14
C THR B 334 14.01 -9.84 -30.38
N ASN B 335 13.96 -10.85 -31.26
CA ASN B 335 12.86 -11.09 -32.18
C ASN B 335 12.14 -9.85 -32.68
N ASP B 336 12.86 -8.86 -33.20
CA ASP B 336 12.25 -7.59 -33.56
C ASP B 336 12.63 -7.19 -34.97
N TRP B 337 11.89 -6.22 -35.51
CA TRP B 337 12.13 -5.66 -36.83
C TRP B 337 12.27 -4.14 -36.82
N GLU B 338 12.30 -3.52 -35.64
CA GLU B 338 12.59 -2.11 -35.50
C GLU B 338 14.07 -1.92 -35.18
N ASP B 339 14.46 -0.69 -34.84
CA ASP B 339 15.81 -0.35 -34.46
C ASP B 339 15.82 0.28 -33.06
N HIS B 340 17.01 0.52 -32.54
CA HIS B 340 17.16 1.04 -31.18
C HIS B 340 17.09 2.55 -31.19
N LEU B 341 17.41 3.16 -30.06
CA LEU B 341 17.49 4.62 -29.97
C LEU B 341 18.83 5.11 -29.43
N ALA B 342 19.64 4.28 -28.80
CA ALA B 342 20.95 4.66 -28.32
C ALA B 342 21.77 3.40 -28.08
N VAL B 343 23.01 3.59 -27.62
CA VAL B 343 23.88 2.47 -27.28
C VAL B 343 25.01 2.99 -26.41
N LYS B 344 25.52 2.12 -25.55
CA LYS B 344 26.69 2.39 -24.72
C LYS B 344 27.50 1.11 -24.62
N HIS B 345 28.82 1.22 -24.78
CA HIS B 345 29.68 0.06 -24.94
C HIS B 345 30.95 0.22 -24.11
N PHE B 346 30.81 0.56 -22.84
CA PHE B 346 32.00 0.72 -22.03
C PHE B 346 32.52 -0.64 -21.56
N SER B 347 33.80 -0.67 -21.24
CA SER B 347 34.45 -1.85 -20.67
C SER B 347 35.37 -1.39 -19.55
N VAL B 348 35.61 -2.25 -18.57
CA VAL B 348 36.35 -1.91 -17.38
C VAL B 348 37.32 -3.03 -17.04
N GLU B 349 38.56 -2.67 -16.73
CA GLU B 349 39.57 -3.61 -16.28
C GLU B 349 39.86 -3.40 -14.80
N GLY B 350 40.85 -4.11 -14.29
CA GLY B 350 41.16 -4.11 -12.88
C GLY B 350 41.24 -5.52 -12.34
N GLN B 351 40.52 -5.81 -11.25
CA GLN B 351 40.47 -7.18 -10.74
C GLN B 351 39.26 -7.92 -11.30
N LEU B 352 38.06 -7.38 -11.11
CA LEU B 352 36.86 -7.90 -11.76
C LEU B 352 36.70 -7.12 -13.06
N GLU B 353 36.65 -7.85 -14.17
CA GLU B 353 36.63 -7.26 -15.50
C GLU B 353 35.38 -7.72 -16.24
N PHE B 354 34.73 -6.77 -16.92
CA PHE B 354 33.53 -7.08 -17.70
C PHE B 354 33.31 -6.01 -18.75
N ARG B 355 32.37 -6.28 -19.65
CA ARG B 355 32.01 -5.40 -20.75
C ARG B 355 30.50 -5.29 -20.83
N ALA B 356 30.01 -4.16 -21.34
CA ALA B 356 28.58 -3.91 -21.45
C ALA B 356 28.19 -3.62 -22.89
N LEU B 357 26.94 -3.94 -23.23
CA LEU B 357 26.39 -3.74 -24.57
C LEU B 357 24.98 -3.18 -24.47
N LEU B 358 24.78 -2.21 -23.59
CA LEU B 358 23.44 -1.71 -23.29
C LEU B 358 22.81 -1.03 -24.50
N PHE B 359 21.49 -1.16 -24.60
CA PHE B 359 20.69 -0.52 -25.65
C PHE B 359 19.51 0.21 -25.01
N ILE B 360 18.70 0.83 -25.87
CA ILE B 360 17.43 1.44 -25.47
C ILE B 360 16.43 1.20 -26.61
N PRO B 361 15.22 0.72 -26.33
CA PRO B 361 14.26 0.44 -27.39
C PRO B 361 13.52 1.68 -27.87
N ARG B 362 13.17 1.65 -29.16
CA ARG B 362 12.50 2.79 -29.76
C ARG B 362 11.05 2.92 -29.32
N ARG B 363 10.33 1.81 -29.27
CA ARG B 363 8.90 1.82 -29.00
C ARG B 363 8.61 1.28 -27.61
N ALA B 364 7.75 1.98 -26.89
CA ALA B 364 7.39 1.57 -25.53
C ALA B 364 6.47 0.36 -25.59
N PRO B 365 6.85 -0.78 -25.01
CA PRO B 365 5.98 -1.95 -25.05
C PRO B 365 4.70 -1.72 -24.26
N PHE B 366 3.61 -2.29 -24.80
CA PHE B 366 2.34 -2.27 -24.09
C PHE B 366 2.44 -3.06 -22.78
N ASP B 367 3.18 -4.17 -22.80
CA ASP B 367 3.28 -5.09 -21.68
C ASP B 367 4.50 -4.83 -20.80
N LEU B 368 4.91 -3.58 -20.65
CA LEU B 368 6.07 -3.28 -19.82
C LEU B 368 5.82 -3.64 -18.36
N PHE B 369 4.57 -3.53 -17.91
CA PHE B 369 4.22 -3.77 -16.51
C PHE B 369 3.50 -5.10 -16.29
N GLU B 370 3.44 -5.98 -17.29
CA GLU B 370 2.67 -7.21 -17.15
C GLU B 370 3.33 -8.20 -16.19
N ASN B 371 4.64 -8.05 -15.93
CA ASN B 371 5.44 -8.91 -15.07
C ASN B 371 5.06 -10.39 -15.19
N LYS B 372 4.77 -11.05 -14.07
CA LYS B 372 4.29 -12.42 -14.06
C LYS B 372 5.32 -13.36 -14.66
N LYS B 373 5.50 -13.28 -15.98
CA LYS B 373 6.56 -14.01 -16.65
C LYS B 373 7.91 -13.58 -16.09
N LYS B 374 8.79 -14.56 -15.88
CA LYS B 374 10.09 -14.27 -15.29
C LYS B 374 10.85 -13.26 -16.15
N LYS B 375 11.38 -12.23 -15.50
CA LYS B 375 12.01 -11.12 -16.20
C LYS B 375 13.40 -11.53 -16.68
N ASN B 376 13.65 -11.32 -17.96
CA ASN B 376 14.89 -11.73 -18.62
C ASN B 376 15.42 -10.65 -19.54
N ASN B 377 15.24 -9.38 -19.14
CA ASN B 377 15.71 -8.28 -19.98
C ASN B 377 17.23 -8.22 -20.05
N ILE B 378 17.91 -8.41 -18.93
CA ILE B 378 19.37 -8.34 -18.86
C ILE B 378 19.91 -9.71 -18.49
N LYS B 379 20.84 -10.21 -19.32
CA LYS B 379 21.45 -11.51 -19.13
C LYS B 379 22.79 -11.35 -18.40
N LEU B 380 23.54 -12.45 -18.32
CA LEU B 380 24.85 -12.42 -17.67
C LEU B 380 25.62 -13.64 -18.15
N TYR B 381 26.80 -13.41 -18.70
CA TYR B 381 27.63 -14.49 -19.21
C TYR B 381 28.98 -14.50 -18.51
N VAL B 382 29.53 -15.70 -18.34
CA VAL B 382 30.90 -15.87 -17.88
C VAL B 382 31.60 -16.74 -18.92
N ARG B 383 32.59 -16.16 -19.60
CA ARG B 383 33.30 -16.84 -20.69
C ARG B 383 32.32 -17.33 -21.75
N ARG B 384 31.33 -16.51 -22.06
CA ARG B 384 30.42 -16.73 -23.20
C ARG B 384 29.52 -17.95 -22.97
N VAL B 385 29.11 -18.18 -21.72
CA VAL B 385 28.17 -19.25 -21.40
C VAL B 385 27.12 -18.69 -20.46
N PHE B 386 25.85 -18.94 -20.77
CA PHE B 386 24.75 -18.43 -19.95
C PHE B 386 24.85 -18.99 -18.54
N ILE B 387 24.59 -18.14 -17.56
CA ILE B 387 24.61 -18.53 -16.15
C ILE B 387 23.25 -18.28 -15.52
N MET B 388 22.83 -17.02 -15.50
CA MET B 388 21.58 -16.66 -14.83
C MET B 388 21.13 -15.29 -15.32
N ASP B 389 19.91 -14.92 -14.95
CA ASP B 389 19.38 -13.60 -15.27
C ASP B 389 18.31 -13.22 -14.25
N SER B 390 18.39 -11.99 -13.75
CA SER B 390 17.46 -11.46 -12.76
C SER B 390 17.75 -9.97 -12.61
N CYS B 391 16.68 -9.19 -12.44
CA CYS B 391 16.82 -7.74 -12.34
C CYS B 391 16.04 -7.20 -11.16
N ASP B 392 16.08 -7.92 -10.04
CA ASP B 392 15.86 -7.30 -8.74
C ASP B 392 17.14 -7.19 -7.93
N GLU B 393 18.29 -7.53 -8.51
CA GLU B 393 19.58 -7.16 -7.93
C GLU B 393 20.51 -6.47 -8.90
N LEU B 394 20.46 -6.78 -10.21
CA LEU B 394 21.39 -6.21 -11.17
C LEU B 394 21.12 -4.72 -11.39
N ILE B 395 19.86 -4.37 -11.65
CA ILE B 395 19.48 -2.98 -11.88
C ILE B 395 18.21 -2.69 -11.08
N PRO B 396 17.99 -1.45 -10.67
CA PRO B 396 16.74 -1.13 -9.94
C PRO B 396 15.51 -1.32 -10.82
N GLU B 397 14.33 -1.37 -10.20
CA GLU B 397 13.13 -1.71 -10.95
C GLU B 397 12.73 -0.62 -11.95
N TYR B 398 12.95 0.65 -11.61
CA TYR B 398 12.48 1.73 -12.49
C TYR B 398 13.34 1.90 -13.74
N LEU B 399 14.31 1.02 -13.98
CA LEU B 399 15.15 1.05 -15.17
C LEU B 399 15.07 -0.29 -15.89
N ASN B 400 13.90 -0.90 -15.87
CA ASN B 400 13.70 -2.24 -16.37
C ASN B 400 13.87 -2.32 -17.89
N PHE B 401 13.56 -1.24 -18.62
CA PHE B 401 13.43 -1.28 -20.06
C PHE B 401 14.76 -1.41 -20.79
N ILE B 402 15.87 -1.53 -20.07
CA ILE B 402 17.20 -1.58 -20.67
C ILE B 402 17.62 -3.05 -20.79
N ARG B 403 18.14 -3.43 -21.94
CA ARG B 403 18.69 -4.75 -22.19
C ARG B 403 20.21 -4.66 -22.34
N GLY B 404 20.86 -5.80 -22.46
CA GLY B 404 22.28 -5.80 -22.72
C GLY B 404 22.93 -7.12 -22.38
N VAL B 405 24.26 -7.12 -22.49
CA VAL B 405 25.11 -8.27 -22.20
C VAL B 405 26.22 -7.80 -21.26
N VAL B 406 26.44 -8.55 -20.18
CA VAL B 406 27.32 -8.11 -19.10
C VAL B 406 28.45 -9.14 -18.93
N ASP B 407 28.89 -9.72 -20.05
CA ASP B 407 29.90 -10.77 -20.03
C ASP B 407 31.13 -10.35 -19.20
N SER B 408 31.76 -11.34 -18.58
CA SER B 408 32.95 -11.13 -17.76
C SER B 408 33.91 -12.29 -18.02
N GLU B 409 34.94 -12.42 -17.18
CA GLU B 409 35.95 -13.45 -17.37
C GLU B 409 35.97 -14.48 -16.25
N ASP B 410 36.10 -14.08 -14.99
CA ASP B 410 36.15 -15.04 -13.90
C ASP B 410 35.44 -14.50 -12.66
N LEU B 411 34.65 -15.36 -12.04
CA LEU B 411 33.84 -15.04 -10.88
C LEU B 411 33.82 -16.24 -9.95
N PRO B 412 33.47 -16.05 -8.68
CA PRO B 412 33.30 -17.21 -7.78
C PRO B 412 32.03 -18.00 -8.06
N LEU B 413 32.10 -18.92 -9.02
CA LEU B 413 30.95 -19.71 -9.44
C LEU B 413 30.76 -20.93 -8.54
N ASN B 414 29.62 -21.59 -8.72
CA ASN B 414 29.21 -22.74 -7.93
C ASN B 414 29.54 -24.04 -8.64
N ILE B 415 29.49 -25.14 -7.89
CA ILE B 415 29.63 -26.46 -8.51
C ILE B 415 28.47 -26.71 -9.47
N SER B 416 27.27 -26.28 -9.08
CA SER B 416 26.14 -26.16 -10.00
C SER B 416 26.34 -24.86 -10.77
N ARG B 417 26.73 -24.95 -12.04
CA ARG B 417 27.17 -23.78 -12.79
C ARG B 417 25.99 -22.93 -13.23
N GLU B 418 25.21 -22.48 -12.23
CA GLU B 418 24.20 -21.45 -12.46
C GLU B 418 24.15 -20.37 -11.39
N MET B 419 24.71 -20.58 -10.20
CA MET B 419 24.59 -19.63 -9.11
C MET B 419 25.96 -19.07 -8.75
N LEU B 420 25.98 -17.78 -8.43
CA LEU B 420 27.20 -17.09 -8.00
C LEU B 420 27.14 -16.87 -6.49
N GLN B 421 27.95 -17.62 -5.75
CA GLN B 421 28.07 -17.41 -4.32
C GLN B 421 28.75 -16.07 -4.04
N GLN B 422 28.76 -15.69 -2.76
CA GLN B 422 29.26 -14.40 -2.32
C GLN B 422 28.53 -13.27 -3.07
N SER B 423 27.22 -13.17 -2.77
CA SER B 423 26.31 -12.38 -3.59
C SER B 423 26.52 -10.88 -3.47
N LYS B 424 27.54 -10.43 -2.76
CA LYS B 424 27.81 -9.00 -2.72
C LYS B 424 28.26 -8.45 -4.07
N ILE B 425 28.83 -9.31 -4.93
CA ILE B 425 29.26 -8.87 -6.25
C ILE B 425 28.09 -8.32 -7.05
N LEU B 426 26.95 -9.00 -6.99
CA LEU B 426 25.74 -8.58 -7.71
C LEU B 426 25.17 -7.29 -7.17
N LYS B 427 25.72 -6.84 -6.05
CA LYS B 427 25.41 -5.53 -5.50
C LYS B 427 26.43 -4.47 -5.88
N VAL B 428 27.69 -4.85 -6.08
CA VAL B 428 28.69 -3.91 -6.56
C VAL B 428 28.44 -3.55 -8.02
N ILE B 429 28.09 -4.55 -8.84
CA ILE B 429 27.89 -4.33 -10.27
C ILE B 429 26.77 -3.31 -10.51
N ARG B 430 25.76 -3.31 -9.64
CA ARG B 430 24.63 -2.40 -9.80
C ARG B 430 25.07 -0.94 -9.75
N LYS B 431 25.94 -0.58 -8.80
CA LYS B 431 26.40 0.80 -8.71
C LYS B 431 27.06 1.24 -10.01
N ASN B 432 27.96 0.42 -10.54
CA ASN B 432 28.64 0.75 -11.78
C ASN B 432 27.67 0.89 -12.94
N ILE B 433 26.73 -0.04 -13.07
CA ILE B 433 25.83 -0.01 -14.22
C ILE B 433 24.94 1.22 -14.17
N VAL B 434 24.41 1.56 -12.99
CA VAL B 434 23.53 2.73 -12.91
C VAL B 434 24.34 4.01 -13.11
N LYS B 435 25.56 4.06 -12.57
CA LYS B 435 26.38 5.25 -12.71
C LYS B 435 26.73 5.51 -14.17
N LYS B 436 27.07 4.47 -14.92
CA LYS B 436 27.48 4.68 -16.30
C LYS B 436 26.32 4.57 -17.28
N CYS B 437 25.09 4.38 -16.79
CA CYS B 437 23.94 4.62 -17.65
C CYS B 437 23.38 6.03 -17.46
N LEU B 438 23.46 6.56 -16.24
CA LEU B 438 22.97 7.91 -16.01
C LEU B 438 23.76 8.95 -16.78
N GLU B 439 25.04 8.68 -17.03
CA GLU B 439 25.84 9.62 -17.83
C GLU B 439 25.32 9.72 -19.26
N LEU B 440 24.98 8.57 -19.86
CA LEU B 440 24.35 8.59 -21.18
C LEU B 440 23.01 9.32 -21.14
N PHE B 441 22.21 9.07 -20.09
CA PHE B 441 20.93 9.73 -19.98
C PHE B 441 21.08 11.25 -19.92
N SER B 442 22.06 11.73 -19.15
CA SER B 442 22.30 13.17 -19.05
C SER B 442 22.86 13.73 -20.35
N GLU B 443 23.74 12.97 -21.01
CA GLU B 443 24.34 13.44 -22.25
C GLU B 443 23.29 13.64 -23.34
N LEU B 444 22.34 12.71 -23.46
CA LEU B 444 21.41 12.77 -24.58
C LEU B 444 20.45 13.95 -24.49
N ALA B 445 20.59 14.84 -23.52
CA ALA B 445 19.76 16.03 -23.41
C ALA B 445 20.19 17.16 -24.35
N GLU B 446 21.03 16.92 -25.36
CA GLU B 446 21.51 17.99 -26.22
C GLU B 446 20.61 18.19 -27.44
N ASP B 447 20.35 17.14 -28.20
CA ASP B 447 19.48 17.22 -29.36
C ASP B 447 18.03 17.30 -28.89
N LYS B 448 17.38 18.42 -29.16
CA LYS B 448 16.00 18.62 -28.72
C LYS B 448 14.99 17.86 -29.58
N GLU B 449 15.40 17.30 -30.70
CA GLU B 449 14.49 16.53 -31.53
C GLU B 449 14.27 15.13 -30.98
N ASN B 450 15.35 14.35 -30.84
CA ASN B 450 15.24 13.01 -30.29
C ASN B 450 14.67 13.01 -28.88
N TYR B 451 15.06 14.00 -28.06
CA TYR B 451 14.56 14.06 -26.70
C TYR B 451 13.05 14.13 -26.63
N LYS B 452 12.40 14.70 -27.65
CA LYS B 452 10.94 14.74 -27.68
C LYS B 452 10.35 13.34 -27.76
N LYS B 453 10.87 12.50 -28.67
CA LYS B 453 10.32 11.17 -28.84
C LYS B 453 10.67 10.26 -27.68
N PHE B 454 11.85 10.46 -27.08
CA PHE B 454 12.20 9.68 -25.90
C PHE B 454 11.32 10.07 -24.72
N TYR B 455 11.17 11.37 -24.46
CA TYR B 455 10.50 11.80 -23.24
C TYR B 455 9.02 11.43 -23.24
N GLU B 456 8.39 11.37 -24.41
CA GLU B 456 6.98 11.00 -24.47
C GLU B 456 6.76 9.54 -24.11
N ALA B 457 7.77 8.69 -24.25
CA ALA B 457 7.60 7.26 -24.09
C ALA B 457 7.94 6.74 -22.69
N PHE B 458 9.09 7.10 -22.14
CA PHE B 458 9.60 6.48 -20.92
C PHE B 458 9.69 7.47 -19.77
N SER B 459 8.84 8.50 -19.78
CA SER B 459 8.82 9.44 -18.67
C SER B 459 8.37 8.80 -17.36
N LYS B 460 7.54 7.75 -17.45
CA LYS B 460 7.07 7.07 -16.25
C LYS B 460 8.23 6.53 -15.43
N ASN B 461 9.26 6.00 -16.11
CA ASN B 461 10.40 5.41 -15.42
C ASN B 461 11.16 6.45 -14.60
N LEU B 462 11.48 7.60 -15.21
CA LEU B 462 12.19 8.64 -14.47
C LEU B 462 11.36 9.21 -13.35
N LYS B 463 10.07 9.44 -13.60
CA LYS B 463 9.21 9.99 -12.55
C LYS B 463 9.09 9.03 -11.39
N LEU B 464 9.14 7.72 -11.65
CA LEU B 464 9.14 6.76 -10.55
C LEU B 464 10.49 6.73 -9.85
N GLY B 465 11.58 6.73 -10.61
CA GLY B 465 12.90 6.65 -10.02
C GLY B 465 13.23 7.82 -9.11
N ILE B 466 12.76 9.02 -9.46
CA ILE B 466 13.04 10.16 -8.62
C ILE B 466 12.40 9.99 -7.24
N HIS B 467 11.33 9.20 -7.17
CA HIS B 467 10.66 8.98 -5.89
C HIS B 467 11.49 8.12 -4.94
N GLU B 468 12.04 7.01 -5.43
CA GLU B 468 12.72 6.04 -4.56
C GLU B 468 14.18 5.91 -5.00
N ASP B 469 15.02 6.80 -4.47
CA ASP B 469 16.46 6.76 -4.58
C ASP B 469 17.02 7.88 -3.72
N SER B 470 18.21 7.70 -3.14
CA SER B 470 18.79 8.75 -2.31
C SER B 470 20.17 9.20 -2.77
N THR B 471 21.00 8.28 -3.27
CA THR B 471 22.36 8.65 -3.66
C THR B 471 22.34 9.66 -4.80
N ASN B 472 21.53 9.42 -5.82
CA ASN B 472 21.48 10.26 -7.02
C ASN B 472 20.08 10.85 -7.23
N ARG B 473 19.80 11.95 -6.53
CA ARG B 473 18.56 12.69 -6.69
C ARG B 473 18.75 14.06 -7.29
N ARG B 474 19.71 14.84 -6.79
CA ARG B 474 19.99 16.15 -7.35
C ARG B 474 20.46 16.05 -8.79
N ARG B 475 21.21 14.99 -9.12
CA ARG B 475 21.67 14.82 -10.49
C ARG B 475 20.50 14.57 -11.44
N LEU B 476 19.43 13.94 -10.95
CA LEU B 476 18.28 13.60 -11.77
C LEU B 476 17.26 14.71 -11.86
N SER B 477 17.48 15.84 -11.17
CA SER B 477 16.47 16.89 -11.04
C SER B 477 16.43 17.84 -12.22
N GLU B 478 16.97 17.48 -13.38
CA GLU B 478 16.95 18.37 -14.53
C GLU B 478 16.47 17.72 -15.83
N LEU B 479 16.28 16.40 -15.85
CA LEU B 479 15.82 15.72 -17.05
C LEU B 479 14.31 15.73 -17.21
N LEU B 480 13.61 16.60 -16.49
CA LEU B 480 12.16 16.68 -16.56
C LEU B 480 11.74 17.83 -17.47
N ARG B 481 10.72 17.61 -18.29
CA ARG B 481 10.18 18.62 -19.18
C ARG B 481 8.69 18.80 -18.92
N TYR B 482 8.26 20.05 -18.79
CA TYR B 482 6.91 20.41 -18.41
C TYR B 482 6.33 21.39 -19.41
N HIS B 483 5.04 21.65 -19.28
CA HIS B 483 4.41 22.74 -20.02
C HIS B 483 4.18 23.91 -19.06
N THR B 484 4.69 25.08 -19.43
CA THR B 484 4.58 26.28 -18.61
C THR B 484 3.68 27.29 -19.29
N SER B 485 3.36 28.37 -18.56
CA SER B 485 2.48 29.40 -19.11
C SER B 485 3.28 30.48 -19.85
N GLN B 486 4.24 30.05 -20.66
CA GLN B 486 4.88 30.89 -21.66
C GLN B 486 5.19 30.11 -22.93
N SER B 487 4.78 28.85 -23.02
CA SER B 487 5.10 28.00 -24.17
C SER B 487 3.82 27.24 -24.53
N GLY B 488 3.17 27.67 -25.61
CA GLY B 488 1.89 27.11 -25.98
C GLY B 488 1.88 25.62 -26.20
N ASP B 489 2.82 25.12 -27.00
CA ASP B 489 2.86 23.70 -27.31
C ASP B 489 4.29 23.19 -27.38
N GLU B 490 5.14 23.63 -26.45
CA GLU B 490 6.52 23.18 -26.36
C GLU B 490 6.86 22.93 -24.90
N MET B 491 7.47 21.78 -24.62
CA MET B 491 7.92 21.49 -23.27
C MET B 491 9.07 22.42 -22.88
N THR B 492 9.15 22.75 -21.60
CA THR B 492 10.16 23.67 -21.08
C THR B 492 10.91 23.02 -19.92
N SER B 493 12.23 23.08 -19.97
CA SER B 493 13.05 22.55 -18.90
C SER B 493 12.99 23.44 -17.67
N LEU B 494 12.99 22.81 -16.50
CA LEU B 494 13.01 23.57 -15.25
C LEU B 494 14.39 24.17 -14.97
N SER B 495 15.47 23.48 -15.39
CA SER B 495 16.80 24.07 -15.25
C SER B 495 16.92 25.35 -16.06
N GLU B 496 16.45 25.32 -17.30
CA GLU B 496 16.42 26.54 -18.12
C GLU B 496 15.43 27.55 -17.55
N TYR B 497 14.40 27.07 -16.83
CA TYR B 497 13.46 27.98 -16.15
C TYR B 497 14.17 28.83 -15.11
N VAL B 498 15.25 28.33 -14.52
CA VAL B 498 15.95 29.07 -13.47
C VAL B 498 16.51 30.37 -14.02
N SER B 499 16.56 30.51 -15.34
CA SER B 499 17.11 31.72 -15.93
C SER B 499 16.27 32.95 -15.58
N ARG B 500 15.02 32.99 -16.03
CA ARG B 500 14.25 34.23 -16.05
C ARG B 500 13.20 34.24 -14.93
N MET B 501 13.61 34.74 -13.77
CA MET B 501 12.67 35.18 -12.76
C MET B 501 12.99 36.60 -12.31
N LYS B 502 12.07 37.18 -11.56
CA LYS B 502 12.22 38.53 -11.02
C LYS B 502 13.20 38.47 -9.85
N GLU B 503 13.56 39.62 -9.28
CA GLU B 503 14.63 39.64 -8.29
C GLU B 503 14.11 39.34 -6.89
N THR B 504 13.08 40.06 -6.46
CA THR B 504 12.52 39.89 -5.12
C THR B 504 11.83 38.54 -4.94
N GLN B 505 11.46 37.87 -6.03
CA GLN B 505 10.70 36.62 -5.92
C GLN B 505 11.51 35.54 -5.21
N LYS B 506 10.79 34.67 -4.50
CA LYS B 506 11.36 33.53 -3.82
C LYS B 506 10.55 32.28 -4.15
N SER B 507 11.25 31.19 -4.46
CA SER B 507 10.67 29.88 -4.69
C SER B 507 9.83 29.81 -5.97
N ILE B 508 9.78 28.63 -6.59
CA ILE B 508 9.02 28.39 -7.80
C ILE B 508 7.57 28.10 -7.43
N TYR B 509 6.65 28.45 -8.32
CA TYR B 509 5.22 28.26 -8.11
C TYR B 509 4.71 27.22 -9.09
N TYR B 510 3.82 26.34 -8.62
CA TYR B 510 3.36 25.24 -9.44
C TYR B 510 1.93 24.86 -9.08
N ILE B 511 1.30 24.12 -9.98
CA ILE B 511 -0.06 23.63 -9.81
C ILE B 511 -0.15 22.20 -10.32
N THR B 512 -1.07 21.44 -9.74
CA THR B 512 -1.36 20.06 -10.14
C THR B 512 -2.84 19.91 -10.38
N GLY B 513 -3.21 19.30 -11.51
CA GLY B 513 -4.60 19.20 -11.92
C GLY B 513 -4.95 17.83 -12.47
N GLU B 514 -6.12 17.75 -13.10
CA GLU B 514 -6.63 16.52 -13.67
C GLU B 514 -6.60 16.50 -15.20
N SER B 515 -6.71 17.66 -15.84
CA SER B 515 -6.73 17.73 -17.29
C SER B 515 -6.03 19.01 -17.72
N LYS B 516 -5.46 18.96 -18.94
CA LYS B 516 -4.68 20.10 -19.43
C LYS B 516 -5.54 21.36 -19.51
N GLU B 517 -6.68 21.28 -20.19
CA GLU B 517 -7.56 22.44 -20.31
C GLU B 517 -8.22 22.78 -18.99
N GLN B 518 -8.60 21.76 -18.20
CA GLN B 518 -9.26 22.01 -16.93
C GLN B 518 -8.42 22.89 -16.02
N VAL B 519 -7.11 22.67 -16.00
CA VAL B 519 -6.23 23.50 -15.20
C VAL B 519 -5.74 24.73 -15.96
N ALA B 520 -5.81 24.72 -17.30
CA ALA B 520 -5.29 25.82 -18.09
C ALA B 520 -5.92 27.16 -17.70
N ASN B 521 -7.19 27.14 -17.32
CA ASN B 521 -7.90 28.33 -16.86
C ASN B 521 -8.60 28.00 -15.54
N SER B 522 -7.88 28.20 -14.44
CA SER B 522 -8.36 27.92 -13.10
C SER B 522 -8.60 29.22 -12.34
N ALA B 523 -9.50 29.14 -11.35
CA ALA B 523 -9.90 30.33 -10.61
C ALA B 523 -8.76 30.91 -9.79
N PHE B 524 -7.93 30.05 -9.20
CA PHE B 524 -6.83 30.53 -8.37
C PHE B 524 -5.83 31.35 -9.19
N VAL B 525 -5.53 30.89 -10.41
CA VAL B 525 -4.47 31.49 -11.21
C VAL B 525 -4.76 32.94 -11.57
N GLU B 526 -6.03 33.33 -11.67
CA GLU B 526 -6.43 34.60 -12.26
C GLU B 526 -5.84 35.81 -11.56
N ARG B 527 -5.19 35.61 -10.42
CA ARG B 527 -4.48 36.69 -9.74
C ARG B 527 -2.98 36.65 -9.96
N VAL B 528 -2.36 35.47 -9.86
CA VAL B 528 -0.92 35.36 -10.05
C VAL B 528 -0.52 35.38 -11.52
N ARG B 529 -1.50 35.43 -12.42
CA ARG B 529 -1.21 35.49 -13.85
C ARG B 529 -1.16 36.92 -14.39
N LYS B 530 -1.80 37.86 -13.70
CA LYS B 530 -1.83 39.24 -14.19
C LYS B 530 -0.51 39.96 -13.95
N ARG B 531 0.32 39.46 -13.04
CA ARG B 531 1.55 40.12 -12.66
C ARG B 531 2.76 39.66 -13.46
N GLY B 532 2.56 38.81 -14.46
CA GLY B 532 3.63 38.43 -15.37
C GLY B 532 4.61 37.41 -14.85
N PHE B 533 4.26 36.64 -13.82
CA PHE B 533 5.14 35.60 -13.30
C PHE B 533 5.05 34.36 -14.19
N GLU B 534 5.65 33.26 -13.74
CA GLU B 534 5.72 32.03 -14.51
C GLU B 534 5.36 30.86 -13.62
N VAL B 535 4.51 29.96 -14.12
CA VAL B 535 4.08 28.78 -13.38
C VAL B 535 4.15 27.56 -14.29
N VAL B 536 4.02 26.39 -13.67
CA VAL B 536 4.09 25.13 -14.38
C VAL B 536 2.89 24.26 -13.97
N TYR B 537 2.58 23.28 -14.82
CA TYR B 537 1.45 22.37 -14.61
C TYR B 537 1.99 20.95 -14.51
N MET B 538 1.79 20.31 -13.36
CA MET B 538 2.01 18.88 -13.23
C MET B 538 0.67 18.19 -13.01
N THR B 539 0.02 17.84 -14.12
CA THR B 539 -1.32 17.23 -14.12
C THR B 539 -1.22 15.76 -14.54
N GLU B 540 -0.90 14.93 -13.56
CA GLU B 540 -0.77 13.49 -13.75
C GLU B 540 -0.65 12.85 -12.36
N PRO B 541 -1.22 11.66 -12.16
CA PRO B 541 -1.16 11.06 -10.82
C PRO B 541 0.25 10.93 -10.25
N ILE B 542 1.22 10.50 -11.05
CA ILE B 542 2.58 10.36 -10.53
C ILE B 542 3.22 11.71 -10.25
N ASP B 543 2.75 12.78 -10.90
CA ASP B 543 3.31 14.09 -10.64
C ASP B 543 3.22 14.45 -9.16
N GLU B 544 2.13 14.08 -8.50
CA GLU B 544 2.01 14.32 -7.07
C GLU B 544 3.05 13.55 -6.30
N TYR B 545 3.32 12.30 -6.68
CA TYR B 545 4.34 11.52 -6.00
C TYR B 545 5.70 12.17 -6.15
N CYS B 546 6.01 12.67 -7.35
CA CYS B 546 7.29 13.35 -7.56
C CYS B 546 7.39 14.63 -6.73
N VAL B 547 6.36 15.49 -6.82
CA VAL B 547 6.44 16.79 -6.15
C VAL B 547 6.34 16.67 -4.64
N GLN B 548 5.75 15.59 -4.11
CA GLN B 548 5.63 15.43 -2.68
C GLN B 548 6.99 15.28 -2.01
N GLN B 549 7.87 14.49 -2.62
CA GLN B 549 9.16 14.16 -2.01
C GLN B 549 10.22 15.23 -2.27
N LEU B 550 10.42 15.62 -3.51
CA LEU B 550 11.38 16.67 -3.85
C LEU B 550 10.84 18.00 -3.35
N LYS B 551 11.69 18.79 -2.68
CA LYS B 551 11.27 20.03 -2.05
C LYS B 551 12.24 21.18 -2.30
N GLU B 552 13.20 21.01 -3.21
CA GLU B 552 14.24 22.01 -3.38
C GLU B 552 14.86 21.85 -4.77
N PHE B 553 15.38 22.96 -5.30
CA PHE B 553 16.13 22.93 -6.54
C PHE B 553 17.06 24.14 -6.55
N ASP B 554 18.35 23.89 -6.33
CA ASP B 554 19.39 24.92 -6.43
C ASP B 554 19.08 26.12 -5.55
N GLY B 555 18.86 25.86 -4.26
CA GLY B 555 18.63 26.91 -3.29
C GLY B 555 17.22 27.43 -3.22
N LYS B 556 16.30 26.89 -4.02
CA LYS B 556 14.94 27.37 -4.08
C LYS B 556 13.99 26.40 -3.38
N SER B 557 12.72 26.80 -3.30
CA SER B 557 11.68 25.98 -2.72
C SER B 557 10.55 25.77 -3.73
N LEU B 558 9.82 24.68 -3.56
CA LEU B 558 8.67 24.35 -4.40
C LEU B 558 7.40 24.52 -3.56
N VAL B 559 6.58 25.50 -3.92
CA VAL B 559 5.34 25.78 -3.22
C VAL B 559 4.22 25.88 -4.24
N SER B 560 3.09 25.24 -3.94
CA SER B 560 1.93 25.29 -4.82
C SER B 560 0.99 26.41 -4.39
N VAL B 561 -0.04 26.65 -5.21
CA VAL B 561 -0.93 27.78 -5.00
C VAL B 561 -1.88 27.58 -3.83
N THR B 562 -2.20 26.34 -3.48
CA THR B 562 -3.30 26.06 -2.56
C THR B 562 -2.83 25.63 -1.18
N LYS B 563 -1.78 26.24 -0.66
CA LYS B 563 -1.18 25.82 0.61
C LYS B 563 -1.26 26.95 1.64
N GLU B 564 -2.39 27.03 2.34
CA GLU B 564 -2.54 27.89 3.51
C GLU B 564 -2.25 29.36 3.23
N GLY B 565 -2.72 29.85 2.09
CA GLY B 565 -2.70 31.28 1.85
C GLY B 565 -1.34 31.90 1.63
N LEU B 566 -0.71 31.59 0.50
CA LEU B 566 0.58 32.17 0.16
C LEU B 566 0.46 33.69 -0.02
N GLU B 567 1.56 34.39 0.24
CA GLU B 567 1.66 35.82 0.04
C GLU B 567 2.93 36.15 -0.73
N LEU B 568 2.85 37.19 -1.56
CA LEU B 568 3.91 37.63 -2.43
C LEU B 568 4.29 39.07 -2.12
N PRO B 569 5.58 39.38 -2.06
CA PRO B 569 5.99 40.78 -1.82
C PRO B 569 5.54 41.70 -2.95
N GLU B 570 5.16 42.91 -2.57
CA GLU B 570 4.56 43.85 -3.51
C GLU B 570 4.52 45.24 -2.89
N ASP B 571 3.82 46.15 -3.58
CA ASP B 571 3.81 47.56 -3.21
C ASP B 571 3.20 47.75 -1.82
N GLU B 572 3.52 48.88 -1.20
CA GLU B 572 3.15 49.11 0.20
C GLU B 572 1.68 49.53 0.34
N GLU B 573 1.17 50.33 -0.60
CA GLU B 573 -0.11 50.98 -0.37
C GLU B 573 -1.27 50.00 -0.37
N GLU B 574 -1.11 48.83 -0.99
CA GLU B 574 -2.16 47.82 -0.92
C GLU B 574 -2.31 47.22 0.48
N LYS B 575 -1.28 47.29 1.30
CA LYS B 575 -1.35 46.73 2.65
C LYS B 575 -2.47 47.37 3.46
N LYS B 576 -2.53 48.70 3.44
CA LYS B 576 -3.44 49.42 4.33
C LYS B 576 -4.90 49.19 3.97
N LYS B 577 -5.24 49.20 2.68
CA LYS B 577 -6.63 48.95 2.30
C LYS B 577 -7.04 47.51 2.61
N MET B 578 -6.14 46.56 2.39
CA MET B 578 -6.45 45.16 2.69
C MET B 578 -6.67 44.97 4.19
N GLU B 579 -5.81 45.56 5.03
CA GLU B 579 -6.02 45.42 6.46
C GLU B 579 -7.23 46.22 6.91
N GLU B 580 -7.60 47.27 6.17
CA GLU B 580 -8.85 47.97 6.47
C GLU B 580 -10.05 47.06 6.23
N SER B 581 -10.02 46.27 5.15
CA SER B 581 -11.05 45.27 4.94
C SER B 581 -11.03 44.21 6.03
N LYS B 582 -9.84 43.81 6.49
CA LYS B 582 -9.73 42.94 7.66
C LYS B 582 -10.45 43.53 8.86
N ALA B 583 -10.15 44.78 9.19
CA ALA B 583 -10.65 45.40 10.42
C ALA B 583 -12.07 45.91 10.29
N LYS B 584 -12.62 45.96 9.07
CA LYS B 584 -13.97 46.47 8.89
C LYS B 584 -14.98 45.34 8.67
N PHE B 585 -14.54 44.20 8.14
CA PHE B 585 -15.42 43.09 7.83
C PHE B 585 -15.27 41.94 8.82
N GLU B 586 -15.05 42.25 10.11
CA GLU B 586 -14.87 41.19 11.09
C GLU B 586 -16.18 40.53 11.48
N ASN B 587 -17.28 41.28 11.52
CA ASN B 587 -18.57 40.76 11.96
C ASN B 587 -19.21 39.79 10.98
N LEU B 588 -19.20 40.12 9.68
CA LEU B 588 -19.70 39.19 8.68
C LEU B 588 -18.88 37.90 8.70
N CYS B 589 -17.56 38.02 8.78
CA CYS B 589 -16.70 36.86 8.96
C CYS B 589 -16.99 36.15 10.28
N LYS B 590 -17.34 36.91 11.32
CA LYS B 590 -17.66 36.29 12.60
C LYS B 590 -18.96 35.50 12.53
N LEU B 591 -20.02 36.10 11.99
CA LEU B 591 -21.35 35.51 12.08
C LEU B 591 -21.61 34.44 11.02
N MET B 592 -20.74 34.32 10.01
CA MET B 592 -20.99 33.32 8.97
C MET B 592 -20.63 31.92 9.44
N LYS B 593 -19.68 31.80 10.36
CA LYS B 593 -19.28 30.49 10.88
C LYS B 593 -20.35 29.81 11.72
N GLU B 594 -21.29 30.57 12.28
CA GLU B 594 -22.34 29.95 13.08
C GLU B 594 -23.24 29.07 12.22
N ILE B 595 -23.65 29.60 11.07
CA ILE B 595 -24.62 28.91 10.22
C ILE B 595 -23.97 27.72 9.51
N LEU B 596 -22.68 27.81 9.21
CA LEU B 596 -21.96 26.65 8.69
C LEU B 596 -21.35 25.85 9.84
N ASP B 597 -21.78 24.61 9.99
CA ASP B 597 -21.31 23.77 11.08
C ASP B 597 -19.88 23.32 10.77
N LYS B 598 -19.36 22.37 11.55
CA LYS B 598 -17.94 22.07 11.51
C LYS B 598 -17.55 21.36 10.22
N LYS B 599 -17.44 22.13 9.14
CA LYS B 599 -16.86 21.62 7.90
C LYS B 599 -15.57 22.36 7.58
N VAL B 600 -15.65 23.69 7.50
CA VAL B 600 -14.48 24.50 7.18
C VAL B 600 -13.77 24.91 8.46
N GLU B 601 -12.49 25.25 8.36
CA GLU B 601 -11.71 25.69 9.51
C GLU B 601 -11.75 27.21 9.65
N LYS B 602 -11.37 27.93 8.60
CA LYS B 602 -11.37 29.39 8.65
C LYS B 602 -11.70 29.94 7.27
N VAL B 603 -12.25 31.16 7.25
CA VAL B 603 -12.51 31.90 6.01
C VAL B 603 -11.81 33.25 6.14
N THR B 604 -11.06 33.63 5.11
CA THR B 604 -10.30 34.88 5.14
C THR B 604 -10.30 35.52 3.77
N ILE B 605 -9.73 36.72 3.71
CA ILE B 605 -9.49 37.40 2.44
C ILE B 605 -8.00 37.32 2.12
N SER B 606 -7.68 36.73 0.98
CA SER B 606 -6.31 36.61 0.48
C SER B 606 -6.26 37.09 -0.96
N ASN B 607 -5.14 36.83 -1.62
CA ASN B 607 -4.93 37.32 -2.98
C ASN B 607 -4.73 36.14 -3.93
N ARG B 608 -5.85 35.58 -4.36
CA ARG B 608 -5.89 34.68 -5.52
C ARG B 608 -7.16 34.87 -6.33
N LEU B 609 -8.00 35.83 -5.98
CA LEU B 609 -9.34 35.95 -6.54
C LEU B 609 -9.52 37.32 -7.15
N VAL B 610 -9.76 37.36 -8.46
CA VAL B 610 -10.15 38.60 -9.13
C VAL B 610 -11.44 38.47 -9.92
N SER B 611 -11.87 37.26 -10.29
CA SER B 611 -13.07 37.08 -11.10
C SER B 611 -14.03 36.05 -10.50
N SER B 612 -13.71 35.46 -9.35
CA SER B 612 -14.60 34.52 -8.72
C SER B 612 -14.76 34.83 -7.24
N PRO B 613 -15.97 34.65 -6.69
CA PRO B 613 -16.21 35.04 -5.30
C PRO B 613 -15.51 34.15 -4.28
N CYS B 614 -15.48 32.84 -4.52
CA CYS B 614 -15.10 31.88 -3.49
C CYS B 614 -14.17 30.82 -4.06
N CYS B 615 -13.34 30.26 -3.18
CA CYS B 615 -12.49 29.14 -3.54
C CYS B 615 -12.12 28.36 -2.29
N ILE B 616 -11.54 27.17 -2.49
CA ILE B 616 -11.19 26.26 -1.41
C ILE B 616 -9.71 25.91 -1.49
N VAL B 617 -9.02 26.01 -0.36
CA VAL B 617 -7.61 25.66 -0.28
C VAL B 617 -7.38 24.76 0.93
N THR B 618 -6.39 23.88 0.80
CA THR B 618 -6.09 22.87 1.80
C THR B 618 -5.11 23.41 2.84
N SER B 619 -4.57 22.52 3.67
CA SER B 619 -3.62 22.88 4.70
C SER B 619 -2.29 22.16 4.46
N THR B 620 -1.23 22.70 5.09
CA THR B 620 0.10 22.13 4.88
C THR B 620 0.19 20.70 5.40
N TYR B 621 -0.20 20.46 6.64
CA TYR B 621 -0.14 19.12 7.22
C TYR B 621 -1.44 18.41 6.89
N GLY B 622 -1.44 17.69 5.78
CA GLY B 622 -2.62 17.01 5.31
C GLY B 622 -2.48 16.65 3.85
N TRP B 623 -3.52 16.03 3.33
CA TRP B 623 -3.55 15.60 1.94
C TRP B 623 -3.99 16.71 1.00
N THR B 624 -3.83 16.46 -0.30
CA THR B 624 -4.21 17.41 -1.33
C THR B 624 -5.33 16.82 -2.19
N ALA B 625 -5.99 17.68 -2.97
CA ALA B 625 -7.20 17.31 -3.67
C ALA B 625 -6.98 16.18 -4.67
N ASN B 626 -5.94 16.26 -5.48
CA ASN B 626 -5.77 15.26 -6.54
C ASN B 626 -5.40 13.90 -5.96
N MET B 627 -4.58 13.86 -4.90
CA MET B 627 -4.27 12.56 -4.33
C MET B 627 -5.44 12.06 -3.49
N GLU B 628 -6.33 12.96 -3.06
CA GLU B 628 -7.60 12.53 -2.48
C GLU B 628 -8.34 11.60 -3.42
N ARG B 629 -8.14 11.75 -4.73
CA ARG B 629 -8.76 10.86 -5.68
C ARG B 629 -7.82 9.73 -6.11
N ILE B 630 -6.51 9.94 -6.07
CA ILE B 630 -5.62 8.83 -6.35
C ILE B 630 -5.77 7.75 -5.28
N MET B 631 -6.14 8.14 -4.06
CA MET B 631 -6.28 7.16 -2.99
C MET B 631 -7.62 6.44 -3.06
N LYS B 632 -8.71 7.18 -3.28
CA LYS B 632 -9.99 6.52 -3.51
C LYS B 632 -9.96 5.60 -4.72
N ALA B 633 -9.37 6.04 -5.83
CA ALA B 633 -9.26 5.22 -7.02
C ALA B 633 -8.31 4.06 -6.87
N GLN B 634 -7.46 4.07 -5.84
CA GLN B 634 -6.56 2.95 -5.63
C GLN B 634 -7.36 1.73 -5.17
N ALA B 635 -6.98 0.57 -5.70
CA ALA B 635 -7.82 -0.62 -5.51
C ALA B 635 -7.57 -1.28 -4.15
N LEU B 636 -6.34 -1.74 -3.90
CA LEU B 636 -6.04 -2.56 -2.73
C LEU B 636 -5.53 -1.65 -1.61
N ARG B 637 -6.46 -1.12 -0.83
CA ARG B 637 -6.14 -0.24 0.28
C ARG B 637 -7.10 -0.49 1.42
N ASP B 638 -6.65 -0.15 2.63
CA ASP B 638 -7.52 -0.23 3.80
C ASP B 638 -8.55 0.90 3.80
N ASN B 639 -9.49 0.82 4.73
CA ASN B 639 -10.54 1.83 4.88
C ASN B 639 -10.49 2.47 6.27
N SER B 640 -9.40 2.29 7.01
CA SER B 640 -9.24 2.90 8.32
C SER B 640 -8.39 4.16 8.29
N THR B 641 -7.74 4.45 7.16
CA THR B 641 -6.82 5.56 7.07
C THR B 641 -7.50 6.91 6.88
N MET B 642 -8.74 6.96 6.39
CA MET B 642 -9.36 8.26 6.13
C MET B 642 -9.57 9.06 7.40
N GLY B 643 -9.66 8.38 8.54
CA GLY B 643 -9.98 9.08 9.78
C GLY B 643 -8.98 10.15 10.15
N TYR B 644 -7.70 9.90 9.89
CA TYR B 644 -6.64 10.77 10.42
C TYR B 644 -6.21 11.84 9.44
N MET B 645 -5.61 11.46 8.31
CA MET B 645 -4.90 12.42 7.49
C MET B 645 -5.73 12.98 6.33
N MET B 646 -7.04 13.08 6.48
CA MET B 646 -7.77 14.06 5.67
C MET B 646 -7.27 15.45 6.03
N ALA B 647 -7.09 16.29 5.03
CA ALA B 647 -6.65 17.66 5.25
C ALA B 647 -7.83 18.55 5.58
N LYS B 648 -7.67 19.34 6.63
CA LYS B 648 -8.71 20.29 7.00
C LYS B 648 -8.81 21.37 5.92
N LYS B 649 -10.01 21.91 5.75
CA LYS B 649 -10.33 22.71 4.58
C LYS B 649 -10.45 24.18 4.94
N HIS B 650 -10.16 25.04 3.97
CA HIS B 650 -10.15 26.48 4.14
C HIS B 650 -10.94 27.13 3.01
N LEU B 651 -11.84 28.03 3.36
CA LEU B 651 -12.60 28.79 2.38
C LEU B 651 -12.03 30.19 2.21
N GLU B 652 -12.08 30.68 0.98
CA GLU B 652 -11.54 31.98 0.60
C GLU B 652 -12.62 32.77 -0.11
N ILE B 653 -12.82 34.02 0.33
CA ILE B 653 -13.82 34.94 -0.20
C ILE B 653 -13.14 36.07 -0.95
N ASN B 654 -13.88 36.68 -1.90
CA ASN B 654 -13.38 37.83 -2.65
C ASN B 654 -14.27 39.04 -2.37
N PRO B 655 -13.79 40.05 -1.63
CA PRO B 655 -14.61 41.23 -1.33
C PRO B 655 -14.60 42.26 -2.46
N ASP B 656 -14.77 41.78 -3.68
CA ASP B 656 -14.85 42.61 -4.88
C ASP B 656 -16.16 42.37 -5.62
N HIS B 657 -16.62 41.13 -5.70
CA HIS B 657 -17.90 40.84 -6.33
C HIS B 657 -19.03 41.48 -5.53
N PRO B 658 -19.96 42.18 -6.19
CA PRO B 658 -20.98 42.92 -5.44
C PRO B 658 -21.85 42.05 -4.56
N ILE B 659 -21.87 40.74 -4.78
CA ILE B 659 -22.70 39.86 -3.97
C ILE B 659 -22.30 39.94 -2.50
N VAL B 660 -21.00 39.96 -2.21
CA VAL B 660 -20.55 39.96 -0.83
C VAL B 660 -20.94 41.26 -0.12
N GLU B 661 -20.87 42.39 -0.83
CA GLU B 661 -21.36 43.64 -0.24
C GLU B 661 -22.87 43.62 -0.06
N THR B 662 -23.61 43.09 -1.05
CA THR B 662 -25.06 43.02 -0.90
C THR B 662 -25.44 42.18 0.31
N LEU B 663 -24.60 41.21 0.66
CA LEU B 663 -24.83 40.44 1.88
C LEU B 663 -24.78 41.31 3.13
N ARG B 664 -23.98 42.39 3.12
CA ARG B 664 -23.80 43.19 4.33
C ARG B 664 -25.08 43.89 4.76
N GLN B 665 -25.85 44.42 3.80
CA GLN B 665 -27.06 45.15 4.17
C GLN B 665 -28.06 44.25 4.88
N LYS B 666 -28.23 43.02 4.40
CA LYS B 666 -29.12 42.10 5.09
C LYS B 666 -28.46 41.53 6.34
N ALA B 667 -27.14 41.56 6.41
CA ALA B 667 -26.45 41.10 7.63
C ALA B 667 -26.73 42.02 8.80
N GLU B 668 -26.52 43.33 8.61
CA GLU B 668 -26.88 44.27 9.68
C GLU B 668 -28.37 44.55 9.72
N ALA B 669 -29.09 44.22 8.66
CA ALA B 669 -30.53 44.44 8.64
C ALA B 669 -31.27 43.30 9.33
N ASP B 670 -31.12 42.08 8.82
CA ASP B 670 -31.78 40.90 9.39
C ASP B 670 -30.76 40.08 10.17
N LYS B 671 -31.09 39.76 11.42
CA LYS B 671 -30.18 38.99 12.26
C LYS B 671 -30.01 37.57 11.72
N ASN B 672 -31.10 36.92 11.34
CA ASN B 672 -31.05 35.58 10.76
C ASN B 672 -32.42 35.22 10.19
N ASP B 673 -32.42 34.51 9.06
CA ASP B 673 -33.66 34.07 8.44
C ASP B 673 -33.35 32.96 7.44
N LYS B 674 -34.40 32.51 6.75
CA LYS B 674 -34.28 31.41 5.80
C LYS B 674 -33.40 31.77 4.61
N ALA B 675 -33.54 33.00 4.08
CA ALA B 675 -32.90 33.37 2.82
C ALA B 675 -31.38 33.32 2.94
N VAL B 676 -30.84 33.81 4.06
CA VAL B 676 -29.38 33.80 4.22
C VAL B 676 -28.87 32.36 4.26
N LYS B 677 -29.59 31.47 4.96
CA LYS B 677 -29.19 30.07 5.01
C LYS B 677 -29.18 29.46 3.60
N ASP B 678 -30.26 29.71 2.84
CA ASP B 678 -30.33 29.14 1.50
C ASP B 678 -29.19 29.64 0.63
N LEU B 679 -28.96 30.96 0.60
CA LEU B 679 -27.94 31.50 -0.27
C LEU B 679 -26.55 31.00 0.15
N VAL B 680 -26.29 30.94 1.45
CA VAL B 680 -24.95 30.55 1.87
C VAL B 680 -24.68 29.08 1.57
N VAL B 681 -25.66 28.20 1.82
CA VAL B 681 -25.42 26.79 1.53
C VAL B 681 -25.29 26.58 0.03
N LEU B 682 -26.06 27.33 -0.76
CA LEU B 682 -25.94 27.23 -2.22
C LEU B 682 -24.54 27.62 -2.67
N LEU B 683 -24.08 28.80 -2.26
CA LEU B 683 -22.77 29.28 -2.71
C LEU B 683 -21.65 28.37 -2.21
N PHE B 684 -21.77 27.86 -0.98
CA PHE B 684 -20.74 26.97 -0.46
C PHE B 684 -20.69 25.68 -1.26
N GLU B 685 -21.86 25.08 -1.54
CA GLU B 685 -21.86 23.82 -2.27
C GLU B 685 -21.33 24.01 -3.68
N THR B 686 -21.68 25.13 -4.34
CA THR B 686 -21.05 25.45 -5.61
C THR B 686 -19.54 25.60 -5.49
N ALA B 687 -19.06 26.29 -4.45
CA ALA B 687 -17.62 26.43 -4.25
C ALA B 687 -16.93 25.08 -4.05
N LEU B 688 -17.63 24.12 -3.47
CA LEU B 688 -17.06 22.80 -3.27
C LEU B 688 -16.72 22.15 -4.62
N LEU B 689 -17.55 22.36 -5.64
CA LEU B 689 -17.25 21.85 -6.97
C LEU B 689 -16.07 22.60 -7.60
N SER B 690 -15.90 23.87 -7.27
CA SER B 690 -14.93 24.73 -7.93
C SER B 690 -13.49 24.25 -7.78
N SER B 691 -13.17 23.49 -6.73
CA SER B 691 -11.82 23.03 -6.50
C SER B 691 -11.61 21.57 -6.86
N GLY B 692 -12.49 20.99 -7.65
CA GLY B 692 -12.37 19.60 -8.03
C GLY B 692 -12.91 18.61 -7.03
N PHE B 693 -13.62 19.08 -6.00
CA PHE B 693 -14.21 18.15 -5.04
C PHE B 693 -15.55 17.64 -5.55
N SER B 694 -15.82 16.38 -5.27
CA SER B 694 -17.03 15.70 -5.72
C SER B 694 -17.99 15.54 -4.54
N LEU B 695 -19.21 16.01 -4.72
CA LEU B 695 -20.19 15.99 -3.65
C LEU B 695 -20.65 14.57 -3.36
N GLU B 696 -21.23 14.38 -2.18
CA GLU B 696 -21.73 13.08 -1.75
C GLU B 696 -23.20 12.86 -2.04
N ASP B 697 -23.99 13.93 -2.18
CA ASP B 697 -25.43 13.84 -2.43
C ASP B 697 -25.81 14.75 -3.59
N PRO B 698 -25.52 14.33 -4.83
CA PRO B 698 -25.81 15.20 -5.98
C PRO B 698 -27.27 15.56 -6.13
N GLN B 699 -28.18 14.77 -5.57
CA GLN B 699 -29.60 15.12 -5.61
C GLN B 699 -29.86 16.44 -4.90
N THR B 700 -29.15 16.70 -3.81
CA THR B 700 -29.38 17.92 -3.05
C THR B 700 -29.12 19.17 -3.89
N HIS B 701 -28.03 19.18 -4.66
CA HIS B 701 -27.72 20.31 -5.53
C HIS B 701 -28.55 20.31 -6.81
N SER B 702 -28.86 19.12 -7.34
CA SER B 702 -29.69 19.04 -8.53
C SER B 702 -31.09 19.58 -8.28
N ASN B 703 -31.64 19.30 -7.09
CA ASN B 703 -32.92 19.88 -6.72
C ASN B 703 -32.83 21.40 -6.66
N ARG B 704 -31.73 21.92 -6.13
CA ARG B 704 -31.59 23.37 -6.00
C ARG B 704 -31.41 24.03 -7.36
N ILE B 705 -30.83 23.33 -8.33
CA ILE B 705 -30.71 23.92 -9.67
C ILE B 705 -32.02 23.80 -10.43
N TYR B 706 -32.79 22.74 -10.18
CA TYR B 706 -34.08 22.59 -10.82
C TYR B 706 -35.16 23.48 -10.19
N ARG B 707 -34.93 23.95 -8.96
CA ARG B 707 -35.95 24.72 -8.25
C ARG B 707 -36.25 26.05 -8.93
N MET B 708 -35.30 26.63 -9.66
CA MET B 708 -35.48 27.95 -10.25
C MET B 708 -35.72 27.92 -11.75
N ILE B 709 -35.35 26.83 -12.44
CA ILE B 709 -35.66 26.77 -13.86
C ILE B 709 -37.16 26.76 -14.09
N LYS B 710 -37.94 26.26 -13.12
CA LYS B 710 -39.39 26.35 -13.22
C LYS B 710 -39.89 27.78 -13.05
N LEU B 711 -39.25 28.58 -12.20
CA LEU B 711 -39.50 30.01 -12.20
C LEU B 711 -39.08 30.66 -13.50
N GLY B 712 -38.13 30.05 -14.20
CA GLY B 712 -37.69 30.56 -15.49
C GLY B 712 -38.80 30.74 -16.51
N LEU B 713 -39.71 29.78 -16.62
CA LEU B 713 -40.89 29.92 -17.48
C LEU B 713 -42.11 30.43 -16.72
N GLY B 714 -41.98 30.65 -15.41
CA GLY B 714 -43.07 31.25 -14.66
C GLY B 714 -43.82 30.35 -13.70
N ILE B 715 -45.07 30.01 -14.04
CA ILE B 715 -45.99 29.40 -13.09
C ILE B 715 -45.51 28.01 -12.71
N ASP B 716 -45.22 27.81 -11.43
CA ASP B 716 -45.01 26.46 -10.91
C ASP B 716 -46.34 25.76 -10.69
N GLU B 717 -47.33 26.49 -10.18
CA GLU B 717 -48.61 25.91 -9.78
C GLU B 717 -49.74 26.92 -9.90
N VAL C 2 42.27 -24.16 -6.04
CA VAL C 2 41.11 -23.30 -5.83
C VAL C 2 41.22 -22.59 -4.48
N ASP C 3 41.06 -21.27 -4.50
CA ASP C 3 41.15 -20.48 -3.26
C ASP C 3 40.24 -19.26 -3.42
N TYR C 4 39.17 -19.24 -2.64
CA TYR C 4 38.21 -18.13 -2.63
C TYR C 4 38.42 -17.19 -1.44
N SER C 5 39.55 -17.32 -0.75
CA SER C 5 39.80 -16.48 0.42
C SER C 5 40.06 -15.03 0.02
N VAL C 6 40.19 -14.75 -1.27
CA VAL C 6 40.29 -13.36 -1.71
C VAL C 6 38.89 -12.76 -1.90
N TRP C 7 37.96 -13.53 -2.43
CA TRP C 7 36.58 -13.09 -2.63
C TRP C 7 35.73 -13.31 -1.39
N ASP C 8 36.12 -12.76 -0.24
CA ASP C 8 35.38 -13.00 0.99
C ASP C 8 35.20 -11.77 1.87
N HIS C 9 35.67 -10.60 1.46
CA HIS C 9 35.51 -9.38 2.23
C HIS C 9 35.07 -8.23 1.33
N ILE C 10 34.05 -8.47 0.54
CA ILE C 10 33.44 -7.42 -0.27
C ILE C 10 32.25 -6.84 0.49
N GLU C 11 32.27 -5.54 0.70
CA GLU C 11 31.20 -4.84 1.43
C GLU C 11 30.81 -3.58 0.68
N VAL C 12 29.55 -3.17 0.85
CA VAL C 12 29.05 -1.96 0.24
C VAL C 12 28.48 -1.03 1.30
N SEP C 13 28.52 0.28 1.03
CA SEP C 13 27.96 1.26 1.95
CB SEP C 13 28.50 2.69 1.63
OG SEP C 13 29.83 2.92 2.08
C SEP C 13 26.43 1.29 1.88
O SEP C 13 25.79 2.09 2.57
P SEP C 13 30.52 3.87 0.97
O1P SEP C 13 32.15 4.15 1.18
O2P SEP C 13 29.79 5.29 0.84
O3P SEP C 13 30.26 3.13 -0.43
N ASP C 14 25.84 0.45 1.05
CA ASP C 14 24.48 0.70 0.61
C ASP C 14 23.63 -0.55 0.45
N ASP C 15 23.84 -1.55 1.31
CA ASP C 15 23.13 -2.82 1.12
C ASP C 15 21.65 -2.65 1.44
N GLU C 16 20.82 -3.47 0.78
CA GLU C 16 19.37 -3.36 0.93
C GLU C 16 18.75 -4.54 1.67
N ASP C 17 19.26 -5.76 1.48
CA ASP C 17 18.61 -6.92 2.09
C ASP C 17 18.69 -6.88 3.60
N GLU C 18 19.81 -6.40 4.15
CA GLU C 18 20.00 -6.27 5.58
C GLU C 18 19.49 -4.89 5.99
N THR C 19 18.37 -4.87 6.72
CA THR C 19 17.72 -3.63 7.14
C THR C 19 16.86 -3.98 8.35
N HIS C 20 16.31 -2.96 9.01
CA HIS C 20 15.55 -3.17 10.22
C HIS C 20 14.15 -2.59 10.07
N PRO C 21 13.14 -3.22 10.68
CA PRO C 21 11.76 -2.72 10.56
C PRO C 21 11.55 -1.34 11.17
N ASN C 22 12.48 -0.91 12.03
CA ASN C 22 12.32 0.34 12.77
C ASN C 22 13.41 1.36 12.45
N ILE C 23 14.03 1.27 11.27
CA ILE C 23 15.15 2.12 10.92
C ILE C 23 14.93 2.70 9.53
N ASP C 24 15.26 3.97 9.34
CA ASP C 24 15.14 4.63 8.05
C ASP C 24 16.26 4.16 7.14
N THR C 25 15.90 3.58 6.00
CA THR C 25 16.90 3.00 5.11
C THR C 25 17.79 4.06 4.47
N ALA C 26 17.20 5.18 4.04
CA ALA C 26 17.99 6.21 3.36
C ALA C 26 18.99 6.87 4.29
N SER C 27 18.55 7.25 5.49
CA SER C 27 19.48 7.84 6.44
C SER C 27 20.55 6.86 6.85
N LEU C 28 20.21 5.56 6.91
CA LEU C 28 21.21 4.55 7.21
C LEU C 28 22.26 4.46 6.11
N PHE C 29 21.83 4.52 4.85
CA PHE C 29 22.78 4.64 3.75
C PHE C 29 23.68 5.85 3.93
N ARG C 30 23.09 6.99 4.30
CA ARG C 30 23.87 8.21 4.49
C ARG C 30 24.91 8.01 5.59
N TRP C 31 24.50 7.46 6.73
CA TRP C 31 25.44 7.26 7.83
C TRP C 31 26.57 6.32 7.44
N ARG C 32 26.23 5.20 6.81
CA ARG C 32 27.26 4.24 6.43
C ARG C 32 28.25 4.86 5.47
N HIS C 33 27.76 5.57 4.44
CA HIS C 33 28.66 6.13 3.45
C HIS C 33 29.53 7.23 4.06
N GLN C 34 28.94 8.12 4.87
CA GLN C 34 29.73 9.20 5.43
C GLN C 34 30.76 8.67 6.42
N ALA C 35 30.40 7.64 7.18
CA ALA C 35 31.38 6.99 8.04
C ALA C 35 32.50 6.38 7.22
N ARG C 36 32.16 5.72 6.10
CA ARG C 36 33.18 5.04 5.32
C ARG C 36 34.16 6.07 4.73
N VAL C 37 33.64 7.21 4.26
CA VAL C 37 34.51 8.20 3.65
C VAL C 37 35.34 8.93 4.71
N GLU C 38 34.75 9.27 5.85
CA GLU C 38 35.56 9.93 6.88
C GLU C 38 36.64 8.98 7.38
N ARG C 39 36.36 7.68 7.39
CA ARG C 39 37.36 6.72 7.81
C ARG C 39 38.48 6.63 6.79
N MET C 40 38.15 6.61 5.49
CA MET C 40 39.23 6.58 4.50
C MET C 40 40.09 7.82 4.63
N GLU C 41 39.46 8.98 4.88
CA GLU C 41 40.24 10.22 4.95
C GLU C 41 41.10 10.26 6.20
N GLN C 42 40.60 9.71 7.32
CA GLN C 42 41.41 9.65 8.53
C GLN C 42 42.62 8.74 8.31
N PHE C 43 42.41 7.56 7.72
CA PHE C 43 43.54 6.69 7.44
C PHE C 43 44.49 7.32 6.43
N GLN C 44 43.94 8.04 5.46
CA GLN C 44 44.77 8.83 4.56
C GLN C 44 45.70 9.74 5.35
N LYS C 45 45.12 10.68 6.10
CA LYS C 45 45.92 11.62 6.90
C LYS C 45 47.00 10.88 7.67
N GLU C 46 46.65 9.77 8.31
CA GLU C 46 47.66 9.00 9.03
C GLU C 46 48.74 8.50 8.08
N LYS C 47 48.37 8.09 6.86
CA LYS C 47 49.37 7.46 6.00
C LYS C 47 50.30 8.49 5.36
N GLU C 48 49.82 9.68 4.97
CA GLU C 48 50.83 10.65 4.54
C GLU C 48 51.62 11.19 5.73
N GLU C 49 51.04 11.19 6.93
CA GLU C 49 51.81 11.55 8.11
C GLU C 49 52.99 10.61 8.30
N LEU C 50 52.72 9.30 8.25
CA LEU C 50 53.80 8.32 8.40
C LEU C 50 54.74 8.34 7.20
N ASP C 51 54.23 8.65 6.01
CA ASP C 51 55.07 8.71 4.82
C ASP C 51 56.04 9.89 4.90
N ARG C 52 55.58 11.06 5.36
CA ARG C 52 56.48 12.19 5.51
C ARG C 52 57.43 11.98 6.68
N GLY C 53 56.98 11.29 7.73
CA GLY C 53 57.91 10.89 8.78
C GLY C 53 59.01 9.98 8.24
N CYS C 54 58.63 9.03 7.37
CA CYS C 54 59.63 8.17 6.74
C CYS C 54 60.57 8.97 5.84
N ARG C 55 60.03 9.94 5.09
CA ARG C 55 60.86 10.73 4.20
C ARG C 55 61.88 11.56 4.98
N GLU C 56 61.44 12.20 6.07
CA GLU C 56 62.38 12.95 6.89
C GLU C 56 63.36 12.03 7.61
N CYS C 57 62.90 10.83 8.00
CA CYS C 57 63.83 9.85 8.56
C CYS C 57 64.90 9.47 7.56
N LYS C 58 64.52 9.27 6.29
CA LYS C 58 65.50 8.90 5.27
C LYS C 58 66.46 10.04 4.96
N ARG C 59 65.96 11.29 4.95
CA ARG C 59 66.88 12.40 4.72
C ARG C 59 67.84 12.54 5.89
N LYS C 60 67.37 12.27 7.11
CA LYS C 60 68.28 12.29 8.25
C LYS C 60 69.25 11.11 8.21
N VAL C 61 68.83 9.97 7.66
CA VAL C 61 69.75 8.86 7.47
C VAL C 61 70.86 9.23 6.49
N ALA C 62 70.50 9.88 5.38
CA ALA C 62 71.52 10.35 4.45
C ALA C 62 72.43 11.39 5.09
N GLU C 63 71.84 12.30 5.87
CA GLU C 63 72.62 13.30 6.59
C GLU C 63 73.61 12.65 7.56
N CYS C 64 73.16 11.64 8.30
CA CYS C 64 74.02 10.96 9.26
C CYS C 64 75.07 10.11 8.57
N GLN C 65 74.75 9.56 7.40
CA GLN C 65 75.77 8.85 6.62
C GLN C 65 76.86 9.80 6.17
N ARG C 66 76.48 10.99 5.71
CA ARG C 66 77.47 12.00 5.36
C ARG C 66 78.29 12.42 6.59
N LYS C 67 77.62 12.54 7.74
CA LYS C 67 78.32 12.90 8.98
C LYS C 67 79.34 11.83 9.36
N LEU C 68 78.95 10.56 9.27
CA LEU C 68 79.87 9.46 9.58
C LEU C 68 81.05 9.45 8.60
N LYS C 69 80.78 9.69 7.32
CA LYS C 69 81.86 9.72 6.34
C LYS C 69 82.83 10.85 6.62
N GLU C 70 82.31 12.05 6.93
CA GLU C 70 83.20 13.18 7.17
C GLU C 70 83.94 13.05 8.49
N LEU C 71 83.36 12.34 9.46
CA LEU C 71 84.11 12.03 10.68
C LEU C 71 85.20 11.00 10.42
N GLU C 72 84.93 10.02 9.57
CA GLU C 72 85.96 9.05 9.21
C GLU C 72 87.10 9.72 8.45
N VAL C 73 86.78 10.72 7.62
CA VAL C 73 87.83 11.51 6.96
C VAL C 73 88.66 12.26 8.00
N ALA C 74 88.01 12.85 8.99
CA ALA C 74 88.70 13.58 10.04
C ALA C 74 89.20 12.62 11.11
N GLU C 75 89.77 13.15 12.18
CA GLU C 75 90.26 12.33 13.28
C GLU C 75 90.37 13.18 14.53
N GLY C 76 90.48 12.50 15.68
CA GLY C 76 90.67 13.15 16.95
C GLY C 76 89.40 13.52 17.69
N GLY C 77 88.24 13.38 17.06
CA GLY C 77 86.98 13.69 17.72
C GLY C 77 86.35 12.49 18.39
N LYS C 78 87.03 11.94 19.39
CA LYS C 78 86.52 10.75 20.06
C LYS C 78 85.22 11.03 20.78
N ALA C 79 85.13 12.17 21.47
CA ALA C 79 83.88 12.53 22.14
C ALA C 79 82.76 12.77 21.14
N GLU C 80 83.04 13.49 20.06
CA GLU C 80 82.03 13.72 19.03
C GLU C 80 81.65 12.41 18.35
N LEU C 81 82.62 11.54 18.10
CA LEU C 81 82.32 10.24 17.51
C LEU C 81 81.42 9.41 18.41
N GLU C 82 81.70 9.41 19.72
CA GLU C 82 80.85 8.68 20.65
C GLU C 82 79.44 9.27 20.71
N ARG C 83 79.34 10.60 20.72
CA ARG C 83 78.03 11.23 20.75
C ARG C 83 77.22 10.89 19.50
N LEU C 84 77.85 10.96 18.33
CA LEU C 84 77.13 10.65 17.10
C LEU C 84 76.86 9.16 16.96
N GLN C 85 77.70 8.31 17.54
CA GLN C 85 77.39 6.88 17.58
C GLN C 85 76.17 6.61 18.44
N ALA C 86 76.07 7.28 19.59
CA ALA C 86 74.86 7.14 20.41
C ALA C 86 73.63 7.66 19.67
N GLU C 87 73.79 8.79 18.97
CA GLU C 87 72.68 9.33 18.18
C GLU C 87 72.27 8.37 17.07
N ALA C 88 73.24 7.75 16.41
CA ALA C 88 72.94 6.79 15.34
C ALA C 88 72.26 5.55 15.89
N GLN C 89 72.69 5.08 17.06
CA GLN C 89 72.03 3.93 17.69
C GLN C 89 70.59 4.27 18.06
N GLN C 90 70.36 5.47 18.60
CA GLN C 90 68.99 5.90 18.88
C GLN C 90 68.17 6.03 17.60
N LEU C 91 68.77 6.56 16.54
CA LEU C 91 68.08 6.67 15.27
C LEU C 91 67.71 5.30 14.75
N ARG C 92 68.60 4.32 14.93
CA ARG C 92 68.30 2.94 14.52
C ARG C 92 67.20 2.33 15.37
N LYS C 93 67.14 2.67 16.66
CA LYS C 93 66.08 2.17 17.53
C LYS C 93 64.71 2.67 17.08
N GLU C 94 64.55 4.00 16.97
CA GLU C 94 63.29 4.50 16.39
C GLU C 94 63.12 4.10 14.92
N GLU C 95 64.21 3.76 14.24
CA GLU C 95 64.05 3.19 12.90
C GLU C 95 63.34 1.84 12.96
N ARG C 96 63.72 0.98 13.92
CA ARG C 96 62.94 -0.25 14.07
C ARG C 96 61.53 0.08 14.54
N SER C 97 61.37 1.18 15.28
CA SER C 97 60.03 1.58 15.70
C SER C 97 59.11 1.85 14.50
N TRP C 98 59.48 2.84 13.67
CA TRP C 98 58.75 3.06 12.43
C TRP C 98 58.68 1.82 11.55
N GLU C 99 59.71 0.97 11.57
CA GLU C 99 59.66 -0.21 10.72
C GLU C 99 58.65 -1.23 11.20
N GLN C 100 58.57 -1.47 12.50
CA GLN C 100 57.59 -2.43 13.01
C GLN C 100 56.18 -1.90 12.82
N LYS C 101 55.96 -0.60 13.06
CA LYS C 101 54.60 -0.11 12.79
C LYS C 101 54.29 -0.07 11.30
N LEU C 102 55.30 0.18 10.45
CA LEU C 102 55.10 0.12 9.00
C LEU C 102 54.70 -1.28 8.56
N GLU C 103 55.40 -2.30 9.05
CA GLU C 103 55.04 -3.66 8.70
C GLU C 103 53.71 -4.07 9.29
N GLU C 104 53.37 -3.60 10.50
CA GLU C 104 52.05 -3.88 11.06
C GLU C 104 50.95 -3.32 10.18
N MET C 105 51.07 -2.05 9.78
CA MET C 105 50.05 -1.47 8.93
C MET C 105 50.04 -2.09 7.53
N ARG C 106 51.22 -2.43 6.99
CA ARG C 106 51.27 -3.11 5.70
C ARG C 106 50.55 -4.46 5.75
N LYS C 107 50.79 -5.23 6.82
CA LYS C 107 50.09 -6.50 6.98
C LYS C 107 48.59 -6.30 7.12
N LYS C 108 48.18 -5.30 7.91
CA LYS C 108 46.75 -5.11 8.11
C LYS C 108 46.08 -4.49 6.89
N GLU C 109 46.84 -3.97 5.93
CA GLU C 109 46.23 -3.50 4.69
C GLU C 109 45.49 -4.63 3.99
N LYS C 110 46.07 -5.83 3.98
CA LYS C 110 45.39 -6.99 3.41
C LYS C 110 44.10 -7.31 4.16
N SER C 111 44.02 -7.00 5.44
CA SER C 111 42.80 -7.23 6.22
C SER C 111 41.75 -6.15 6.01
N MET C 112 42.08 -5.08 5.30
CA MET C 112 41.11 -4.01 5.09
C MET C 112 40.04 -4.47 4.11
N PRO C 113 38.75 -4.27 4.41
CA PRO C 113 37.70 -4.68 3.48
C PRO C 113 37.77 -3.92 2.17
N TRP C 114 37.40 -4.61 1.10
CA TRP C 114 37.47 -4.02 -0.22
C TRP C 114 36.24 -3.16 -0.50
N ASN C 115 36.27 -2.47 -1.63
CA ASN C 115 35.20 -1.56 -2.02
C ASN C 115 35.34 -1.26 -3.52
N VAL C 116 34.34 -0.57 -4.06
CA VAL C 116 34.23 -0.41 -5.51
C VAL C 116 35.40 0.37 -6.09
N ASP C 117 35.78 1.48 -5.47
CA ASP C 117 36.79 2.35 -6.06
C ASP C 117 38.20 1.76 -6.02
N THR C 118 38.42 0.68 -5.27
CA THR C 118 39.70 -0.01 -5.24
C THR C 118 39.78 -1.14 -6.26
N LEU C 119 38.69 -1.85 -6.48
CA LEU C 119 38.70 -3.01 -7.37
C LEU C 119 38.80 -2.59 -8.83
N SER C 120 38.24 -1.44 -9.18
CA SER C 120 37.94 -1.09 -10.57
C SER C 120 38.70 0.16 -11.00
N LYS C 121 39.28 0.10 -12.19
CA LYS C 121 39.85 1.27 -12.87
C LYS C 121 39.40 1.26 -14.31
N ASP C 122 38.82 2.38 -14.76
CA ASP C 122 38.20 2.44 -16.07
C ASP C 122 39.25 2.32 -17.19
N GLY C 123 38.82 1.76 -18.31
CA GLY C 123 39.68 1.65 -19.47
C GLY C 123 39.09 2.16 -20.78
N PHE C 124 37.77 2.26 -20.86
CA PHE C 124 37.12 2.61 -22.11
C PHE C 124 35.66 2.96 -21.86
N SER C 125 35.10 3.74 -22.79
CA SER C 125 33.68 4.08 -22.84
C SER C 125 33.41 4.77 -24.17
N LYS C 126 32.17 4.64 -24.65
CA LYS C 126 31.79 5.18 -25.96
C LYS C 126 30.28 5.16 -26.11
N SER C 127 29.72 6.23 -26.64
CA SER C 127 28.28 6.37 -26.82
C SER C 127 27.94 6.57 -28.29
N MET C 128 26.65 6.76 -28.56
CA MET C 128 26.12 6.97 -29.90
C MET C 128 24.67 7.39 -29.80
N VAL C 129 24.12 7.88 -30.91
CA VAL C 129 22.80 8.49 -30.93
C VAL C 129 21.85 7.82 -31.92
N ASN C 130 22.31 7.57 -33.14
CA ASN C 130 21.47 6.94 -34.17
C ASN C 130 20.20 7.71 -34.48
N THR C 131 20.33 8.88 -35.12
CA THR C 131 19.20 9.70 -35.53
C THR C 131 19.15 9.81 -37.06
N LYS C 132 19.18 8.68 -37.74
CA LYS C 132 19.30 8.60 -39.19
C LYS C 132 18.16 9.36 -39.86
N PRO C 133 18.40 9.97 -41.04
CA PRO C 133 17.44 10.95 -41.57
C PRO C 133 16.18 10.34 -42.13
N GLU C 134 15.04 10.65 -41.49
CA GLU C 134 13.71 10.25 -41.92
C GLU C 134 13.54 8.74 -41.90
N LYS C 135 12.30 8.28 -42.13
CA LYS C 135 12.02 6.86 -42.20
C LYS C 135 11.51 6.57 -43.60
N THR C 136 10.48 7.27 -44.07
CA THR C 136 9.95 7.06 -45.42
C THR C 136 8.98 8.20 -45.74
N GLU C 137 8.61 8.29 -47.01
CA GLU C 137 7.44 9.06 -47.44
C GLU C 137 6.71 8.19 -48.45
N GLU C 138 5.40 7.99 -48.23
CA GLU C 138 4.66 6.98 -48.98
C GLU C 138 3.61 7.63 -49.87
N ASP C 139 3.60 7.23 -51.14
CA ASP C 139 2.57 7.64 -52.08
C ASP C 139 1.32 6.80 -51.92
N SER C 140 0.40 6.87 -52.88
CA SER C 140 -0.84 6.11 -52.83
C SER C 140 -1.01 5.22 -54.05
N GLU C 141 -0.20 5.40 -55.10
CA GLU C 141 -0.47 4.71 -56.36
C GLU C 141 0.60 3.70 -56.75
N GLU C 142 1.86 4.14 -56.86
CA GLU C 142 2.88 3.32 -57.49
C GLU C 142 3.33 2.15 -56.62
N VAL C 143 3.52 2.41 -55.32
CA VAL C 143 4.04 1.38 -54.42
C VAL C 143 3.07 0.21 -54.32
N ARG C 144 1.80 0.45 -54.65
CA ARG C 144 0.76 -0.56 -54.56
C ARG C 144 0.96 -1.70 -55.57
N GLU C 145 1.97 -1.57 -56.44
CA GLU C 145 2.21 -2.57 -57.47
C GLU C 145 3.58 -3.23 -57.35
N GLN C 146 4.61 -2.40 -57.19
CA GLN C 146 6.00 -2.87 -57.26
C GLN C 146 6.31 -3.86 -56.14
N LYS C 147 5.98 -3.52 -54.90
CA LYS C 147 6.16 -4.47 -53.82
C LYS C 147 5.05 -5.52 -53.83
N HIS C 148 3.88 -5.16 -54.36
CA HIS C 148 2.72 -6.05 -54.33
C HIS C 148 2.97 -7.32 -55.11
N LYS C 149 3.55 -7.21 -56.31
CA LYS C 149 3.76 -8.39 -57.13
C LYS C 149 4.66 -9.40 -56.45
N THR C 150 5.81 -8.94 -55.94
CA THR C 150 6.72 -9.85 -55.26
C THR C 150 6.11 -10.40 -53.97
N PHE C 151 5.36 -9.58 -53.23
CA PHE C 151 4.64 -10.11 -52.09
C PHE C 151 3.66 -11.20 -52.50
N VAL C 152 3.11 -11.09 -53.71
CA VAL C 152 2.20 -12.12 -54.20
C VAL C 152 2.96 -13.41 -54.47
N GLU C 153 3.99 -13.36 -55.32
CA GLU C 153 4.60 -14.64 -55.74
C GLU C 153 5.39 -15.28 -54.60
N LYS C 154 6.02 -14.47 -53.75
CA LYS C 154 6.87 -15.04 -52.69
C LYS C 154 6.07 -15.61 -51.53
N TYR C 155 4.76 -15.40 -51.46
CA TYR C 155 4.00 -15.88 -50.31
C TYR C 155 2.67 -16.56 -50.62
N GLU C 156 2.12 -16.43 -51.83
CA GLU C 156 0.80 -17.04 -52.09
C GLU C 156 0.86 -18.56 -51.97
N LYS C 157 1.90 -19.18 -52.51
CA LYS C 157 2.03 -20.63 -52.43
C LYS C 157 2.28 -21.09 -51.01
N GLN C 158 3.13 -20.35 -50.27
CA GLN C 158 3.41 -20.73 -48.89
C GLN C 158 2.16 -20.63 -48.02
N ILE C 159 1.37 -19.58 -48.21
CA ILE C 159 0.15 -19.43 -47.42
C ILE C 159 -0.90 -20.46 -47.86
N LYS C 160 -0.91 -20.85 -49.13
CA LYS C 160 -1.76 -21.97 -49.52
C LYS C 160 -1.34 -23.25 -48.82
N HIS C 161 -0.02 -23.49 -48.74
CA HIS C 161 0.47 -24.69 -48.07
C HIS C 161 0.10 -24.71 -46.60
N PHE C 162 0.30 -23.59 -45.90
CA PHE C 162 0.04 -23.57 -44.46
C PHE C 162 -1.44 -23.51 -44.13
N GLY C 163 -2.23 -22.79 -44.93
CA GLY C 163 -3.61 -22.49 -44.56
C GLY C 163 -4.51 -23.69 -44.45
N MET C 164 -4.01 -24.87 -44.80
CA MET C 164 -4.80 -26.09 -44.73
C MET C 164 -5.00 -26.58 -43.30
N LEU C 165 -4.29 -25.99 -42.34
CA LEU C 165 -4.34 -26.41 -40.95
C LEU C 165 -4.57 -25.21 -40.04
N ARG C 166 -5.05 -25.48 -38.83
CA ARG C 166 -5.27 -24.44 -37.85
C ARG C 166 -4.73 -24.81 -36.47
N ARG C 167 -3.85 -25.80 -36.39
CA ARG C 167 -3.32 -26.19 -35.09
C ARG C 167 -2.48 -25.04 -34.52
N TRP C 168 -2.54 -24.86 -33.20
CA TRP C 168 -2.31 -23.54 -32.62
C TRP C 168 -0.85 -23.10 -32.67
N ASP C 169 0.08 -23.97 -32.32
CA ASP C 169 1.47 -23.48 -32.23
C ASP C 169 2.06 -23.26 -33.60
N ASP C 170 1.75 -24.15 -34.56
CA ASP C 170 2.17 -23.94 -35.95
C ASP C 170 1.57 -22.66 -36.51
N SER C 171 0.28 -22.44 -36.26
CA SER C 171 -0.37 -21.20 -36.71
C SER C 171 0.30 -19.98 -36.08
N GLN C 172 0.56 -20.05 -34.77
CA GLN C 172 1.18 -18.93 -34.07
C GLN C 172 2.55 -18.61 -34.62
N LYS C 173 3.39 -19.62 -34.82
CA LYS C 173 4.76 -19.36 -35.28
C LYS C 173 4.80 -18.97 -36.75
N TYR C 174 3.97 -19.60 -37.59
CA TYR C 174 3.90 -19.20 -38.99
C TYR C 174 3.39 -17.77 -39.11
N LEU C 175 2.40 -17.39 -38.29
CA LEU C 175 1.91 -16.02 -38.33
C LEU C 175 2.93 -15.04 -37.77
N SER C 176 3.74 -15.48 -36.80
CA SER C 176 4.83 -14.64 -36.33
C SER C 176 5.84 -14.39 -37.44
N ASP C 177 6.22 -15.44 -38.16
CA ASP C 177 7.05 -15.27 -39.35
C ASP C 177 6.41 -14.32 -40.34
N ASN C 178 5.11 -14.48 -40.59
CA ASN C 178 4.43 -13.65 -41.56
C ASN C 178 4.45 -12.18 -41.15
N VAL C 179 3.99 -11.88 -39.93
CA VAL C 179 3.98 -10.50 -39.45
C VAL C 179 5.40 -9.95 -39.34
N HIS C 180 6.40 -10.82 -39.25
CA HIS C 180 7.77 -10.34 -39.41
C HIS C 180 8.07 -10.00 -40.87
N LEU C 181 7.35 -10.63 -41.82
CA LEU C 181 7.68 -10.44 -43.22
C LEU C 181 6.51 -9.99 -44.11
N VAL C 182 5.27 -10.37 -43.82
CA VAL C 182 4.18 -10.11 -44.79
C VAL C 182 3.68 -8.67 -44.63
N CYS C 183 2.83 -8.28 -45.58
CA CYS C 183 2.15 -7.00 -45.65
C CYS C 183 0.65 -7.23 -45.82
N GLU C 184 -0.08 -6.16 -46.15
CA GLU C 184 -1.52 -6.18 -46.02
C GLU C 184 -2.27 -6.35 -47.35
N GLU C 185 -1.75 -5.79 -48.44
CA GLU C 185 -2.49 -5.79 -49.69
C GLU C 185 -2.79 -7.20 -50.17
N THR C 186 -1.76 -8.04 -50.26
CA THR C 186 -1.98 -9.41 -50.68
C THR C 186 -2.74 -10.21 -49.62
N ALA C 187 -2.70 -9.77 -48.36
CA ALA C 187 -3.54 -10.41 -47.35
C ALA C 187 -5.01 -10.24 -47.69
N ASN C 188 -5.44 -9.00 -47.92
CA ASN C 188 -6.84 -8.77 -48.30
C ASN C 188 -7.17 -9.46 -49.62
N TYR C 189 -6.24 -9.42 -50.56
CA TYR C 189 -6.53 -9.96 -51.89
C TYR C 189 -6.63 -11.49 -51.83
N LEU C 190 -5.82 -12.13 -50.98
CA LEU C 190 -5.98 -13.56 -50.72
C LEU C 190 -7.30 -13.86 -50.04
N VAL C 191 -7.72 -13.00 -49.12
CA VAL C 191 -9.04 -13.19 -48.50
C VAL C 191 -10.12 -13.20 -49.56
N ILE C 192 -10.03 -12.29 -50.54
CA ILE C 192 -11.09 -12.24 -51.54
C ILE C 192 -10.95 -13.39 -52.55
N TRP C 193 -9.73 -13.93 -52.73
CA TRP C 193 -9.64 -15.20 -53.45
C TRP C 193 -10.34 -16.32 -52.71
N CYS C 194 -10.20 -16.37 -51.39
CA CYS C 194 -10.94 -17.36 -50.63
C CYS C 194 -12.44 -17.16 -50.80
N ILE C 195 -12.88 -15.90 -50.81
CA ILE C 195 -14.28 -15.58 -51.00
C ILE C 195 -14.77 -16.11 -52.35
N ASP C 196 -14.03 -15.81 -53.42
CA ASP C 196 -14.50 -16.22 -54.74
C ASP C 196 -14.19 -17.68 -55.05
N LEU C 197 -13.44 -18.37 -54.20
CA LEU C 197 -13.23 -19.81 -54.29
C LEU C 197 -14.14 -20.60 -53.36
N GLU C 198 -14.94 -19.91 -52.55
CA GLU C 198 -15.87 -20.58 -51.63
C GLU C 198 -16.75 -21.63 -52.30
N VAL C 199 -16.85 -21.63 -53.63
CA VAL C 199 -17.78 -22.52 -54.34
C VAL C 199 -17.57 -23.98 -53.96
N GLU C 200 -16.32 -24.41 -53.75
CA GLU C 200 -16.06 -25.82 -53.51
C GLU C 200 -16.61 -26.31 -52.17
N GLU C 201 -17.04 -25.41 -51.28
CA GLU C 201 -17.63 -25.77 -49.99
C GLU C 201 -16.70 -26.68 -49.19
N LYS C 202 -15.53 -26.13 -48.86
CA LYS C 202 -14.48 -26.87 -48.17
C LYS C 202 -14.56 -26.50 -46.69
N CYS C 203 -15.22 -27.37 -45.91
CA CYS C 203 -15.70 -26.99 -44.59
C CYS C 203 -14.57 -26.61 -43.64
N ALA C 204 -13.57 -27.49 -43.50
CA ALA C 204 -12.43 -27.17 -42.65
C ALA C 204 -11.65 -25.98 -43.22
N LEU C 205 -11.44 -26.00 -44.53
CA LEU C 205 -10.81 -24.85 -45.19
C LEU C 205 -11.63 -23.59 -45.01
N MET C 206 -12.95 -23.69 -45.05
CA MET C 206 -13.80 -22.52 -44.91
C MET C 206 -13.74 -21.96 -43.49
N GLU C 207 -13.70 -22.84 -42.49
CA GLU C 207 -13.52 -22.40 -41.11
C GLU C 207 -12.18 -21.71 -40.91
N GLN C 208 -11.11 -22.29 -41.46
CA GLN C 208 -9.80 -21.67 -41.32
C GLN C 208 -9.71 -20.35 -42.10
N VAL C 209 -10.41 -20.27 -43.23
CA VAL C 209 -10.49 -19.01 -43.97
C VAL C 209 -11.20 -17.95 -43.14
N ALA C 210 -12.30 -18.32 -42.51
CA ALA C 210 -12.99 -17.38 -41.62
C ALA C 210 -12.08 -16.94 -40.48
N HIS C 211 -11.33 -17.89 -39.91
CA HIS C 211 -10.40 -17.56 -38.84
C HIS C 211 -9.36 -16.55 -39.30
N GLN C 212 -8.69 -16.83 -40.43
CA GLN C 212 -7.61 -15.95 -40.87
C GLN C 212 -8.14 -14.57 -41.24
N THR C 213 -9.28 -14.51 -41.94
CA THR C 213 -9.80 -13.21 -42.32
C THR C 213 -10.28 -12.43 -41.10
N ILE C 214 -10.86 -13.10 -40.11
CA ILE C 214 -11.33 -12.37 -38.93
C ILE C 214 -10.14 -11.87 -38.11
N VAL C 215 -9.08 -12.67 -38.01
CA VAL C 215 -7.92 -12.19 -37.24
C VAL C 215 -7.24 -11.03 -37.97
N MET C 216 -7.09 -11.12 -39.29
CA MET C 216 -6.45 -10.02 -40.00
C MET C 216 -7.30 -8.76 -39.94
N GLN C 217 -8.62 -8.88 -40.09
CA GLN C 217 -9.49 -7.71 -39.98
C GLN C 217 -9.42 -7.10 -38.59
N PHE C 218 -9.45 -7.93 -37.55
CA PHE C 218 -9.36 -7.42 -36.18
C PHE C 218 -8.03 -6.74 -35.94
N ILE C 219 -6.94 -7.35 -36.42
CA ILE C 219 -5.62 -6.77 -36.23
C ILE C 219 -5.54 -5.41 -36.92
N LEU C 220 -6.09 -5.31 -38.13
CA LEU C 220 -6.03 -4.05 -38.85
C LEU C 220 -6.87 -2.96 -38.20
N GLU C 221 -8.09 -3.29 -37.76
CA GLU C 221 -8.89 -2.25 -37.10
C GLU C 221 -8.26 -1.85 -35.76
N LEU C 222 -7.74 -2.81 -35.01
CA LEU C 222 -7.10 -2.51 -33.74
C LEU C 222 -5.84 -1.66 -33.94
N ALA C 223 -5.08 -1.94 -35.00
CA ALA C 223 -3.88 -1.16 -35.27
C ALA C 223 -4.24 0.24 -35.75
N LYS C 224 -5.26 0.36 -36.59
CA LYS C 224 -5.67 1.67 -37.10
C LYS C 224 -6.20 2.56 -35.99
N SER C 225 -7.15 2.06 -35.19
CA SER C 225 -7.59 2.81 -34.02
C SER C 225 -6.45 3.00 -33.03
N LEU C 226 -5.50 2.07 -33.02
CA LEU C 226 -4.34 2.09 -32.15
C LEU C 226 -3.19 2.90 -32.71
N LYS C 227 -3.21 3.18 -34.02
CA LYS C 227 -2.17 3.98 -34.69
C LYS C 227 -0.80 3.35 -34.53
N VAL C 228 -0.75 2.01 -34.55
CA VAL C 228 0.49 1.26 -34.49
C VAL C 228 0.54 0.33 -35.69
N ASP C 229 1.75 -0.01 -36.12
CA ASP C 229 1.91 -0.90 -37.25
C ASP C 229 1.40 -2.30 -36.90
N PRO C 230 0.49 -2.87 -37.70
CA PRO C 230 -0.05 -4.20 -37.37
C PRO C 230 0.99 -5.30 -37.30
N ARG C 231 2.05 -5.23 -38.12
CA ARG C 231 3.05 -6.28 -38.14
C ARG C 231 3.76 -6.44 -36.80
N ALA C 232 3.75 -5.39 -35.97
CA ALA C 232 4.30 -5.46 -34.62
C ALA C 232 3.22 -5.63 -33.56
N CYS C 233 1.99 -5.96 -33.96
CA CYS C 233 0.86 -6.12 -33.04
C CYS C 233 0.27 -7.51 -33.25
N PHE C 234 0.90 -8.51 -32.64
CA PHE C 234 0.40 -9.87 -32.66
C PHE C 234 0.50 -10.58 -31.31
N ARG C 235 1.39 -10.15 -30.42
CA ARG C 235 1.67 -10.88 -29.19
C ARG C 235 0.48 -10.88 -28.23
N GLN C 236 -0.13 -9.72 -27.99
CA GLN C 236 -1.28 -9.68 -27.10
C GLN C 236 -2.44 -10.47 -27.68
N PHE C 237 -2.62 -10.43 -29.01
CA PHE C 237 -3.64 -11.27 -29.63
C PHE C 237 -3.35 -12.75 -29.41
N PHE C 238 -2.08 -13.15 -29.58
CA PHE C 238 -1.73 -14.55 -29.42
C PHE C 238 -1.96 -15.01 -27.99
N THR C 239 -1.59 -14.19 -27.00
CA THR C 239 -1.81 -14.60 -25.62
C THR C 239 -3.28 -14.56 -25.23
N LYS C 240 -4.09 -13.71 -25.87
CA LYS C 240 -5.52 -13.71 -25.58
C LYS C 240 -6.23 -14.90 -26.22
N ILE C 241 -5.84 -15.28 -27.44
CA ILE C 241 -6.56 -16.34 -28.15
C ILE C 241 -6.02 -17.72 -27.81
N LYS C 242 -4.75 -17.83 -27.40
CA LYS C 242 -4.22 -19.14 -27.05
C LYS C 242 -4.81 -19.65 -25.74
N THR C 243 -5.09 -18.74 -24.81
CA THR C 243 -5.75 -19.08 -23.56
C THR C 243 -7.23 -18.67 -23.61
N ALA C 244 -7.82 -18.74 -24.81
CA ALA C 244 -9.23 -18.42 -24.96
C ALA C 244 -10.08 -19.56 -24.40
N ASP C 245 -10.72 -19.30 -23.26
CA ASP C 245 -11.49 -20.33 -22.57
C ASP C 245 -12.87 -20.46 -23.19
N ARG C 246 -13.76 -21.17 -22.49
CA ARG C 246 -15.08 -21.46 -23.03
C ARG C 246 -15.87 -20.18 -23.28
N GLN C 247 -15.84 -19.24 -22.32
CA GLN C 247 -16.52 -17.96 -22.53
C GLN C 247 -15.88 -17.19 -23.68
N TYR C 248 -14.56 -17.17 -23.76
CA TYR C 248 -13.90 -16.43 -24.83
C TYR C 248 -14.11 -17.11 -26.17
N MET C 249 -14.13 -18.45 -26.18
CA MET C 249 -14.44 -19.16 -27.41
C MET C 249 -15.88 -18.92 -27.85
N GLU C 250 -16.82 -18.79 -26.91
CA GLU C 250 -18.20 -18.54 -27.29
C GLU C 250 -18.39 -17.10 -27.77
N GLY C 251 -17.64 -16.15 -27.20
CA GLY C 251 -17.59 -14.82 -27.79
C GLY C 251 -17.02 -14.86 -29.19
N PHE C 252 -15.98 -15.67 -29.41
CA PHE C 252 -15.48 -15.88 -30.76
C PHE C 252 -16.55 -16.46 -31.66
N ASN C 253 -17.36 -17.38 -31.14
CA ASN C 253 -18.40 -18.01 -31.96
C ASN C 253 -19.50 -17.03 -32.33
N ASP C 254 -19.91 -16.17 -31.40
CA ASP C 254 -20.95 -15.19 -31.75
C ASP C 254 -20.43 -14.10 -32.67
N GLU C 255 -19.18 -13.67 -32.49
CA GLU C 255 -18.59 -12.76 -33.47
C GLU C 255 -18.38 -13.45 -34.81
N LEU C 256 -18.14 -14.76 -34.80
CA LEU C 256 -18.08 -15.52 -36.04
C LEU C 256 -19.45 -15.60 -36.70
N GLU C 257 -20.52 -15.64 -35.89
CA GLU C 257 -21.87 -15.58 -36.44
C GLU C 257 -22.12 -14.21 -37.07
N ALA C 258 -21.64 -13.15 -36.43
CA ALA C 258 -21.69 -11.82 -37.06
C ALA C 258 -20.96 -11.82 -38.39
N PHE C 259 -19.73 -12.35 -38.39
CA PHE C 259 -19.02 -12.58 -39.64
C PHE C 259 -19.81 -13.48 -40.58
N LYS C 260 -20.68 -14.32 -40.05
CA LYS C 260 -21.42 -15.24 -40.90
C LYS C 260 -22.54 -14.53 -41.66
N GLU C 261 -23.25 -13.61 -40.99
CA GLU C 261 -24.17 -12.81 -41.78
C GLU C 261 -23.41 -11.87 -42.71
N ARG C 262 -22.19 -11.47 -42.34
CA ARG C 262 -21.35 -10.76 -43.30
C ARG C 262 -20.98 -11.66 -44.48
N VAL C 263 -20.81 -12.96 -44.22
CA VAL C 263 -20.55 -13.93 -45.29
C VAL C 263 -21.76 -14.02 -46.21
N ARG C 264 -22.96 -14.03 -45.64
CA ARG C 264 -24.16 -14.04 -46.46
C ARG C 264 -24.23 -12.77 -47.30
N GLY C 265 -23.88 -11.62 -46.72
CA GLY C 265 -23.90 -10.38 -47.48
C GLY C 265 -22.89 -10.38 -48.63
N ARG C 266 -21.66 -10.81 -48.34
CA ARG C 266 -20.65 -10.85 -49.40
C ARG C 266 -21.01 -11.87 -50.46
N ALA C 267 -21.62 -12.99 -50.07
CA ALA C 267 -22.05 -13.97 -51.06
C ALA C 267 -23.18 -13.43 -51.92
N LYS C 268 -24.10 -12.67 -51.32
CA LYS C 268 -25.18 -12.09 -52.10
C LYS C 268 -24.64 -11.07 -53.11
N LEU C 269 -23.75 -10.18 -52.67
CA LEU C 269 -23.16 -9.24 -53.61
C LEU C 269 -22.33 -9.96 -54.66
N ARG C 270 -21.67 -11.06 -54.27
CA ARG C 270 -20.94 -11.90 -55.21
C ARG C 270 -21.85 -12.44 -56.30
N ILE C 271 -22.99 -13.01 -55.90
CA ILE C 271 -23.89 -13.62 -56.87
C ILE C 271 -24.50 -12.55 -57.77
N GLU C 272 -24.83 -11.38 -57.20
CA GLU C 272 -25.35 -10.29 -58.02
C GLU C 272 -24.33 -9.84 -59.05
N LYS C 273 -23.08 -9.64 -58.64
CA LYS C 273 -22.03 -9.28 -59.59
C LYS C 273 -21.79 -10.41 -60.58
N ALA C 274 -22.09 -11.65 -60.18
CA ALA C 274 -21.95 -12.79 -61.10
C ALA C 274 -22.97 -12.71 -62.22
N MET C 275 -24.25 -12.46 -61.89
CA MET C 275 -25.23 -12.28 -62.95
C MET C 275 -24.92 -11.06 -63.80
N LYS C 276 -24.51 -9.95 -63.17
CA LYS C 276 -24.26 -8.74 -63.93
C LYS C 276 -23.09 -8.89 -64.89
N GLU C 277 -21.95 -9.40 -64.39
CA GLU C 277 -20.81 -9.65 -65.26
C GLU C 277 -21.11 -10.77 -66.25
N TYR C 278 -21.70 -11.87 -65.78
CA TYR C 278 -21.92 -13.04 -66.61
C TYR C 278 -23.40 -13.36 -66.73
N THR D 583 -11.89 -4.98 -23.36
CA THR D 583 -12.12 -6.23 -24.06
C THR D 583 -10.92 -7.16 -23.89
N LYS D 584 -9.76 -6.57 -23.56
CA LYS D 584 -8.53 -7.32 -23.45
C LYS D 584 -8.06 -7.28 -21.99
N PRO D 585 -8.88 -7.83 -21.07
CA PRO D 585 -8.90 -7.40 -19.65
C PRO D 585 -7.66 -6.82 -18.97
N GLN D 586 -7.42 -7.27 -17.73
CA GLN D 586 -6.42 -6.66 -16.85
C GLN D 586 -6.24 -7.46 -15.57
N LEU D 587 -5.40 -6.94 -14.66
CA LEU D 587 -5.26 -7.48 -13.31
C LEU D 587 -4.89 -6.36 -12.37
N ALA D 588 -5.18 -6.56 -11.08
CA ALA D 588 -5.06 -5.48 -10.11
C ALA D 588 -3.61 -5.03 -9.94
N ILE D 589 -3.45 -3.81 -9.43
CA ILE D 589 -2.14 -3.19 -9.26
C ILE D 589 -2.07 -2.66 -7.83
N VAL D 590 -0.87 -2.67 -7.26
CA VAL D 590 -0.67 -2.35 -5.86
C VAL D 590 -0.11 -0.94 -5.73
N THR D 591 -0.08 -0.43 -4.50
CA THR D 591 0.40 0.91 -4.19
C THR D 591 1.90 0.87 -3.92
N GLN D 592 2.47 1.96 -3.41
CA GLN D 592 3.90 2.01 -3.10
C GLN D 592 4.14 2.10 -1.60
N TRP D 593 3.75 3.21 -0.96
CA TRP D 593 3.89 3.42 0.48
C TRP D 593 3.37 4.80 0.83
N CYS D 594 3.33 5.15 2.12
CA CYS D 594 2.76 6.42 2.57
C CYS D 594 3.71 7.11 3.55
N GLU D 595 3.58 8.43 3.63
CA GLU D 595 4.37 9.24 4.56
C GLU D 595 3.85 9.12 5.98
N GLY D 596 4.77 9.15 6.94
CA GLY D 596 4.43 9.27 8.34
C GLY D 596 4.47 10.72 8.82
N SER D 597 3.98 10.93 10.03
CA SER D 597 4.04 12.23 10.67
C SER D 597 5.26 12.34 11.58
N SER D 598 5.51 13.54 12.07
CA SER D 598 6.66 13.82 12.92
C SER D 598 6.38 13.45 14.37
N LEU D 599 7.29 13.82 15.27
CA LEU D 599 7.13 13.67 16.70
C LEU D 599 6.99 14.99 17.44
N TYR D 600 7.93 15.91 17.25
CA TYR D 600 8.00 17.08 18.11
C TYR D 600 6.75 17.94 18.01
N HIS D 601 6.07 17.90 16.85
CA HIS D 601 4.79 18.56 16.72
C HIS D 601 3.79 18.08 17.77
N HIS D 602 3.84 16.80 18.11
CA HIS D 602 2.96 16.25 19.14
C HIS D 602 3.27 16.77 20.53
N LEU D 603 4.46 17.33 20.73
CA LEU D 603 4.91 17.73 22.05
C LEU D 603 4.31 19.05 22.50
N HIS D 604 4.07 19.98 21.58
CA HIS D 604 3.51 21.29 21.91
C HIS D 604 2.03 21.43 21.59
N ILE D 605 1.62 21.11 20.36
CA ILE D 605 0.35 21.59 19.83
C ILE D 605 -0.76 20.57 20.00
N ILE D 606 -0.59 19.36 19.48
CA ILE D 606 -1.64 18.36 19.47
C ILE D 606 -1.20 17.16 20.30
N GLU D 607 -2.06 16.75 21.23
CA GLU D 607 -1.75 15.66 22.15
C GLU D 607 -2.39 14.35 21.70
N THR D 608 -3.73 14.34 21.59
CA THR D 608 -4.49 13.13 21.26
C THR D 608 -4.09 11.97 22.18
N LYS D 609 -4.39 12.16 23.46
CA LYS D 609 -3.86 11.35 24.53
C LYS D 609 -4.67 10.07 24.69
N PHE D 610 -4.01 8.92 24.55
CA PHE D 610 -4.52 7.63 24.98
C PHE D 610 -3.79 7.22 26.26
N GLU D 611 -4.03 5.98 26.70
CA GLU D 611 -3.41 5.48 27.92
C GLU D 611 -1.89 5.31 27.73
N MET D 612 -1.17 5.36 28.84
CA MET D 612 0.29 5.45 28.81
C MET D 612 0.92 4.15 28.32
N ILE D 613 0.13 3.09 28.18
CA ILE D 613 0.65 1.83 27.65
C ILE D 613 1.20 2.05 26.24
N LYS D 614 0.54 2.90 25.45
CA LYS D 614 1.05 3.23 24.13
C LYS D 614 2.39 3.94 24.22
N LEU D 615 2.56 4.82 25.21
CA LEU D 615 3.84 5.49 25.40
C LEU D 615 4.94 4.49 25.74
N ILE D 616 4.64 3.53 26.61
CA ILE D 616 5.64 2.52 26.97
C ILE D 616 5.98 1.65 25.76
N ASP D 617 4.97 1.34 24.94
CA ASP D 617 5.21 0.58 23.71
C ASP D 617 6.14 1.36 22.77
N ILE D 618 5.87 2.66 22.62
CA ILE D 618 6.76 3.52 21.84
C ILE D 618 8.17 3.44 22.38
N ALA D 619 8.31 3.53 23.70
CA ALA D 619 9.63 3.49 24.31
C ALA D 619 10.34 2.18 24.01
N ARG D 620 9.62 1.05 24.07
CA ARG D 620 10.31 -0.23 23.87
C ARG D 620 10.73 -0.39 22.41
N GLN D 621 9.87 -0.03 21.45
CA GLN D 621 10.30 -0.09 20.05
C GLN D 621 11.48 0.83 19.77
N THR D 622 11.44 2.07 20.29
CA THR D 622 12.54 2.98 19.98
C THR D 622 13.84 2.53 20.63
N ALA D 623 13.76 2.00 21.86
CA ALA D 623 14.95 1.47 22.52
C ALA D 623 15.53 0.30 21.73
N GLN D 624 14.68 -0.62 21.28
CA GLN D 624 15.16 -1.73 20.48
C GLN D 624 15.83 -1.24 19.20
N GLY D 625 15.22 -0.27 18.54
CA GLY D 625 15.79 0.24 17.29
C GLY D 625 17.15 0.88 17.49
N MET D 626 17.26 1.76 18.49
CA MET D 626 18.54 2.43 18.68
C MET D 626 19.61 1.47 19.19
N ASP D 627 19.21 0.47 19.99
CA ASP D 627 20.15 -0.58 20.37
C ASP D 627 20.67 -1.31 19.15
N TYR D 628 19.77 -1.69 18.23
CA TYR D 628 20.22 -2.37 17.02
C TYR D 628 21.18 -1.50 16.23
N LEU D 629 20.85 -0.22 16.06
CA LEU D 629 21.72 0.68 15.31
C LEU D 629 23.10 0.75 15.94
N HIS D 630 23.16 1.00 17.25
CA HIS D 630 24.43 1.16 17.91
C HIS D 630 25.20 -0.15 18.05
N ALA D 631 24.52 -1.29 17.87
CA ALA D 631 25.19 -2.58 17.97
C ALA D 631 26.30 -2.78 16.96
N LYS D 632 26.30 -2.03 15.87
CA LYS D 632 27.34 -2.12 14.84
C LYS D 632 28.39 -1.04 15.01
N SER D 633 28.66 -0.63 16.24
CA SER D 633 29.61 0.43 16.55
C SER D 633 29.28 1.71 15.80
N ILE D 634 28.01 2.10 15.77
CA ILE D 634 27.57 3.23 14.96
C ILE D 634 27.20 4.39 15.88
N ILE D 635 27.77 5.55 15.61
CA ILE D 635 27.46 6.77 16.32
C ILE D 635 26.28 7.45 15.63
N HIS D 636 25.61 8.35 16.35
CA HIS D 636 24.49 9.09 15.82
C HIS D 636 24.74 10.59 15.74
N ARG D 637 25.51 11.14 16.67
CA ARG D 637 25.93 12.54 16.71
C ARG D 637 24.76 13.49 16.95
N ASP D 638 23.54 12.97 16.91
CA ASP D 638 22.33 13.71 17.28
C ASP D 638 21.12 12.79 17.22
N LEU D 639 20.17 12.97 18.13
CA LEU D 639 18.89 12.28 18.08
C LEU D 639 17.78 13.24 18.51
N LYS D 640 17.84 14.46 17.97
CA LYS D 640 16.89 15.51 18.31
C LYS D 640 15.46 15.03 18.06
N SER D 641 14.57 15.36 18.99
CA SER D 641 13.21 14.83 19.01
C SER D 641 12.45 15.06 17.70
N ASN D 642 12.93 15.93 16.83
CA ASN D 642 12.33 16.10 15.50
C ASN D 642 12.76 15.01 14.53
N ASN D 643 13.82 14.26 14.86
CA ASN D 643 14.35 13.21 14.00
C ASN D 643 13.53 11.93 14.05
N ILE D 644 12.32 11.98 14.60
CA ILE D 644 11.46 10.82 14.72
C ILE D 644 10.23 11.02 13.84
N PHE D 645 9.94 10.04 13.00
CA PHE D 645 8.73 10.01 12.21
C PHE D 645 7.82 8.93 12.79
N LEU D 646 6.62 9.33 13.21
CA LEU D 646 5.63 8.39 13.71
C LEU D 646 4.86 7.85 12.51
N HIS D 647 5.25 6.66 12.06
CA HIS D 647 4.72 6.07 10.84
C HIS D 647 3.36 5.45 11.15
N GLU D 648 2.87 4.58 10.28
CA GLU D 648 1.65 3.82 10.53
C GLU D 648 1.64 3.29 11.96
N ASP D 649 0.46 3.33 12.57
CA ASP D 649 0.25 2.92 13.96
C ASP D 649 1.10 3.78 14.89
N LEU D 650 2.03 3.14 15.60
CA LEU D 650 3.00 3.85 16.43
C LEU D 650 4.35 3.21 16.14
N THR D 651 5.06 3.72 15.14
CA THR D 651 6.33 3.14 14.72
C THR D 651 7.30 4.28 14.44
N VAL D 652 8.51 4.16 14.98
CA VAL D 652 9.51 5.21 14.92
C VAL D 652 10.42 5.00 13.72
N LYS D 653 10.56 6.03 12.89
CA LYS D 653 11.59 6.08 11.85
C LYS D 653 12.55 7.20 12.21
N ILE D 654 13.84 6.88 12.27
CA ILE D 654 14.85 7.83 12.74
C ILE D 654 15.30 8.71 11.57
N GLY D 655 15.17 10.02 11.75
CA GLY D 655 15.64 10.99 10.78
C GLY D 655 17.00 11.56 11.17
N ASP D 656 17.57 12.32 10.24
CA ASP D 656 18.86 12.94 10.49
C ASP D 656 18.86 14.44 10.17
N PHE D 657 18.14 14.84 9.12
CA PHE D 657 18.20 16.22 8.66
C PHE D 657 17.29 17.11 9.51
N GLY D 658 17.67 18.38 9.62
CA GLY D 658 16.90 19.35 10.39
C GLY D 658 15.69 19.86 9.65
N GLY D 677 14.05 18.76 22.58
CA GLY D 677 14.16 18.86 24.02
C GLY D 677 15.59 18.99 24.50
N SER D 678 16.51 18.30 23.82
CA SER D 678 17.92 18.33 24.17
C SER D 678 18.77 18.86 23.00
N ILE D 679 18.18 19.67 22.13
CA ILE D 679 18.92 20.27 21.02
C ILE D 679 19.97 21.26 21.46
N LEU D 680 19.83 21.84 22.65
CA LEU D 680 20.90 22.63 23.26
C LEU D 680 21.31 22.09 24.63
N TRP D 681 20.86 20.89 25.00
CA TRP D 681 21.05 20.38 26.35
C TRP D 681 22.12 19.30 26.45
N MET D 682 22.93 19.09 25.42
CA MET D 682 23.95 18.05 25.52
C MET D 682 24.98 18.42 26.60
N ALA D 683 25.81 17.44 26.92
CA ALA D 683 26.83 17.61 27.93
C ALA D 683 27.86 18.66 27.49
N PRO D 684 28.59 19.26 28.43
CA PRO D 684 29.63 20.22 28.05
C PRO D 684 30.76 19.57 27.26
N GLU D 685 30.63 18.26 27.03
CA GLU D 685 31.50 17.54 26.09
C GLU D 685 31.51 18.19 24.72
N VAL D 686 30.37 18.71 24.26
CA VAL D 686 30.35 19.47 23.01
C VAL D 686 31.21 20.72 23.14
N ILE D 687 31.09 21.43 24.26
CA ILE D 687 31.88 22.64 24.48
C ILE D 687 33.36 22.30 24.61
N ARG D 688 33.69 21.11 25.07
CA ARG D 688 35.06 20.64 25.02
C ARG D 688 35.57 20.62 23.58
N MET D 689 36.57 21.45 23.31
CA MET D 689 37.17 21.57 21.98
C MET D 689 38.66 21.28 22.11
N GLN D 690 38.97 20.19 22.82
CA GLN D 690 40.32 19.71 23.03
C GLN D 690 40.48 18.36 22.36
N ASP D 691 41.57 18.21 21.63
CA ASP D 691 41.89 17.03 20.82
C ASP D 691 40.87 16.78 19.71
N LYS D 692 39.88 17.67 19.57
CA LYS D 692 38.90 17.66 18.46
C LYS D 692 38.15 16.33 18.36
N ASN D 693 38.23 15.48 19.39
CA ASN D 693 37.45 14.23 19.43
C ASN D 693 36.90 14.01 20.84
N PRO D 694 35.94 14.82 21.26
CA PRO D 694 35.21 14.54 22.51
C PRO D 694 34.08 13.55 22.35
N TYR D 695 33.79 13.12 21.12
CA TYR D 695 32.61 12.32 20.84
C TYR D 695 32.71 10.95 21.48
N SER D 696 31.62 10.49 22.08
CA SER D 696 31.59 9.20 22.76
C SER D 696 30.14 8.73 22.87
N PHE D 697 29.98 7.45 23.20
CA PHE D 697 28.65 6.88 23.38
C PHE D 697 27.95 7.44 24.60
N GLN D 698 28.71 8.00 25.54
CA GLN D 698 28.14 8.50 26.79
C GLN D 698 27.15 9.62 26.52
N SER D 699 27.51 10.54 25.61
CA SER D 699 26.60 11.63 25.26
C SER D 699 25.32 11.09 24.65
N ASP D 700 25.42 10.08 23.80
CA ASP D 700 24.23 9.48 23.21
C ASP D 700 23.34 8.83 24.27
N VAL D 701 23.95 8.13 25.23
CA VAL D 701 23.16 7.49 26.28
C VAL D 701 22.43 8.55 27.11
N TYR D 702 23.16 9.60 27.53
CA TYR D 702 22.55 10.64 28.33
C TYR D 702 21.45 11.36 27.56
N ALA D 703 21.68 11.62 26.27
CA ALA D 703 20.68 12.29 25.46
C ALA D 703 19.42 11.43 25.29
N PHE D 704 19.60 10.13 25.08
CA PHE D 704 18.44 9.25 25.01
C PHE D 704 17.68 9.28 26.32
N GLY D 705 18.40 9.23 27.44
CA GLY D 705 17.74 9.27 28.73
C GLY D 705 16.90 10.52 28.92
N ILE D 706 17.50 11.68 28.69
CA ILE D 706 16.79 12.94 28.91
C ILE D 706 15.64 13.09 27.90
N VAL D 707 15.85 12.66 26.66
CA VAL D 707 14.82 12.80 25.64
C VAL D 707 13.62 11.94 25.99
N LEU D 708 13.84 10.67 26.35
CA LEU D 708 12.72 9.81 26.69
C LEU D 708 12.02 10.28 27.96
N TYR D 709 12.80 10.78 28.94
CA TYR D 709 12.19 11.29 30.16
C TYR D 709 11.30 12.49 29.87
N GLU D 710 11.77 13.42 29.03
CA GLU D 710 10.95 14.58 28.70
C GLU D 710 9.75 14.18 27.84
N LEU D 711 9.93 13.21 26.95
CA LEU D 711 8.83 12.77 26.10
C LEU D 711 7.72 12.14 26.93
N MET D 712 8.09 11.35 27.94
CA MET D 712 7.11 10.93 28.93
C MET D 712 6.50 12.15 29.62
N THR D 713 7.35 13.09 30.03
CA THR D 713 6.89 14.24 30.80
C THR D 713 5.94 15.12 29.98
N GLY D 714 6.37 15.54 28.78
CA GLY D 714 5.51 16.27 27.88
C GLY D 714 5.73 17.77 27.80
N GLN D 715 6.76 18.31 28.46
CA GLN D 715 7.00 19.74 28.41
C GLN D 715 8.48 20.04 28.66
N LEU D 716 8.87 21.27 28.28
CA LEU D 716 10.27 21.61 28.08
C LEU D 716 10.91 22.10 29.38
N PRO D 717 12.07 21.59 29.77
CA PRO D 717 12.83 22.22 30.85
C PRO D 717 13.50 23.50 30.38
N TYR D 718 13.73 24.40 31.34
CA TYR D 718 14.56 25.59 31.14
C TYR D 718 13.99 26.50 30.06
N SER D 719 12.77 26.99 30.27
CA SER D 719 12.11 27.88 29.34
C SER D 719 11.93 29.30 29.88
N ASN D 720 12.33 29.57 31.11
CA ASN D 720 12.15 30.88 31.72
C ASN D 720 13.39 31.76 31.58
N ILE D 721 14.57 31.21 31.87
CA ILE D 721 15.83 31.95 31.81
C ILE D 721 16.64 31.43 30.65
N ASN D 722 16.99 32.32 29.72
CA ASN D 722 17.65 31.95 28.47
C ASN D 722 18.70 33.00 28.14
N ASN D 723 19.97 32.70 28.42
CA ASN D 723 21.08 33.58 28.08
C ASN D 723 22.26 32.72 27.65
N ARG D 724 22.37 32.45 26.34
CA ARG D 724 23.34 31.48 25.85
C ARG D 724 24.76 31.82 26.31
N ASP D 725 25.16 33.08 26.17
CA ASP D 725 26.49 33.48 26.61
C ASP D 725 26.65 33.32 28.12
N GLN D 726 25.65 33.76 28.88
CA GLN D 726 25.75 33.61 30.33
C GLN D 726 25.60 32.16 30.75
N ILE D 727 24.78 31.38 30.03
CA ILE D 727 24.69 29.96 30.31
C ILE D 727 26.05 29.29 30.12
N ILE D 728 26.76 29.61 29.04
CA ILE D 728 28.03 28.95 28.80
C ILE D 728 29.11 29.44 29.77
N PHE D 729 29.06 30.73 30.14
CA PHE D 729 30.00 31.22 31.16
C PHE D 729 29.75 30.52 32.49
N MET D 730 28.48 30.33 32.85
CA MET D 730 28.13 29.61 34.07
C MET D 730 28.48 28.14 33.96
N VAL D 731 28.47 27.58 32.74
CA VAL D 731 28.97 26.23 32.53
C VAL D 731 30.47 26.18 32.80
N GLY D 732 31.19 27.24 32.44
CA GLY D 732 32.62 27.28 32.72
C GLY D 732 32.92 27.14 34.19
N ARG D 733 32.17 27.84 35.03
CA ARG D 733 32.27 27.71 36.48
C ARG D 733 30.91 28.00 37.09
N GLY D 734 30.51 27.18 38.06
CA GLY D 734 29.23 27.32 38.70
C GLY D 734 28.10 26.66 37.93
N TYR D 735 28.38 25.48 37.37
CA TYR D 735 27.38 24.75 36.62
C TYR D 735 26.24 24.31 37.52
N LEU D 736 25.03 24.23 36.95
CA LEU D 736 23.82 23.93 37.69
C LEU D 736 23.57 22.43 37.76
N SER D 737 22.45 22.08 38.39
CA SER D 737 21.96 20.72 38.49
C SER D 737 20.50 20.68 38.05
N PRO D 738 20.04 19.53 37.56
CA PRO D 738 18.64 19.43 37.11
C PRO D 738 17.66 19.66 38.27
N ASP D 739 16.51 20.24 37.94
CA ASP D 739 15.48 20.48 38.95
C ASP D 739 14.76 19.17 39.31
N LEU D 740 14.46 19.02 40.60
CA LEU D 740 13.83 17.79 41.06
C LEU D 740 12.32 17.92 41.20
N SER D 741 11.81 19.14 41.38
CA SER D 741 10.37 19.32 41.49
C SER D 741 9.65 18.92 40.22
N LYS D 742 10.28 19.16 39.07
CA LYS D 742 9.71 18.78 37.77
C LYS D 742 9.87 17.28 37.60
N VAL D 743 8.88 16.53 38.08
CA VAL D 743 8.82 15.09 37.92
C VAL D 743 7.37 14.66 37.87
N ARG D 744 7.10 13.61 37.11
CA ARG D 744 5.75 13.08 37.03
C ARG D 744 5.39 12.31 38.29
N SER D 745 4.09 12.31 38.60
CA SER D 745 3.61 11.58 39.77
C SER D 745 3.76 10.07 39.57
N ASN D 746 3.33 9.57 38.43
CA ASN D 746 3.39 8.13 38.14
C ASN D 746 4.70 7.74 37.47
N CYS D 747 5.81 8.16 38.07
CA CYS D 747 7.11 7.73 37.57
C CYS D 747 7.36 6.29 37.97
N PRO D 748 7.54 5.37 37.01
CA PRO D 748 7.74 3.96 37.38
C PRO D 748 9.01 3.77 38.19
N LYS D 749 8.94 2.84 39.14
CA LYS D 749 10.04 2.66 40.09
C LYS D 749 11.31 2.22 39.40
N ALA D 750 11.21 1.25 38.47
CA ALA D 750 12.41 0.78 37.78
C ALA D 750 13.05 1.89 36.96
N MET D 751 12.24 2.64 36.20
CA MET D 751 12.79 3.70 35.37
C MET D 751 13.35 4.83 36.21
N LYS D 752 12.66 5.18 37.31
CA LYS D 752 13.18 6.20 38.21
C LYS D 752 14.52 5.78 38.79
N ARG D 753 14.64 4.52 39.22
CA ARG D 753 15.91 4.04 39.76
C ARG D 753 17.00 4.06 38.71
N LEU D 754 16.68 3.62 37.48
CA LEU D 754 17.67 3.66 36.41
C LEU D 754 18.16 5.07 36.13
N MET D 755 17.22 6.02 35.96
CA MET D 755 17.62 7.38 35.62
C MET D 755 18.41 8.02 36.76
N ALA D 756 18.01 7.77 38.00
CA ALA D 756 18.76 8.29 39.15
C ALA D 756 20.17 7.70 39.19
N GLU D 757 20.28 6.40 38.89
CA GLU D 757 21.57 5.71 38.96
C GLU D 757 22.48 6.06 37.80
N CYS D 758 21.91 6.57 36.69
CA CYS D 758 22.71 6.86 35.51
C CYS D 758 23.85 7.83 35.81
N LEU D 759 23.54 8.95 36.46
CA LEU D 759 24.52 10.02 36.64
C LEU D 759 24.70 10.31 38.13
N LYS D 760 25.83 9.87 38.67
CA LYS D 760 26.18 10.14 40.07
C LYS D 760 27.42 11.02 40.19
N LYS D 761 28.55 10.57 39.66
CA LYS D 761 29.80 11.31 39.77
C LYS D 761 30.36 11.67 38.39
N LYS D 762 30.52 10.66 37.54
CA LYS D 762 31.05 10.85 36.20
C LYS D 762 30.11 10.24 35.17
N ARG D 763 30.01 10.89 34.02
CA ARG D 763 29.16 10.39 32.94
C ARG D 763 29.93 9.45 32.02
N ASP D 764 30.63 8.50 32.64
CA ASP D 764 31.42 7.53 31.91
C ASP D 764 31.18 6.09 32.37
N GLU D 765 30.67 5.87 33.57
CA GLU D 765 30.38 4.52 34.07
C GLU D 765 28.93 4.13 33.82
N ARG D 766 28.34 4.69 32.77
CA ARG D 766 26.99 4.31 32.38
C ARG D 766 26.95 2.85 31.97
N PRO D 767 25.81 2.19 32.14
CA PRO D 767 25.71 0.78 31.77
C PRO D 767 25.65 0.60 30.26
N LEU D 768 25.58 -0.65 29.81
CA LEU D 768 25.60 -0.95 28.39
C LEU D 768 24.21 -1.47 28.02
N PHE D 769 23.80 -1.22 26.79
CA PHE D 769 22.40 -1.14 26.35
C PHE D 769 21.47 -2.29 26.73
N PRO D 770 21.83 -3.57 26.52
CA PRO D 770 20.80 -4.61 26.64
C PRO D 770 20.33 -4.84 28.06
N GLN D 771 21.06 -4.43 29.10
CA GLN D 771 20.49 -4.59 30.43
C GLN D 771 19.47 -3.50 30.67
N ILE D 772 19.67 -2.32 30.07
CA ILE D 772 18.60 -1.32 30.03
C ILE D 772 17.38 -1.90 29.34
N LEU D 773 17.60 -2.59 28.22
CA LEU D 773 16.48 -3.22 27.52
C LEU D 773 15.79 -4.26 28.39
N ALA D 774 16.57 -5.04 29.15
CA ALA D 774 15.99 -6.02 30.06
C ALA D 774 15.18 -5.36 31.15
N SER D 775 15.67 -4.24 31.69
CA SER D 775 14.89 -3.49 32.68
C SER D 775 13.59 -3.00 32.08
N ILE D 776 13.65 -2.48 30.85
CA ILE D 776 12.44 -2.07 30.13
C ILE D 776 11.45 -3.23 30.04
N GLU D 777 11.94 -4.39 29.59
CA GLU D 777 11.04 -5.51 29.33
C GLU D 777 10.46 -6.08 30.62
N LEU D 778 11.25 -6.11 31.69
CA LEU D 778 10.73 -6.63 32.97
C LEU D 778 9.70 -5.67 33.55
N LEU D 779 9.98 -4.35 33.51
CA LEU D 779 9.01 -3.39 34.03
C LEU D 779 7.73 -3.41 33.20
N ALA D 780 7.85 -3.60 31.89
CA ALA D 780 6.67 -3.70 31.04
C ALA D 780 5.87 -4.96 31.34
N ARG D 781 6.54 -6.11 31.34
CA ARG D 781 5.90 -7.39 31.68
C ARG D 781 6.05 -7.70 33.16
N SER D 782 5.77 -6.72 34.00
CA SER D 782 5.62 -6.96 35.43
C SER D 782 4.47 -6.16 36.05
N LEU D 783 3.78 -5.32 35.28
CA LEU D 783 2.70 -4.48 35.81
C LEU D 783 1.63 -4.20 34.76
N PRO D 784 1.05 -5.24 34.11
CA PRO D 784 -0.14 -4.98 33.30
C PRO D 784 -1.33 -4.60 34.17
N LYS D 785 -1.71 -5.50 35.07
CA LYS D 785 -2.54 -5.27 36.25
C LYS D 785 -1.97 -5.93 37.49
N ILE D 786 -1.39 -7.12 37.35
CA ILE D 786 -0.97 -7.92 38.49
C ILE D 786 0.55 -8.00 38.57
N PRO E 3 -88.06 63.00 -7.67
CA PRO E 3 -87.19 62.06 -6.96
C PRO E 3 -85.93 61.70 -7.77
N PRO E 4 -84.75 61.76 -7.13
CA PRO E 4 -84.49 62.17 -5.74
C PRO E 4 -84.58 63.68 -5.55
N ALA E 5 -84.79 64.14 -4.32
CA ALA E 5 -84.85 65.57 -4.06
C ALA E 5 -83.46 66.20 -4.16
N ASP E 6 -83.44 67.50 -4.46
CA ASP E 6 -82.17 68.21 -4.60
C ASP E 6 -81.45 68.39 -3.27
N GLY E 7 -82.18 68.32 -2.15
CA GLY E 7 -81.55 68.55 -0.86
C GLY E 7 -80.50 67.52 -0.51
N ALA E 8 -80.81 66.24 -0.71
CA ALA E 8 -79.84 65.19 -0.39
C ALA E 8 -78.62 65.27 -1.30
N LEU E 9 -78.84 65.52 -2.59
CA LEU E 9 -77.71 65.66 -3.52
C LEU E 9 -76.83 66.83 -3.13
N LYS E 10 -77.43 67.98 -2.80
CA LYS E 10 -76.66 69.14 -2.39
C LYS E 10 -75.90 68.86 -1.10
N ARG E 11 -76.52 68.18 -0.14
CA ARG E 11 -75.86 67.87 1.12
C ARG E 11 -74.66 66.95 0.88
N ALA E 12 -74.83 65.92 0.04
CA ALA E 12 -73.72 65.03 -0.26
C ALA E 12 -72.59 65.77 -0.97
N GLU E 13 -72.94 66.62 -1.94
CA GLU E 13 -71.93 67.38 -2.67
C GLU E 13 -71.16 68.32 -1.74
N GLU E 14 -71.87 69.02 -0.85
CA GLU E 14 -71.20 69.97 0.02
C GLU E 14 -70.35 69.26 1.08
N LEU E 15 -70.81 68.11 1.58
CA LEU E 15 -69.96 67.34 2.48
C LEU E 15 -68.71 66.84 1.77
N LYS E 16 -68.86 66.39 0.51
CA LYS E 16 -67.72 65.97 -0.28
C LYS E 16 -66.73 67.11 -0.45
N THR E 17 -67.20 68.30 -0.81
CA THR E 17 -66.30 69.43 -1.02
C THR E 17 -65.63 69.87 0.27
N GLN E 18 -66.39 69.94 1.37
CA GLN E 18 -65.82 70.28 2.66
C GLN E 18 -64.70 69.32 3.05
N ALA E 19 -64.97 68.02 2.95
CA ALA E 19 -63.99 67.04 3.43
C ALA E 19 -62.81 66.92 2.47
N ASN E 20 -63.02 67.20 1.18
CA ASN E 20 -61.88 67.34 0.29
C ASN E 20 -61.00 68.51 0.70
N ASP E 21 -61.61 69.65 1.03
CA ASP E 21 -60.83 70.78 1.54
C ASP E 21 -60.07 70.40 2.80
N TYR E 22 -60.72 69.66 3.69
CA TYR E 22 -60.08 69.23 4.93
C TYR E 22 -58.95 68.25 4.69
N PHE E 23 -59.08 67.35 3.71
CA PHE E 23 -58.01 66.42 3.39
C PHE E 23 -56.85 67.14 2.72
N LYS E 24 -57.13 68.21 1.97
CA LYS E 24 -56.04 69.06 1.50
C LYS E 24 -55.27 69.66 2.67
N ALA E 25 -55.93 69.86 3.81
CA ALA E 25 -55.28 70.21 5.06
C ALA E 25 -54.94 68.98 5.90
N LYS E 26 -55.21 67.78 5.39
CA LYS E 26 -54.92 66.52 6.08
C LYS E 26 -55.66 66.43 7.41
N ASP E 27 -56.95 66.77 7.40
CA ASP E 27 -57.83 66.57 8.55
C ASP E 27 -58.62 65.28 8.32
N TYR E 28 -58.00 64.17 8.69
CA TYR E 28 -58.50 62.86 8.26
C TYR E 28 -59.80 62.49 8.95
N GLU E 29 -59.87 62.64 10.28
CA GLU E 29 -61.03 62.19 11.03
C GLU E 29 -62.27 63.03 10.69
N ASN E 30 -62.09 64.34 10.48
CA ASN E 30 -63.21 65.16 10.07
C ASN E 30 -63.73 64.75 8.69
N ALA E 31 -62.82 64.53 7.74
CA ALA E 31 -63.24 64.05 6.43
C ALA E 31 -63.98 62.73 6.54
N ILE E 32 -63.51 61.85 7.43
CA ILE E 32 -64.15 60.56 7.61
C ILE E 32 -65.57 60.73 8.13
N LYS E 33 -65.77 61.60 9.12
CA LYS E 33 -67.12 61.76 9.66
C LYS E 33 -68.05 62.42 8.65
N PHE E 34 -67.54 63.37 7.85
CA PHE E 34 -68.42 63.98 6.86
C PHE E 34 -68.78 63.01 5.73
N TYR E 35 -67.82 62.20 5.27
CA TYR E 35 -68.18 61.07 4.39
C TYR E 35 -69.22 60.16 5.03
N SER E 36 -69.06 59.84 6.31
CA SER E 36 -70.01 58.92 6.95
C SER E 36 -71.41 59.51 6.94
N GLN E 37 -71.54 60.79 7.30
CA GLN E 37 -72.85 61.43 7.30
C GLN E 37 -73.44 61.50 5.89
N ALA E 38 -72.63 61.87 4.90
CA ALA E 38 -73.14 61.96 3.54
C ALA E 38 -73.61 60.60 3.03
N ILE E 39 -72.85 59.54 3.33
CA ILE E 39 -73.25 58.20 2.93
C ILE E 39 -74.53 57.78 3.64
N GLU E 40 -74.64 58.09 4.93
CA GLU E 40 -75.90 57.86 5.62
C GLU E 40 -77.05 58.57 4.91
N LEU E 41 -76.75 59.70 4.28
CA LEU E 41 -77.78 60.41 3.53
C LEU E 41 -77.86 59.93 2.08
N ASN E 42 -76.72 59.51 1.50
CA ASN E 42 -76.67 59.01 0.12
C ASN E 42 -75.73 57.81 0.06
N PRO E 43 -76.25 56.59 0.13
CA PRO E 43 -75.38 55.40 0.16
C PRO E 43 -74.93 54.91 -1.20
N SER E 44 -75.20 55.63 -2.29
CA SER E 44 -74.92 55.15 -3.63
C SER E 44 -73.74 55.86 -4.29
N ASN E 45 -72.84 56.45 -3.52
CA ASN E 45 -71.73 57.24 -4.05
C ASN E 45 -70.43 56.46 -3.87
N ALA E 46 -69.83 56.02 -4.98
CA ALA E 46 -68.61 55.21 -4.94
C ALA E 46 -67.36 56.03 -4.62
N ILE E 47 -67.38 57.33 -4.94
CA ILE E 47 -66.21 58.17 -4.72
C ILE E 47 -65.89 58.25 -3.23
N TYR E 48 -66.92 58.29 -2.38
CA TYR E 48 -66.69 58.23 -0.93
C TYR E 48 -66.02 56.92 -0.54
N TYR E 49 -66.45 55.80 -1.14
CA TYR E 49 -65.82 54.52 -0.88
C TYR E 49 -64.33 54.57 -1.20
N GLY E 50 -63.99 55.07 -2.39
CA GLY E 50 -62.58 55.14 -2.78
C GLY E 50 -61.78 56.09 -1.89
N ASN E 51 -62.36 57.24 -1.54
CA ASN E 51 -61.63 58.22 -0.74
C ASN E 51 -61.37 57.71 0.67
N ARG E 52 -62.39 57.11 1.31
CA ARG E 52 -62.14 56.54 2.63
C ARG E 52 -61.21 55.34 2.54
N SER E 53 -61.27 54.60 1.43
CA SER E 53 -60.31 53.52 1.23
C SER E 53 -58.89 54.06 1.27
N LEU E 54 -58.62 55.13 0.50
CA LEU E 54 -57.28 55.70 0.47
C LEU E 54 -56.88 56.26 1.84
N ALA E 55 -57.81 56.95 2.51
CA ALA E 55 -57.51 57.49 3.84
C ALA E 55 -57.18 56.37 4.83
N TYR E 56 -57.90 55.25 4.73
CA TYR E 56 -57.62 54.11 5.59
C TYR E 56 -56.28 53.48 5.25
N LEU E 57 -55.89 53.50 3.97
CA LEU E 57 -54.54 53.05 3.62
C LEU E 57 -53.49 53.93 4.28
N ARG E 58 -53.70 55.25 4.28
CA ARG E 58 -52.74 56.11 4.96
C ARG E 58 -52.73 55.86 6.46
N THR E 59 -53.86 55.40 7.01
CA THR E 59 -53.91 54.93 8.39
C THR E 59 -53.75 53.41 8.49
N GLU E 60 -53.58 52.73 7.36
CA GLU E 60 -53.26 51.31 7.30
C GLU E 60 -54.31 50.43 7.98
N CYS E 61 -55.59 50.69 7.69
CA CYS E 61 -56.68 49.77 8.03
C CYS E 61 -57.22 49.21 6.72
N TYR E 62 -56.70 48.05 6.32
CA TYR E 62 -56.94 47.50 4.99
C TYR E 62 -58.32 46.90 4.79
N GLY E 63 -58.89 46.25 5.82
CA GLY E 63 -60.17 45.58 5.64
C GLY E 63 -61.30 46.55 5.32
N TYR E 64 -61.34 47.66 6.04
CA TYR E 64 -62.35 48.68 5.77
C TYR E 64 -62.20 49.22 4.35
N ALA E 65 -60.96 49.46 3.92
CA ALA E 65 -60.70 49.97 2.59
C ALA E 65 -61.16 48.99 1.52
N LEU E 66 -60.89 47.69 1.70
CA LEU E 66 -61.30 46.72 0.70
C LEU E 66 -62.81 46.56 0.68
N GLY E 67 -63.46 46.69 1.84
CA GLY E 67 -64.92 46.69 1.85
C GLY E 67 -65.49 47.86 1.06
N ASP E 68 -64.90 49.04 1.26
CA ASP E 68 -65.33 50.21 0.48
C ASP E 68 -65.11 50.00 -1.00
N ALA E 69 -63.95 49.42 -1.37
CA ALA E 69 -63.67 49.17 -2.78
C ALA E 69 -64.66 48.19 -3.39
N THR E 70 -65.00 47.13 -2.65
CA THR E 70 -65.97 46.16 -3.14
C THR E 70 -67.34 46.80 -3.33
N ARG E 71 -67.78 47.61 -2.35
CA ARG E 71 -69.07 48.27 -2.48
C ARG E 71 -69.09 49.25 -3.65
N ALA E 72 -67.98 49.98 -3.84
CA ALA E 72 -67.89 50.91 -4.96
C ALA E 72 -67.95 50.19 -6.30
N ILE E 73 -67.22 49.07 -6.42
CA ILE E 73 -67.25 48.32 -7.67
C ILE E 73 -68.64 47.76 -7.92
N GLU E 74 -69.32 47.30 -6.87
CA GLU E 74 -70.70 46.87 -7.03
C GLU E 74 -71.60 48.03 -7.46
N LEU E 75 -71.26 49.25 -7.05
CA LEU E 75 -71.95 50.42 -7.59
C LEU E 75 -71.59 50.64 -9.06
N ASP E 76 -70.31 50.91 -9.33
CA ASP E 76 -69.82 51.03 -10.70
C ASP E 76 -68.59 50.15 -10.89
N LYS E 77 -68.71 49.19 -11.81
CA LYS E 77 -67.65 48.21 -12.01
C LYS E 77 -66.38 48.85 -12.55
N LYS E 78 -66.50 49.95 -13.30
CA LYS E 78 -65.38 50.55 -14.01
C LYS E 78 -64.95 51.88 -13.42
N TYR E 79 -64.94 52.00 -12.09
CA TYR E 79 -64.46 53.20 -11.42
C TYR E 79 -62.94 53.15 -11.40
N ILE E 80 -62.30 53.86 -12.32
CA ILE E 80 -60.85 53.75 -12.52
C ILE E 80 -60.09 54.22 -11.28
N LYS E 81 -60.56 55.30 -10.66
CA LYS E 81 -59.94 55.76 -9.42
C LYS E 81 -59.98 54.68 -8.36
N GLY E 82 -61.12 53.99 -8.22
CA GLY E 82 -61.19 52.87 -7.30
C GLY E 82 -60.24 51.74 -7.68
N TYR E 83 -60.08 51.51 -9.00
CA TYR E 83 -59.12 50.50 -9.45
C TYR E 83 -57.72 50.83 -8.94
N TYR E 84 -57.27 52.06 -9.18
CA TYR E 84 -55.95 52.48 -8.72
C TYR E 84 -55.86 52.35 -7.20
N ARG E 85 -56.89 52.80 -6.49
CA ARG E 85 -56.85 52.80 -5.03
C ARG E 85 -56.73 51.39 -4.46
N ARG E 86 -57.54 50.45 -4.93
CA ARG E 86 -57.50 49.13 -4.29
C ARG E 86 -56.34 48.30 -4.81
N ALA E 87 -55.84 48.60 -6.02
CA ALA E 87 -54.60 48.00 -6.45
C ALA E 87 -53.44 48.44 -5.55
N ALA E 88 -53.38 49.74 -5.24
CA ALA E 88 -52.37 50.22 -4.30
C ALA E 88 -52.59 49.62 -2.91
N SER E 89 -53.85 49.41 -2.53
CA SER E 89 -54.14 48.76 -1.25
C SER E 89 -53.54 47.37 -1.20
N ASN E 90 -53.78 46.57 -2.23
CA ASN E 90 -53.23 45.21 -2.26
C ASN E 90 -51.71 45.25 -2.30
N MET E 91 -51.14 46.21 -3.02
CA MET E 91 -49.69 46.35 -3.03
C MET E 91 -49.17 46.64 -1.62
N ALA E 92 -49.85 47.51 -0.88
CA ALA E 92 -49.47 47.81 0.49
C ALA E 92 -49.74 46.65 1.45
N LEU E 93 -50.57 45.68 1.05
CA LEU E 93 -50.82 44.51 1.86
C LEU E 93 -49.77 43.42 1.63
N GLY E 94 -49.66 42.93 0.40
CA GLY E 94 -48.70 41.88 0.07
C GLY E 94 -49.19 40.82 -0.88
N LYS E 95 -50.47 40.78 -1.26
CA LYS E 95 -50.97 39.79 -2.20
C LYS E 95 -50.83 40.37 -3.61
N PHE E 96 -49.59 40.34 -4.11
CA PHE E 96 -49.18 41.20 -5.22
C PHE E 96 -49.93 40.91 -6.52
N ARG E 97 -50.39 39.67 -6.73
CA ARG E 97 -50.82 39.25 -8.06
C ARG E 97 -52.04 40.02 -8.56
N ALA E 98 -53.02 40.25 -7.68
CA ALA E 98 -54.22 40.97 -8.10
C ALA E 98 -53.90 42.40 -8.51
N ALA E 99 -53.06 43.09 -7.73
CA ALA E 99 -52.63 44.43 -8.11
C ALA E 99 -51.85 44.39 -9.41
N LEU E 100 -51.00 43.39 -9.59
CA LEU E 100 -50.26 43.25 -10.84
C LEU E 100 -51.20 43.15 -12.03
N ARG E 101 -52.23 42.31 -11.92
CA ARG E 101 -53.20 42.19 -13.01
C ARG E 101 -53.95 43.49 -13.22
N ASP E 102 -54.31 44.19 -12.14
CA ASP E 102 -54.99 45.48 -12.28
C ASP E 102 -54.15 46.47 -13.06
N TYR E 103 -52.88 46.64 -12.68
CA TYR E 103 -52.05 47.61 -13.37
C TYR E 103 -51.73 47.16 -14.79
N GLU E 104 -51.61 45.86 -15.04
CA GLU E 104 -51.43 45.39 -16.41
C GLU E 104 -52.63 45.76 -17.28
N THR E 105 -53.85 45.54 -16.77
CA THR E 105 -55.03 45.92 -17.53
C THR E 105 -55.08 47.43 -17.75
N VAL E 106 -54.73 48.21 -16.73
CA VAL E 106 -54.78 49.66 -16.85
C VAL E 106 -53.80 50.15 -17.90
N VAL E 107 -52.57 49.62 -17.89
CA VAL E 107 -51.59 50.07 -18.87
C VAL E 107 -51.96 49.58 -20.27
N LYS E 108 -52.60 48.40 -20.37
CA LYS E 108 -53.09 47.95 -21.65
C LYS E 108 -54.16 48.88 -22.20
N VAL E 109 -55.03 49.41 -21.33
CA VAL E 109 -56.08 50.30 -21.81
C VAL E 109 -55.61 51.76 -21.80
N LYS E 110 -54.72 52.12 -20.88
CA LYS E 110 -54.25 53.50 -20.77
C LYS E 110 -52.73 53.49 -20.57
N PRO E 111 -51.95 53.60 -21.63
CA PRO E 111 -50.49 53.48 -21.50
C PRO E 111 -49.75 54.79 -21.27
N HIS E 112 -50.40 55.93 -21.46
CA HIS E 112 -49.71 57.22 -21.48
C HIS E 112 -49.53 57.82 -20.09
N ASP E 113 -49.57 57.00 -19.04
CA ASP E 113 -49.43 57.47 -17.67
C ASP E 113 -48.04 57.14 -17.12
N LYS E 114 -47.35 58.17 -16.61
CA LYS E 114 -45.94 58.02 -16.26
C LYS E 114 -45.76 57.50 -14.84
N ASP E 115 -46.42 58.12 -13.86
CA ASP E 115 -46.30 57.65 -12.48
C ASP E 115 -46.80 56.22 -12.35
N ALA E 116 -47.89 55.89 -13.04
CA ALA E 116 -48.38 54.52 -12.99
C ALA E 116 -47.39 53.56 -13.61
N LYS E 117 -46.74 53.94 -14.72
CA LYS E 117 -45.81 53.01 -15.35
C LYS E 117 -44.57 52.78 -14.47
N MET E 118 -44.07 53.83 -13.83
CA MET E 118 -42.92 53.64 -12.93
C MET E 118 -43.32 52.80 -11.72
N LYS E 119 -44.51 53.04 -11.16
CA LYS E 119 -44.99 52.21 -10.06
C LYS E 119 -45.12 50.75 -10.49
N TYR E 120 -45.65 50.51 -11.69
CA TYR E 120 -45.82 49.15 -12.18
C TYR E 120 -44.48 48.45 -12.34
N GLN E 121 -43.50 49.12 -12.94
CA GLN E 121 -42.20 48.48 -13.14
C GLN E 121 -41.48 48.23 -11.82
N GLU E 122 -41.55 49.18 -10.88
CA GLU E 122 -40.89 48.96 -9.59
C GLU E 122 -41.58 47.83 -8.82
N CYS E 123 -42.91 47.77 -8.86
CA CYS E 123 -43.62 46.63 -8.27
C CYS E 123 -43.24 45.33 -8.97
N ASN E 124 -42.94 45.40 -10.27
CA ASN E 124 -42.59 44.18 -10.99
C ASN E 124 -41.24 43.64 -10.52
N LYS E 125 -40.25 44.52 -10.36
CA LYS E 125 -39.01 44.07 -9.72
C LYS E 125 -39.28 43.55 -8.31
N ILE E 126 -40.17 44.21 -7.57
CA ILE E 126 -40.52 43.73 -6.23
C ILE E 126 -41.00 42.28 -6.29
N VAL E 127 -41.95 41.99 -7.19
CA VAL E 127 -42.55 40.66 -7.24
C VAL E 127 -41.54 39.64 -7.77
N LYS E 128 -40.67 40.04 -8.68
CA LYS E 128 -39.62 39.13 -9.12
C LYS E 128 -38.71 38.74 -7.96
N GLN E 129 -38.31 39.71 -7.14
CA GLN E 129 -37.44 39.38 -6.01
C GLN E 129 -38.18 38.48 -5.02
N LYS E 130 -39.46 38.78 -4.76
CA LYS E 130 -40.25 37.94 -3.87
C LYS E 130 -40.37 36.52 -4.39
N ALA E 131 -40.50 36.35 -5.70
CA ALA E 131 -40.60 35.01 -6.26
C ALA E 131 -39.27 34.28 -6.20
N PHE E 132 -38.18 34.95 -6.57
CA PHE E 132 -36.88 34.27 -6.61
C PHE E 132 -36.40 33.90 -5.21
N GLU E 133 -36.63 34.77 -4.22
CA GLU E 133 -35.96 34.64 -2.94
C GLU E 133 -36.21 33.28 -2.30
N ARG E 134 -37.33 32.65 -2.65
CA ARG E 134 -37.51 31.24 -2.34
C ARG E 134 -37.14 30.41 -3.56
N TYR E 160 -38.02 -21.13 19.98
CA TYR E 160 -37.68 -19.75 19.68
C TYR E 160 -38.23 -18.83 20.76
N SER E 161 -37.38 -17.95 21.29
CA SER E 161 -37.70 -17.08 22.40
C SER E 161 -37.84 -15.63 21.96
N GLY E 162 -38.51 -15.42 20.81
CA GLY E 162 -38.57 -14.11 20.20
C GLY E 162 -39.31 -13.09 21.05
N PRO E 163 -39.27 -11.84 20.60
CA PRO E 163 -39.84 -10.75 21.38
C PRO E 163 -41.36 -10.82 21.45
N LYS E 164 -41.91 -10.14 22.45
CA LYS E 164 -43.36 -10.02 22.60
C LYS E 164 -43.71 -8.65 23.15
N LEU E 165 -44.58 -7.95 22.42
CA LEU E 165 -45.12 -6.69 22.90
C LEU E 165 -46.54 -6.90 23.42
N GLU E 166 -46.82 -6.38 24.62
CA GLU E 166 -48.12 -6.52 25.24
C GLU E 166 -48.76 -5.14 25.42
N ASP E 167 -49.74 -4.84 24.57
CA ASP E 167 -50.51 -3.60 24.63
C ASP E 167 -49.63 -2.36 24.64
N GLY E 168 -48.42 -2.48 24.07
CA GLY E 168 -47.48 -1.38 24.11
C GLY E 168 -47.06 -0.96 25.51
N LYS E 169 -47.28 -1.81 26.51
CA LYS E 169 -46.99 -1.50 27.89
C LYS E 169 -45.98 -2.49 28.44
N VAL E 170 -44.90 -1.97 29.02
CA VAL E 170 -43.85 -2.80 29.59
C VAL E 170 -44.26 -3.13 31.02
N THR E 171 -44.44 -4.43 31.30
CA THR E 171 -45.01 -4.89 32.55
C THR E 171 -43.93 -5.47 33.46
N ILE E 172 -44.27 -5.56 34.75
CA ILE E 172 -43.28 -5.93 35.77
C ILE E 172 -42.68 -7.29 35.46
N SER E 173 -43.53 -8.29 35.19
CA SER E 173 -43.03 -9.62 34.88
C SER E 173 -42.11 -9.59 33.67
N PHE E 174 -42.40 -8.73 32.68
CA PHE E 174 -41.61 -8.76 31.46
C PHE E 174 -40.21 -8.22 31.68
N MET E 175 -40.06 -7.12 32.43
CA MET E 175 -38.66 -6.72 32.60
C MET E 175 -37.96 -7.51 33.70
N LYS E 176 -38.68 -8.21 34.59
CA LYS E 176 -38.00 -9.19 35.42
C LYS E 176 -37.43 -10.32 34.56
N GLU E 177 -38.23 -10.80 33.60
CA GLU E 177 -37.74 -11.72 32.59
C GLU E 177 -36.57 -11.14 31.80
N LEU E 178 -36.61 -9.84 31.52
CA LEU E 178 -35.50 -9.19 30.84
C LEU E 178 -34.25 -9.16 31.71
N MET E 179 -34.41 -8.94 33.02
CA MET E 179 -33.28 -8.96 33.93
C MET E 179 -32.63 -10.34 33.97
N GLN E 180 -33.44 -11.39 34.03
CA GLN E 180 -32.85 -12.74 34.02
C GLN E 180 -32.20 -13.04 32.66
N TRP E 181 -32.79 -12.53 31.58
CA TRP E 181 -32.17 -12.68 30.26
C TRP E 181 -30.81 -11.99 30.21
N TYR E 182 -30.71 -10.79 30.77
CA TYR E 182 -29.43 -10.08 30.77
C TYR E 182 -28.43 -10.72 31.73
N LYS E 183 -28.91 -11.36 32.80
CA LYS E 183 -28.03 -12.22 33.59
C LYS E 183 -27.55 -13.41 32.77
N ASP E 184 -28.34 -13.86 31.80
CA ASP E 184 -27.82 -14.82 30.84
C ASP E 184 -26.91 -14.14 29.81
N GLN E 185 -26.91 -12.81 29.75
CA GLN E 185 -25.97 -12.03 28.95
C GLN E 185 -26.11 -12.37 27.45
N LYS E 186 -27.31 -12.14 26.92
CA LYS E 186 -27.55 -12.25 25.49
C LYS E 186 -28.00 -10.92 24.92
N LYS E 187 -28.20 -10.92 23.60
CA LYS E 187 -28.51 -9.71 22.86
C LYS E 187 -29.98 -9.70 22.45
N LEU E 188 -30.66 -8.59 22.72
CA LEU E 188 -32.07 -8.47 22.36
C LEU E 188 -32.21 -8.16 20.86
N HIS E 189 -33.33 -8.59 20.29
CA HIS E 189 -33.53 -8.46 18.85
C HIS E 189 -33.84 -7.01 18.49
N ARG E 190 -33.46 -6.63 17.27
CA ARG E 190 -33.35 -5.22 16.92
C ARG E 190 -34.70 -4.52 16.83
N LYS E 191 -35.79 -5.26 16.56
CA LYS E 191 -37.09 -4.60 16.49
C LYS E 191 -37.50 -4.03 17.83
N CYS E 192 -37.21 -4.75 18.93
CA CYS E 192 -37.46 -4.18 20.25
C CYS E 192 -36.77 -2.84 20.40
N ALA E 193 -35.51 -2.75 19.93
CA ALA E 193 -34.82 -1.48 19.92
C ALA E 193 -35.60 -0.46 19.10
N TYR E 194 -36.16 -0.88 17.96
CA TYR E 194 -36.88 0.07 17.11
C TYR E 194 -38.08 0.66 17.84
N GLN E 195 -38.95 -0.18 18.41
CA GLN E 195 -40.12 0.39 19.08
C GLN E 195 -39.74 1.15 20.34
N ILE E 196 -38.79 0.66 21.13
CA ILE E 196 -38.46 1.39 22.36
C ILE E 196 -37.86 2.74 22.01
N LEU E 197 -37.02 2.81 20.98
CA LEU E 197 -36.41 4.07 20.60
C LEU E 197 -37.45 5.04 20.07
N VAL E 198 -38.36 4.58 19.21
CA VAL E 198 -39.37 5.51 18.72
C VAL E 198 -40.27 5.99 19.86
N GLN E 199 -40.67 5.08 20.75
CA GLN E 199 -41.56 5.48 21.84
C GLN E 199 -40.90 6.51 22.74
N VAL E 200 -39.64 6.29 23.12
CA VAL E 200 -38.97 7.30 23.94
C VAL E 200 -38.79 8.58 23.13
N LYS E 201 -38.63 8.46 21.81
CA LYS E 201 -38.53 9.65 20.97
C LYS E 201 -39.77 10.54 21.09
N GLU E 202 -40.98 9.99 20.90
CA GLU E 202 -42.15 10.86 21.04
C GLU E 202 -42.36 11.30 22.48
N VAL E 203 -42.12 10.42 23.46
CA VAL E 203 -42.44 10.80 24.84
C VAL E 203 -41.49 11.89 25.35
N LEU E 204 -40.24 11.90 24.86
CA LEU E 204 -39.28 12.89 25.33
C LEU E 204 -39.32 14.17 24.48
N SER E 205 -39.58 14.03 23.19
CA SER E 205 -39.57 15.21 22.31
C SER E 205 -40.62 16.23 22.73
N LYS E 206 -41.70 15.78 23.35
CA LYS E 206 -42.72 16.69 23.88
C LYS E 206 -42.30 17.30 25.21
N LEU E 207 -41.20 16.86 25.81
CA LEU E 207 -40.76 17.35 27.10
C LEU E 207 -39.72 18.45 26.91
N SER E 208 -39.91 19.56 27.62
CA SER E 208 -39.03 20.71 27.52
C SER E 208 -37.87 20.59 28.50
N THR E 209 -36.98 21.59 28.45
CA THR E 209 -35.86 21.62 29.38
C THR E 209 -36.34 21.74 30.81
N LEU E 210 -37.33 22.59 31.06
CA LEU E 210 -37.90 22.79 32.38
C LEU E 210 -39.38 22.40 32.34
N VAL E 211 -39.76 21.40 33.12
CA VAL E 211 -41.14 20.96 33.24
C VAL E 211 -41.54 21.07 34.70
N GLU E 212 -42.66 21.74 34.96
CA GLU E 212 -43.10 22.01 36.32
C GLU E 212 -43.74 20.77 36.91
N THR E 213 -43.04 20.12 37.84
CA THR E 213 -43.55 18.96 38.54
C THR E 213 -43.57 19.26 40.03
N THR E 214 -44.72 19.05 40.66
CA THR E 214 -44.90 19.32 42.08
C THR E 214 -44.97 18.00 42.84
N LEU E 215 -44.16 17.89 43.89
CA LEU E 215 -44.11 16.71 44.74
C LEU E 215 -44.51 17.12 46.16
N LYS E 216 -45.48 16.40 46.73
CA LYS E 216 -45.99 16.75 48.04
C LYS E 216 -45.08 16.20 49.14
N GLU E 217 -45.31 16.69 50.36
CA GLU E 217 -44.54 16.25 51.51
C GLU E 217 -44.76 14.77 51.82
N THR E 218 -45.85 14.20 51.33
CA THR E 218 -46.14 12.78 51.52
C THR E 218 -45.40 11.89 50.54
N GLU E 219 -44.81 12.46 49.48
CA GLU E 219 -44.05 11.71 48.51
C GLU E 219 -42.56 11.81 48.82
N LYS E 220 -41.84 10.71 48.63
CA LYS E 220 -40.40 10.68 48.85
C LYS E 220 -39.71 10.46 47.51
N ILE E 221 -38.58 11.13 47.33
CA ILE E 221 -37.83 11.10 46.07
C ILE E 221 -36.42 10.61 46.36
N THR E 222 -35.92 9.74 45.49
CA THR E 222 -34.56 9.21 45.60
C THR E 222 -33.68 9.86 44.54
N VAL E 223 -32.53 10.37 44.97
CA VAL E 223 -31.55 10.99 44.09
C VAL E 223 -30.21 10.30 44.31
N CYS E 224 -29.42 10.19 43.25
CA CYS E 224 -28.14 9.50 43.30
C CYS E 224 -27.06 10.37 42.69
N GLY E 225 -25.82 10.10 43.06
CA GLY E 225 -24.67 10.80 42.54
C GLY E 225 -24.15 10.19 41.26
N ASP E 226 -22.87 10.43 40.98
CA ASP E 226 -22.26 9.91 39.77
C ASP E 226 -22.09 8.40 39.89
N THR E 227 -22.71 7.66 38.97
CA THR E 227 -22.68 6.21 38.99
C THR E 227 -21.90 5.60 37.82
N HIS E 228 -21.90 6.26 36.67
CA HIS E 228 -21.10 5.84 35.51
C HIS E 228 -21.45 4.42 35.06
N GLY E 229 -22.75 4.09 35.10
CA GLY E 229 -23.22 2.84 34.55
C GLY E 229 -22.95 1.61 35.39
N GLN E 230 -23.02 1.72 36.72
CA GLN E 230 -22.86 0.56 37.60
C GLN E 230 -24.14 -0.26 37.59
N PHE E 231 -24.28 -1.07 36.53
CA PHE E 231 -25.50 -1.85 36.32
C PHE E 231 -25.69 -2.89 37.41
N TYR E 232 -24.60 -3.55 37.84
CA TYR E 232 -24.70 -4.53 38.91
C TYR E 232 -25.17 -3.89 40.20
N ASP E 233 -24.68 -2.68 40.50
CA ASP E 233 -25.13 -1.99 41.70
C ASP E 233 -26.60 -1.59 41.59
N LEU E 234 -27.05 -1.22 40.40
CA LEU E 234 -28.47 -0.92 40.21
C LEU E 234 -29.33 -2.16 40.45
N LEU E 235 -28.87 -3.32 39.96
CA LEU E 235 -29.59 -4.56 40.24
C LEU E 235 -29.61 -4.84 41.74
N ASN E 236 -28.48 -4.59 42.42
CA ASN E 236 -28.44 -4.79 43.87
C ASN E 236 -29.40 -3.84 44.58
N ILE E 237 -29.55 -2.62 44.06
CA ILE E 237 -30.52 -1.69 44.63
C ILE E 237 -31.93 -2.24 44.47
N PHE E 238 -32.26 -2.71 43.27
CA PHE E 238 -33.58 -3.32 43.06
C PHE E 238 -33.79 -4.52 43.97
N GLU E 239 -32.71 -5.26 44.24
CA GLU E 239 -32.81 -6.48 45.04
C GLU E 239 -33.02 -6.15 46.53
N LEU E 240 -32.28 -5.17 47.05
CA LEU E 240 -32.26 -4.96 48.49
C LEU E 240 -33.20 -3.84 48.91
N ASN E 241 -33.16 -2.69 48.23
CA ASN E 241 -33.94 -1.54 48.61
C ASN E 241 -35.43 -1.71 48.33
N GLY E 242 -35.82 -2.78 47.66
CA GLY E 242 -37.21 -3.05 47.37
C GLY E 242 -37.58 -2.69 45.94
N LEU E 243 -38.74 -3.18 45.52
CA LEU E 243 -39.24 -2.89 44.18
C LEU E 243 -39.54 -1.39 44.05
N PRO E 244 -39.16 -0.78 42.93
CA PRO E 244 -39.43 0.64 42.73
C PRO E 244 -40.93 0.91 42.70
N SER E 245 -41.30 2.12 43.14
CA SER E 245 -42.70 2.48 43.30
C SER E 245 -42.94 3.84 42.68
N GLU E 246 -44.22 4.11 42.39
CA GLU E 246 -44.62 5.43 41.93
C GLU E 246 -44.28 6.51 42.95
N THR E 247 -44.32 6.17 44.23
CA THR E 247 -43.97 7.10 45.30
C THR E 247 -42.48 7.10 45.62
N ASN E 248 -41.66 6.40 44.83
CA ASN E 248 -40.21 6.40 45.00
C ASN E 248 -39.54 6.68 43.66
N PRO E 249 -39.64 7.89 43.14
CA PRO E 249 -38.91 8.22 41.91
C PRO E 249 -37.41 8.22 42.13
N TYR E 250 -36.68 7.81 41.09
CA TYR E 250 -35.23 7.77 41.11
C TYR E 250 -34.69 8.79 40.12
N ILE E 251 -33.70 9.56 40.54
CA ILE E 251 -33.05 10.55 39.69
C ILE E 251 -31.54 10.40 39.86
N PHE E 252 -30.82 10.46 38.73
CA PHE E 252 -29.37 10.31 38.71
C PHE E 252 -28.75 11.59 38.20
N ASN E 253 -27.62 12.00 38.81
CA ASN E 253 -27.02 13.30 38.55
C ASN E 253 -25.96 13.20 37.44
N GLY E 254 -26.43 12.79 36.26
CA GLY E 254 -25.58 12.80 35.09
C GLY E 254 -24.42 11.84 35.16
N ASP E 255 -23.50 12.02 34.21
CA ASP E 255 -22.24 11.28 34.16
C ASP E 255 -22.46 9.77 34.06
N PHE E 256 -23.55 9.37 33.40
CA PHE E 256 -23.87 7.95 33.29
C PHE E 256 -22.89 7.19 32.41
N VAL E 257 -22.26 7.83 31.43
CA VAL E 257 -21.46 7.12 30.44
C VAL E 257 -20.01 7.57 30.53
N ASP E 258 -19.19 7.02 29.62
CA ASP E 258 -17.74 7.21 29.56
C ASP E 258 -17.08 6.46 30.71
N ARG E 259 -15.99 5.75 30.40
CA ARG E 259 -15.36 4.77 31.28
C ARG E 259 -16.31 3.66 31.69
N GLY E 260 -17.44 3.52 31.03
CA GLY E 260 -18.39 2.46 31.31
C GLY E 260 -18.54 1.55 30.11
N SER E 261 -18.27 0.26 30.31
CA SER E 261 -18.20 -0.69 29.22
C SER E 261 -19.56 -1.23 28.78
N PHE E 262 -20.57 -1.19 29.65
CA PHE E 262 -21.92 -1.64 29.29
C PHE E 262 -22.96 -0.65 29.81
N SER E 263 -22.65 0.64 29.73
CA SER E 263 -23.64 1.65 30.08
C SER E 263 -24.77 1.75 29.06
N VAL E 264 -24.60 1.14 27.89
CA VAL E 264 -25.68 1.14 26.89
C VAL E 264 -26.85 0.30 27.38
N GLU E 265 -26.57 -0.87 27.96
CA GLU E 265 -27.64 -1.65 28.57
C GLU E 265 -28.32 -0.87 29.70
N VAL E 266 -27.52 -0.16 30.49
CA VAL E 266 -28.06 0.68 31.56
C VAL E 266 -29.03 1.72 30.98
N ILE E 267 -28.60 2.43 29.93
CA ILE E 267 -29.43 3.50 29.40
C ILE E 267 -30.69 2.94 28.74
N LEU E 268 -30.57 1.78 28.08
CA LEU E 268 -31.76 1.23 27.42
C LEU E 268 -32.76 0.71 28.44
N THR E 269 -32.29 0.13 29.55
CA THR E 269 -33.24 -0.27 30.58
C THR E 269 -33.81 0.95 31.31
N LEU E 270 -33.06 2.06 31.32
CA LEU E 270 -33.63 3.31 31.83
C LEU E 270 -34.74 3.82 30.91
N PHE E 271 -34.56 3.73 29.59
CA PHE E 271 -35.67 4.05 28.69
C PHE E 271 -36.84 3.09 28.88
N GLY E 272 -36.56 1.81 29.15
CA GLY E 272 -37.63 0.88 29.46
C GLY E 272 -38.41 1.29 30.69
N PHE E 273 -37.71 1.72 31.73
CA PHE E 273 -38.37 2.18 32.95
C PHE E 273 -39.13 3.48 32.70
N LYS E 274 -38.59 4.35 31.84
CA LYS E 274 -39.33 5.53 31.40
C LYS E 274 -40.62 5.13 30.71
N LEU E 275 -40.60 4.04 29.93
CA LEU E 275 -41.83 3.50 29.38
C LEU E 275 -42.75 3.00 30.48
N LEU E 276 -42.18 2.39 31.52
CA LEU E 276 -42.95 2.01 32.70
C LEU E 276 -43.45 3.23 33.47
N TYR E 277 -42.59 4.23 33.68
CA TYR E 277 -42.94 5.44 34.43
C TYR E 277 -42.55 6.66 33.61
N PRO E 278 -43.42 7.12 32.71
CA PRO E 278 -43.07 8.28 31.88
C PRO E 278 -43.15 9.61 32.60
N ASP E 279 -43.84 9.68 33.75
CA ASP E 279 -43.94 10.90 34.53
C ASP E 279 -43.39 10.72 35.94
N HIS E 280 -42.56 9.70 36.16
CA HIS E 280 -42.02 9.46 37.50
C HIS E 280 -40.53 9.14 37.47
N PHE E 281 -39.88 9.19 36.30
CA PHE E 281 -38.43 9.05 36.20
C PHE E 281 -37.91 10.20 35.34
N HIS E 282 -37.10 11.07 35.93
CA HIS E 282 -36.59 12.24 35.24
C HIS E 282 -35.08 12.32 35.43
N LEU E 283 -34.41 12.80 34.38
CA LEU E 283 -32.97 12.97 34.40
C LEU E 283 -32.61 14.30 33.75
N LEU E 284 -31.42 14.78 34.03
CA LEU E 284 -30.89 16.01 33.46
C LEU E 284 -29.60 15.69 32.70
N ARG E 285 -29.38 16.42 31.61
CA ARG E 285 -28.23 16.14 30.76
C ARG E 285 -26.93 16.34 31.53
N GLY E 286 -26.07 15.32 31.49
CA GLY E 286 -24.75 15.41 32.07
C GLY E 286 -23.75 15.99 31.09
N ASN E 287 -22.55 16.24 31.60
CA ASN E 287 -21.49 16.85 30.79
C ASN E 287 -20.61 15.83 30.10
N HIS E 288 -20.74 14.55 30.40
CA HIS E 288 -20.00 13.49 29.71
C HIS E 288 -20.80 12.87 28.57
N GLU E 289 -22.08 13.20 28.44
CA GLU E 289 -22.93 12.63 27.40
C GLU E 289 -22.87 13.49 26.13
N THR E 290 -21.65 13.76 25.69
CA THR E 290 -21.40 14.64 24.56
C THR E 290 -20.60 13.92 23.49
N ASP E 291 -20.98 14.14 22.23
CA ASP E 291 -20.30 13.46 21.13
C ASP E 291 -18.87 13.94 20.95
N ASN E 292 -18.55 15.14 21.44
CA ASN E 292 -17.20 15.69 21.23
C ASN E 292 -16.14 14.77 21.82
N MET E 293 -16.29 14.37 23.08
CA MET E 293 -15.33 13.46 23.70
C MET E 293 -15.66 12.00 23.43
N ASN E 294 -16.93 11.69 23.15
CA ASN E 294 -17.31 10.29 22.93
C ASN E 294 -16.82 9.79 21.58
N GLN E 295 -16.80 10.65 20.57
CA GLN E 295 -16.37 10.23 19.23
C GLN E 295 -14.87 9.99 19.16
N ILE E 296 -14.07 10.84 19.78
CA ILE E 296 -12.62 10.80 19.64
C ILE E 296 -11.96 9.90 20.68
N TYR E 297 -12.43 9.96 21.93
CA TYR E 297 -11.73 9.34 23.05
C TYR E 297 -12.28 7.95 23.39
N GLY E 298 -12.79 7.22 22.41
CA GLY E 298 -13.02 5.79 22.52
C GLY E 298 -14.45 5.37 22.77
N PHE E 299 -15.34 6.27 23.20
CA PHE E 299 -16.72 5.86 23.43
C PHE E 299 -17.41 5.51 22.12
N GLU E 300 -17.10 6.24 21.05
CA GLU E 300 -17.62 5.88 19.74
C GLU E 300 -17.12 4.50 19.31
N GLY E 301 -15.85 4.20 19.61
CA GLY E 301 -15.35 2.86 19.35
C GLY E 301 -16.10 1.80 20.14
N GLU E 302 -16.45 2.11 21.39
CA GLU E 302 -17.26 1.19 22.18
C GLU E 302 -18.62 0.97 21.54
N VAL E 303 -19.26 2.04 21.07
CA VAL E 303 -20.56 1.91 20.43
C VAL E 303 -20.46 1.08 19.16
N LYS E 304 -19.44 1.34 18.35
CA LYS E 304 -19.26 0.56 17.11
C LYS E 304 -18.99 -0.90 17.41
N ALA E 305 -18.20 -1.19 18.45
CA ALA E 305 -17.99 -2.57 18.86
C ALA E 305 -19.30 -3.21 19.30
N LYS E 306 -20.16 -2.46 19.99
CA LYS E 306 -21.44 -2.99 20.42
C LYS E 306 -22.41 -3.15 19.25
N TYR E 307 -22.67 -2.07 18.51
CA TYR E 307 -23.76 -2.04 17.56
C TYR E 307 -23.34 -1.22 16.34
N THR E 308 -24.33 -0.88 15.51
CA THR E 308 -24.11 -0.21 14.24
C THR E 308 -24.34 1.30 14.36
N ALA E 309 -23.92 2.02 13.31
CA ALA E 309 -23.90 3.47 13.36
C ALA E 309 -25.30 4.08 13.34
N GLN E 310 -26.24 3.42 12.65
CA GLN E 310 -27.61 3.97 12.58
C GLN E 310 -28.25 4.03 13.96
N MET E 311 -28.10 2.98 14.76
CA MET E 311 -28.60 3.04 16.12
C MET E 311 -27.84 4.08 16.93
N TYR E 312 -26.56 4.28 16.64
CA TYR E 312 -25.79 5.33 17.34
C TYR E 312 -26.39 6.71 17.08
N GLU E 313 -26.68 7.04 15.81
CA GLU E 313 -27.29 8.33 15.52
C GLU E 313 -28.70 8.40 16.08
N LEU E 314 -29.40 7.26 16.19
CA LEU E 314 -30.69 7.26 16.85
C LEU E 314 -30.57 7.67 18.32
N PHE E 315 -29.63 7.07 19.05
CA PHE E 315 -29.41 7.48 20.43
C PHE E 315 -28.97 8.94 20.52
N SER E 316 -28.16 9.40 19.56
CA SER E 316 -27.74 10.80 19.58
C SER E 316 -28.93 11.74 19.41
N GLU E 317 -29.79 11.47 18.43
CA GLU E 317 -30.94 12.35 18.21
C GLU E 317 -31.93 12.26 19.36
N VAL E 318 -32.01 11.09 20.02
CA VAL E 318 -32.82 11.00 21.23
C VAL E 318 -32.22 11.88 22.33
N PHE E 319 -30.91 11.84 22.50
CA PHE E 319 -30.24 12.63 23.53
C PHE E 319 -30.31 14.13 23.25
N GLU E 320 -30.53 14.51 22.00
CA GLU E 320 -30.56 15.93 21.64
C GLU E 320 -31.68 16.70 22.37
N TRP E 321 -32.69 16.01 22.88
CA TRP E 321 -33.77 16.64 23.64
C TRP E 321 -33.58 16.58 25.15
N LEU E 322 -32.39 16.25 25.62
CA LEU E 322 -32.19 16.10 27.07
C LEU E 322 -32.36 17.45 27.77
N PRO E 323 -33.06 17.50 28.90
CA PRO E 323 -33.30 18.78 29.58
C PRO E 323 -32.07 19.24 30.35
N LEU E 324 -32.18 20.44 30.91
CA LEU E 324 -31.08 21.08 31.61
C LEU E 324 -31.37 21.34 33.09
N ALA E 325 -32.48 22.00 33.41
CA ALA E 325 -32.77 22.44 34.77
C ALA E 325 -34.16 21.99 35.17
N GLN E 326 -34.32 21.69 36.47
CA GLN E 326 -35.60 21.27 37.03
C GLN E 326 -35.90 22.04 38.31
N CYS E 327 -37.19 22.18 38.61
CA CYS E 327 -37.65 22.77 39.85
C CYS E 327 -38.52 21.76 40.59
N ILE E 328 -38.28 21.60 41.89
CA ILE E 328 -39.00 20.64 42.72
C ILE E 328 -39.41 21.33 44.02
N ASN E 329 -40.67 21.18 44.40
CA ASN E 329 -41.22 21.66 45.67
C ASN E 329 -41.19 23.18 45.80
N GLY E 330 -40.78 23.89 44.74
CA GLY E 330 -40.60 25.32 44.86
C GLY E 330 -39.54 25.71 45.87
N LYS E 331 -38.69 24.77 46.26
CA LYS E 331 -37.70 24.98 47.31
C LYS E 331 -36.37 24.40 46.86
N VAL E 332 -36.41 23.54 45.84
CA VAL E 332 -35.23 22.86 45.33
C VAL E 332 -35.10 23.15 43.84
N LEU E 333 -33.90 23.55 43.43
CA LEU E 333 -33.58 23.77 42.03
C LEU E 333 -32.44 22.84 41.65
N ILE E 334 -32.61 22.09 40.56
CA ILE E 334 -31.73 20.98 40.22
C ILE E 334 -31.07 21.26 38.87
N MET E 335 -29.74 21.18 38.85
CA MET E 335 -28.95 21.21 37.63
C MET E 335 -27.58 20.63 37.96
N HIS E 336 -26.89 20.14 36.93
CA HIS E 336 -25.57 19.55 37.16
C HIS E 336 -24.47 20.59 37.09
N GLY E 337 -24.37 21.30 35.97
CA GLY E 337 -23.28 22.24 35.77
C GLY E 337 -23.37 23.49 36.62
N GLY E 338 -24.33 24.36 36.33
CA GLY E 338 -24.45 25.61 37.06
C GLY E 338 -24.94 26.79 36.24
N LEU E 339 -24.23 27.92 36.35
CA LEU E 339 -24.68 29.18 35.79
C LEU E 339 -23.66 29.75 34.82
N PHE E 340 -24.04 30.84 34.17
CA PHE E 340 -23.10 31.65 33.39
C PHE E 340 -22.12 32.35 34.31
N SER E 341 -21.08 32.92 33.70
CA SER E 341 -20.09 33.68 34.44
C SER E 341 -20.53 35.11 34.75
N GLU E 342 -21.69 35.53 34.23
CA GLU E 342 -22.17 36.88 34.38
C GLU E 342 -23.57 36.86 34.98
N ASP E 343 -23.99 37.99 35.53
CA ASP E 343 -25.32 38.13 36.11
C ASP E 343 -26.37 38.29 35.03
N GLY E 344 -27.64 38.31 35.46
CA GLY E 344 -28.75 38.41 34.54
C GLY E 344 -29.28 37.09 34.04
N VAL E 345 -28.98 35.98 34.73
CA VAL E 345 -29.36 34.67 34.23
C VAL E 345 -30.79 34.36 34.63
N THR E 346 -31.65 34.14 33.64
CA THR E 346 -33.02 33.72 33.86
C THR E 346 -33.21 32.29 33.37
N LEU E 347 -34.37 31.72 33.69
CA LEU E 347 -34.75 30.45 33.10
C LEU E 347 -35.27 30.64 31.68
N ASP E 348 -35.74 31.85 31.35
CA ASP E 348 -36.39 32.08 30.07
C ASP E 348 -35.40 32.07 28.91
N ASP E 349 -34.22 32.68 29.10
CA ASP E 349 -33.25 32.75 28.01
C ASP E 349 -32.81 31.35 27.57
N ILE E 350 -32.56 30.46 28.53
CA ILE E 350 -32.30 29.06 28.21
C ILE E 350 -33.55 28.44 27.59
N ARG E 351 -34.73 28.75 28.15
CA ARG E 351 -35.96 28.19 27.63
C ARG E 351 -36.25 28.61 26.20
N LYS E 352 -35.91 29.84 25.82
CA LYS E 352 -36.13 30.29 24.45
C LYS E 352 -35.02 29.86 23.49
N ILE E 353 -34.01 29.17 23.97
CA ILE E 353 -32.98 28.62 23.09
C ILE E 353 -33.45 27.25 22.59
N GLU E 354 -33.51 27.11 21.27
CA GLU E 354 -33.93 25.86 20.65
C GLU E 354 -32.78 24.87 20.73
N ARG E 355 -32.99 23.74 21.44
CA ARG E 355 -31.91 22.84 21.76
C ARG E 355 -31.77 21.65 20.83
N ASN E 356 -32.77 21.38 19.97
CA ASN E 356 -32.63 20.31 18.98
C ASN E 356 -31.93 20.85 17.74
N ARG E 357 -30.63 21.07 17.89
CA ARG E 357 -29.79 21.55 16.80
C ARG E 357 -28.39 20.99 17.02
N GLN E 358 -27.42 21.49 16.26
CA GLN E 358 -26.05 21.03 16.41
C GLN E 358 -25.54 21.35 17.82
N PRO E 359 -25.01 20.37 18.55
CA PRO E 359 -24.46 20.64 19.88
C PRO E 359 -23.26 21.59 19.78
N PRO E 360 -23.13 22.51 20.73
CA PRO E 360 -22.00 23.45 20.70
C PRO E 360 -20.68 22.83 21.14
N ASP E 361 -19.57 23.39 20.64
CA ASP E 361 -18.26 22.94 21.09
C ASP E 361 -17.97 23.44 22.52
N SER E 362 -18.12 24.73 22.77
CA SER E 362 -17.76 25.34 24.03
C SER E 362 -18.53 26.64 24.21
N GLY E 363 -18.11 27.43 25.20
CA GLY E 363 -18.70 28.72 25.45
C GLY E 363 -19.58 28.76 26.68
N PRO E 364 -20.32 29.87 26.85
CA PRO E 364 -21.21 29.98 28.02
C PRO E 364 -22.26 28.89 28.08
N MET E 365 -22.78 28.47 26.93
CA MET E 365 -23.71 27.34 26.93
C MET E 365 -23.02 26.06 27.35
N CYS E 366 -21.72 25.92 27.06
CA CYS E 366 -20.93 24.85 27.67
C CYS E 366 -20.67 25.12 29.15
N ASP E 367 -20.52 26.38 29.54
CA ASP E 367 -20.39 26.73 30.95
C ASP E 367 -21.61 26.30 31.75
N LEU E 368 -22.78 26.25 31.12
CA LEU E 368 -23.99 25.85 31.83
C LEU E 368 -23.88 24.45 32.41
N LEU E 369 -23.18 23.54 31.72
CA LEU E 369 -23.07 22.16 32.18
C LEU E 369 -21.66 21.76 32.60
N TRP E 370 -20.66 22.62 32.40
CA TRP E 370 -19.30 22.32 32.86
C TRP E 370 -18.75 23.27 33.91
N SER E 371 -19.20 24.52 33.95
CA SER E 371 -18.69 25.45 34.95
C SER E 371 -19.27 25.12 36.31
N ASP E 372 -18.40 24.83 37.27
CA ASP E 372 -18.79 24.48 38.63
C ASP E 372 -18.10 25.42 39.61
N PRO E 373 -18.76 25.76 40.71
CA PRO E 373 -18.13 26.62 41.71
C PRO E 373 -16.99 25.90 42.43
N GLN E 374 -16.22 26.67 43.19
CA GLN E 374 -15.08 26.16 43.90
C GLN E 374 -15.22 26.46 45.39
N PRO E 375 -14.75 25.56 46.25
CA PRO E 375 -14.89 25.79 47.70
C PRO E 375 -14.24 27.08 48.17
N GLN E 376 -13.15 27.49 47.56
CA GLN E 376 -12.52 28.76 47.86
C GLN E 376 -13.29 29.90 47.19
N ASN E 377 -13.09 31.10 47.70
CA ASN E 377 -13.68 32.27 47.06
C ASN E 377 -12.85 32.66 45.84
N GLY E 378 -13.25 33.74 45.19
CA GLY E 378 -12.47 34.29 44.11
C GLY E 378 -12.72 33.59 42.77
N ARG E 379 -11.92 33.98 41.79
CA ARG E 379 -12.15 33.63 40.40
C ARG E 379 -10.91 32.90 39.87
N SER E 380 -11.05 31.59 39.62
CA SER E 380 -9.92 30.75 39.23
C SER E 380 -9.97 30.48 37.73
N ILE E 381 -8.87 30.77 37.04
CA ILE E 381 -8.81 30.63 35.59
C ILE E 381 -8.92 29.15 35.22
N SER E 382 -9.71 28.86 34.19
CA SER E 382 -9.85 27.50 33.69
C SER E 382 -8.55 27.05 33.04
N LYS E 383 -8.09 25.86 33.43
CA LYS E 383 -6.84 25.31 32.92
C LYS E 383 -6.90 25.00 31.42
N ARG E 384 -8.10 24.88 30.84
CA ARG E 384 -8.23 24.70 29.41
C ARG E 384 -7.86 25.95 28.62
N GLY E 385 -7.73 27.10 29.28
CA GLY E 385 -7.43 28.35 28.61
C GLY E 385 -8.63 29.11 28.11
N VAL E 386 -9.83 28.57 28.26
CA VAL E 386 -11.07 29.24 27.82
C VAL E 386 -11.99 29.42 29.02
N SER E 387 -12.43 30.66 29.24
CA SER E 387 -13.35 31.04 30.31
C SER E 387 -12.79 30.67 31.68
N CYS E 388 -13.60 30.73 32.73
CA CYS E 388 -13.17 30.30 34.06
C CYS E 388 -14.35 30.33 35.02
N GLN E 389 -14.15 29.70 36.18
CA GLN E 389 -15.23 29.43 37.13
C GLN E 389 -15.57 30.71 37.89
N PHE E 390 -16.82 31.15 37.79
CA PHE E 390 -17.21 32.48 38.25
C PHE E 390 -17.22 32.56 39.78
N GLY E 391 -17.19 33.80 40.28
CA GLY E 391 -16.89 34.05 41.68
C GLY E 391 -18.08 33.80 42.59
N PRO E 392 -17.80 33.84 43.89
CA PRO E 392 -18.85 33.54 44.89
C PRO E 392 -19.90 34.62 45.04
N ASP E 393 -19.65 35.85 44.61
CA ASP E 393 -20.69 36.88 44.69
C ASP E 393 -21.89 36.51 43.84
N VAL E 394 -21.65 36.03 42.62
CA VAL E 394 -22.74 35.59 41.76
C VAL E 394 -23.50 34.45 42.41
N THR E 395 -22.77 33.49 42.99
CA THR E 395 -23.40 32.33 43.60
C THR E 395 -24.27 32.72 44.78
N LYS E 396 -23.77 33.61 45.66
CA LYS E 396 -24.56 34.01 46.82
C LYS E 396 -25.76 34.85 46.40
N ALA E 397 -25.58 35.72 45.39
CA ALA E 397 -26.72 36.51 44.90
C ALA E 397 -27.80 35.61 44.34
N PHE E 398 -27.42 34.60 43.55
CA PHE E 398 -28.41 33.69 42.99
C PHE E 398 -29.02 32.81 44.06
N LEU E 399 -28.25 32.43 45.07
CA LEU E 399 -28.78 31.67 46.19
C LEU E 399 -29.86 32.46 46.93
N GLU E 400 -29.60 33.74 47.19
CA GLU E 400 -30.59 34.56 47.87
C GLU E 400 -31.81 34.82 46.98
N GLU E 401 -31.59 35.09 45.69
CA GLU E 401 -32.70 35.42 44.80
C GLU E 401 -33.60 34.22 44.55
N ASN E 402 -33.01 33.06 44.25
CA ASN E 402 -33.76 31.86 43.94
C ASN E 402 -34.08 31.01 45.17
N ASN E 403 -34.20 31.66 46.34
CA ASN E 403 -34.61 31.06 47.62
C ASN E 403 -34.19 29.60 47.77
N LEU E 404 -32.91 29.34 47.53
CA LEU E 404 -32.30 28.04 47.79
C LEU E 404 -31.50 28.09 49.09
N ASP E 405 -31.62 27.02 49.88
CA ASP E 405 -30.82 26.89 51.08
C ASP E 405 -29.43 26.36 50.75
N TYR E 406 -29.37 25.15 50.20
CA TYR E 406 -28.12 24.57 49.72
C TYR E 406 -28.49 23.44 48.77
N ILE E 407 -27.47 22.91 48.09
CA ILE E 407 -27.66 21.78 47.19
C ILE E 407 -26.56 20.76 47.43
N ILE E 408 -26.87 19.51 47.11
CA ILE E 408 -25.96 18.38 47.25
C ILE E 408 -25.75 17.79 45.87
N ARG E 409 -24.51 17.86 45.37
CA ARG E 409 -24.20 17.39 44.03
C ARG E 409 -22.85 16.67 44.00
N SER E 410 -22.33 16.44 42.80
CA SER E 410 -21.15 15.62 42.60
C SER E 410 -20.35 16.21 41.44
N HIS E 411 -19.46 15.39 40.87
CA HIS E 411 -18.49 15.74 39.82
C HIS E 411 -17.29 16.49 40.39
N GLU E 412 -17.11 16.50 41.71
CA GLU E 412 -15.92 17.01 42.34
C GLU E 412 -15.37 15.94 43.29
N VAL E 413 -14.06 15.74 43.27
CA VAL E 413 -13.43 14.63 43.97
C VAL E 413 -13.22 15.01 45.44
N LYS E 414 -13.71 14.17 46.34
CA LYS E 414 -13.51 14.30 47.77
C LYS E 414 -12.91 13.01 48.32
N ALA E 415 -11.94 13.14 49.21
CA ALA E 415 -11.31 11.96 49.80
C ALA E 415 -12.28 11.16 50.65
N GLU E 416 -13.11 11.85 51.43
CA GLU E 416 -14.01 11.21 52.38
C GLU E 416 -15.31 10.73 51.74
N GLY E 417 -15.52 10.99 50.44
CA GLY E 417 -16.76 10.69 49.79
C GLY E 417 -17.83 11.73 49.94
N TYR E 418 -17.65 12.70 50.83
CA TYR E 418 -18.58 13.82 50.98
C TYR E 418 -17.84 14.95 51.67
N GLU E 419 -18.39 16.15 51.52
CA GLU E 419 -17.78 17.36 52.04
C GLU E 419 -18.81 18.48 52.02
N VAL E 420 -18.68 19.40 52.98
CA VAL E 420 -19.48 20.61 53.04
C VAL E 420 -18.54 21.77 52.80
N ALA E 421 -18.62 22.36 51.62
CA ALA E 421 -17.64 23.35 51.16
C ALA E 421 -18.36 24.60 50.62
N HIS E 422 -17.58 25.45 49.94
CA HIS E 422 -18.05 26.73 49.43
C HIS E 422 -18.44 27.66 50.56
N GLY E 423 -17.56 27.74 51.56
CA GLY E 423 -17.92 28.41 52.80
C GLY E 423 -18.96 27.66 53.60
N GLY E 424 -19.13 26.36 53.32
CA GLY E 424 -20.13 25.55 53.97
C GLY E 424 -21.50 25.61 53.36
N ARG E 425 -21.68 26.29 52.22
CA ARG E 425 -23.00 26.47 51.64
C ARG E 425 -23.34 25.43 50.58
N CYS E 426 -22.45 24.49 50.27
CA CYS E 426 -22.75 23.44 49.30
C CYS E 426 -22.26 22.10 49.84
N VAL E 427 -22.90 21.01 49.42
CA VAL E 427 -22.50 19.68 49.83
C VAL E 427 -22.15 18.89 48.57
N THR E 428 -20.96 18.30 48.55
CA THR E 428 -20.52 17.43 47.47
C THR E 428 -20.44 16.00 48.01
N VAL E 429 -21.05 15.07 47.30
CA VAL E 429 -21.07 13.67 47.69
C VAL E 429 -20.43 12.85 46.56
N PHE E 430 -19.59 11.90 46.93
CA PHE E 430 -18.93 11.01 45.98
C PHE E 430 -19.55 9.62 46.12
N SER E 431 -20.44 9.28 45.19
CA SER E 431 -21.09 7.99 45.15
C SER E 431 -20.62 7.18 43.95
N ALA E 432 -19.34 7.30 43.63
CA ALA E 432 -18.72 6.57 42.52
C ALA E 432 -17.66 5.64 43.12
N PRO E 433 -18.06 4.47 43.62
CA PRO E 433 -17.10 3.60 44.31
C PRO E 433 -16.13 2.96 43.32
N ASN E 434 -14.83 3.14 43.61
CA ASN E 434 -13.76 2.52 42.84
C ASN E 434 -13.87 2.85 41.35
N TYR E 435 -14.13 4.12 41.05
CA TYR E 435 -14.14 4.57 39.66
C TYR E 435 -12.76 4.40 39.07
N CYS E 436 -12.69 3.71 37.93
CA CYS E 436 -11.44 3.28 37.31
C CYS E 436 -10.58 2.45 38.26
N ASP E 437 -11.20 1.79 39.24
CA ASP E 437 -10.50 1.00 40.24
C ASP E 437 -9.45 1.82 40.99
N GLN E 438 -9.84 3.03 41.42
CA GLN E 438 -8.91 3.95 42.05
C GLN E 438 -9.19 4.15 43.54
N MET E 439 -10.38 4.64 43.90
CA MET E 439 -10.59 5.11 45.27
C MET E 439 -11.33 4.09 46.14
N GLY E 440 -12.28 3.36 45.59
CA GLY E 440 -13.05 2.42 46.40
C GLY E 440 -13.80 3.08 47.54
N ASN E 441 -14.20 4.35 47.35
CA ASN E 441 -14.86 5.09 48.40
C ASN E 441 -16.29 4.60 48.61
N LYS E 442 -16.88 4.99 49.73
CA LYS E 442 -18.27 4.68 49.99
C LYS E 442 -19.17 5.46 49.03
N ALA E 443 -20.29 4.86 48.67
CA ALA E 443 -21.31 5.51 47.86
C ALA E 443 -22.54 5.74 48.70
N SER E 444 -23.41 6.65 48.25
CA SER E 444 -24.63 6.93 48.98
C SER E 444 -25.66 7.54 48.05
N TYR E 445 -26.93 7.32 48.39
CA TYR E 445 -28.05 7.96 47.72
C TYR E 445 -28.97 8.61 48.75
N ILE E 446 -29.66 9.66 48.32
CA ILE E 446 -30.34 10.58 49.22
C ILE E 446 -31.84 10.54 48.97
N HIS E 447 -32.59 10.34 50.04
CA HIS E 447 -34.05 10.38 50.00
C HIS E 447 -34.53 11.70 50.59
N LEU E 448 -35.42 12.38 49.87
CA LEU E 448 -36.02 13.63 50.33
C LEU E 448 -37.52 13.45 50.44
N GLN E 449 -38.08 13.83 51.59
CA GLN E 449 -39.52 13.78 51.81
C GLN E 449 -39.90 14.81 52.85
N GLY E 450 -41.20 15.13 52.89
CA GLY E 450 -41.67 16.14 53.82
C GLY E 450 -41.54 15.71 55.27
N SER E 451 -41.75 14.42 55.55
CA SER E 451 -41.70 13.93 56.92
C SER E 451 -40.30 14.00 57.52
N ASP E 452 -39.26 14.15 56.70
CA ASP E 452 -37.89 14.30 57.19
C ASP E 452 -37.27 15.48 56.45
N LEU E 453 -37.25 16.64 57.10
CA LEU E 453 -36.75 17.85 56.45
C LEU E 453 -35.27 17.75 56.09
N ARG E 454 -34.46 17.13 56.94
CA ARG E 454 -33.06 16.91 56.61
C ARG E 454 -32.97 15.80 55.57
N PRO E 455 -32.07 15.88 54.60
CA PRO E 455 -31.94 14.81 53.60
C PRO E 455 -31.54 13.49 54.26
N GLN E 456 -32.09 12.40 53.75
CA GLN E 456 -31.84 11.06 54.26
C GLN E 456 -30.73 10.42 53.44
N PHE E 457 -29.77 9.79 54.10
CA PHE E 457 -28.61 9.24 53.43
C PHE E 457 -28.55 7.73 53.63
N HIS E 458 -28.53 6.99 52.53
CA HIS E 458 -28.28 5.55 52.55
C HIS E 458 -26.92 5.31 51.92
N GLN E 459 -25.98 4.78 52.71
CA GLN E 459 -24.62 4.56 52.26
C GLN E 459 -24.39 3.08 51.96
N PHE E 460 -24.07 2.80 50.71
CA PHE E 460 -23.78 1.45 50.26
C PHE E 460 -22.35 1.40 49.72
N THR E 461 -21.83 0.18 49.58
CA THR E 461 -20.50 -0.05 49.06
C THR E 461 -20.57 -1.05 47.90
N ALA E 462 -19.60 -0.94 46.99
CA ALA E 462 -19.58 -1.78 45.81
C ALA E 462 -18.83 -3.08 46.08
N VAL E 463 -18.88 -3.98 45.10
CA VAL E 463 -18.20 -5.27 45.16
C VAL E 463 -17.39 -5.44 43.88
N PRO E 464 -16.33 -6.24 43.90
CA PRO E 464 -15.59 -6.49 42.66
C PRO E 464 -16.47 -7.16 41.61
N HIS E 465 -16.22 -6.84 40.36
CA HIS E 465 -17.03 -7.29 39.23
C HIS E 465 -16.16 -8.13 38.32
N PRO E 466 -16.73 -9.14 37.65
CA PRO E 466 -15.94 -9.96 36.73
C PRO E 466 -15.33 -9.10 35.63
N ASN E 467 -14.10 -9.46 35.25
CA ASN E 467 -13.32 -8.70 34.27
C ASN E 467 -13.90 -8.97 32.88
N VAL E 468 -15.08 -8.42 32.65
CA VAL E 468 -15.78 -8.61 31.38
C VAL E 468 -16.14 -7.26 30.77
PG ATP F . 24.10 -35.82 8.31
O1G ATP F . 25.13 -34.75 8.51
O2G ATP F . 23.05 -35.89 9.41
O3G ATP F . 23.40 -35.72 6.94
PB ATP F . 25.52 -38.25 7.31
O1B ATP F . 24.81 -38.36 6.00
O2B ATP F . 25.73 -39.56 8.05
O3B ATP F . 24.79 -37.25 8.29
PA ATP F . 28.03 -36.93 8.11
O1A ATP F . 27.40 -36.12 9.18
O2A ATP F . 29.03 -36.17 7.24
O3A ATP F . 26.94 -37.56 7.14
O5' ATP F . 28.74 -38.19 8.71
C5' ATP F . 28.30 -38.79 9.95
C4' ATP F . 29.46 -39.56 10.53
O4' ATP F . 29.93 -38.91 11.72
C3' ATP F . 29.15 -40.99 10.93
O3' ATP F . 30.29 -41.82 10.76
C2' ATP F . 28.76 -40.85 12.41
O2' ATP F . 29.02 -42.03 13.14
C1' ATP F . 29.69 -39.72 12.86
N9 ATP F . 29.13 -38.89 13.91
C8 ATP F . 28.52 -37.67 13.76
N7 ATP F . 28.11 -37.13 14.88
C5 ATP F . 28.47 -38.07 15.85
C6 ATP F . 28.30 -38.11 17.24
N6 ATP F . 27.72 -37.14 17.94
N1 ATP F . 28.77 -39.19 17.90
C2 ATP F . 29.35 -40.17 17.20
N3 ATP F . 29.56 -40.24 15.88
C4 ATP F . 29.09 -39.16 15.26
PG ATP G . 33.22 -28.04 -16.05
O1G ATP G . 32.55 -27.74 -14.76
O2G ATP G . 32.44 -29.01 -16.94
O3G ATP G . 33.57 -26.79 -16.87
PB ATP G . 35.81 -29.42 -16.64
O1B ATP G . 37.10 -29.33 -15.95
O2B ATP G . 35.78 -28.82 -18.05
O3B ATP G . 34.63 -28.76 -15.81
PA ATP G . 35.36 -32.08 -17.85
O1A ATP G . 34.11 -32.85 -17.89
O2A ATP G . 35.76 -31.43 -19.17
O3A ATP G . 35.30 -30.92 -16.77
O5' ATP G . 36.57 -32.95 -17.33
C5' ATP G . 36.80 -34.29 -17.83
C4' ATP G . 38.20 -34.33 -18.38
O4' ATP G . 38.25 -35.28 -19.47
C3' ATP G . 38.70 -33.01 -18.96
O3' ATP G . 39.40 -32.26 -17.97
C2' ATP G . 39.61 -33.46 -20.10
O2' ATP G . 40.91 -33.80 -19.62
C1' ATP G . 38.88 -34.71 -20.59
N9 ATP G . 37.88 -34.45 -21.61
C8 ATP G . 36.58 -34.04 -21.42
N7 ATP G . 35.88 -33.89 -22.52
C5 ATP G . 36.79 -34.25 -23.51
C6 ATP G . 36.67 -34.32 -24.92
N6 ATP G . 35.55 -34.01 -25.58
N1 ATP G . 37.76 -34.71 -25.62
C2 ATP G . 38.87 -35.01 -24.96
N3 ATP G . 39.10 -34.99 -23.64
C4 ATP G . 38.01 -34.60 -22.97
#